data_5AMQ
#
_entry.id   5AMQ
#
_cell.length_a   103.000
_cell.length_b   141.100
_cell.length_c   165.500
_cell.angle_alpha   90.00
_cell.angle_beta   90.00
_cell.angle_gamma   90.00
#
_symmetry.space_group_name_H-M   'P 21 21 21'
#
loop_
_entity.id
_entity.type
_entity.pdbx_description
1 polymer 'RNA POLYMERASE L'
2 polymer RNA
3 polymer RNA
4 polymer RNA
#
loop_
_entity_poly.entity_id
_entity_poly.type
_entity_poly.pdbx_seq_one_letter_code
_entity_poly.pdbx_strand_id
1 'polypeptide(L)'
;MDYQEYQQFLARINTARDACVAKDIDVDLLMARHDYFGRELCKSLNIEYRNDVPFIDIILDIRPEVDPLTIDAPHITPDN
YLYINNVLYIIDYKVSVSNESSVITYDKYYELTRDISDRLSIPIEIVIIRIDPVSRDLHINSDRFKELYPTIVVDINFNQ
FFDLKQLLYEKFGDDEEFLLKVAHGDFTLTAPWCKTGCPEFWKHPIYKEFKMSMPVPERRLFEESVKFNAYESERWNTNL
VKIREYTKKDYSEHISKSAKNIFLASGFYKQPNKNEISEGWTLMVERVQDQREISKSLHDQKPSIHFIWGAHNPGNSNNA
TFKLILLSKSLQSIKGISTYTEAFKSLGKMMDIGDKAIEYEEFCMSLKSKARSSWKQIMNKKLEPKQINNALVLWEQQFM
INNDLIDKSEKLKLFKNFCGIGKHKQFKNKMLEDLEVSKPKILDFDDANMYLASLTMMEQSKKILSKSNGLKPDNFILNE
FGSRIKDANKETYDNMHKIFETGYWQCISDFSTLMKNILSVSQYNRHNTFRIAMCANNNVFAIVFPSADIKTKKATVVYS
IIVLHKEEENIFNPGCLHGTFKCMNGYISISRAIRLDKERCQRIVSSPGLFLTTCLLFKHDNPTLVMSDIMNFSIYTSLS
ITKSVLSLTEPARYMIMNSLAISSNVKDYIAEKFSPYTKTLFSVYMTRLIKNACFDAYDQRQRVQLRDIYLSDYDITQKG
IKDNRELTSIWFPGSVTLKEYLTQIYLPFYFNAKGLHEKHHVMVDLAKTILEIECEQRENIKEIWSTNCTKQTVNLKILI
HSLCKNLLADTSRHNHLRNRIENRNNFRRSITTISTFTSSKSCLKIGDFRKEKELQSVKQKKILEVQSRKMRLANPMFVT
DEQVCLEVGHCNYEMLRNAMPNYTDYISTKVFDRLYELLDKKVLTDKPVIEQIMDMMIDHKKFYFTFFNKGQKTSKDREI
FVGEYEAKMCMYAVERIAKERCKLNPDEMISEPGDGKLKVLEQKSEQEIRFLVETTRQKNREIDEAIEALATEGYESNLG
KIEKLSLGKAKGLKMEINADMSKWSAQDVFYKYFWLIALDPILYPQEKERILYFMCNYMDKELILPDELLFNLLDQKVAY
QNDIIATMTNQLNSNTVLIKRNWLQGNFNYTSSYVHSCAMSVYKEILKEAITLLDGSILVNSLVHSDDNQTSITIVQDKM
ENDKIIDFAMKEFERACLTFGCQANMKKTYVTNCIKEFVSLFNLYGEPFSIYGRFLLTSVGDCAYIGPYEDLASRISSAQ
TAIKHGCPPSLAWVSIAISHWMTSLTYNMLPGQSNDPIDYFPAENRKDIPIELNGVLDAPLSMISTVGLESGNLYFLIKL
LSKYTPVMQKRESVVNQIAEVKNWKVEDLTDNEIFRLKILRYLVLDAEMDPSDIMGETSDMRGRSILTPRKFTTAGSLRK
LYSFSKYQDRLSSPGGMVELFTYLLEKPELLVTKGEDMKDYMESVIFRYNSKRFKESLSIQNPAQLFIEQILFSHKPVID
FSGIRDKYINLHDSRALEKEPDILGKVTFTEAYRLLMRDLSSLELTNDDIQVIYSYIILNDPMMITIANTHILSIYGSPQ
RRMGMSCSTMPEFRNLKLIHHSPALVLRAYSKNNPDIQGADPTEMARDLVHLKEFVENTNLEEKMKVRIAMNEAEKGQRD
IVFELKEMTRFYQVCYEYVKSTEHKIKVFILPAKSYTTTDFCSLMQGNLIKDKEWYTVHYLKQILSGGHKAIMQHNATSE
QNIAFECFKLITHFADSFIDSLSRSAFLQLIIDEFSYKDVKVSKLYDIIKNGYNRTDFIPLLFRTGDLRQADLDKYDAMK
SHERVTWNDWQTSRHLDMGSINLTITGYNRSITIIGEDNKLTYAELCLTRKTPENITISGRKLLGSRHGLKFENMSKIQT
YPGNYYITYRKKDRHQFVYQIHSHESITRRNEEHMAIRTRIYNEITPVCVVNVAEVDGDQRILIRSLDYLNNDIFSLSRI
KVGLDEFATIKKAHFSKMVSFEGPPIKTGLLDLTELMKSQDLLNLNYDNIRNSNLISFSKLICCEGSDNINDGLEFLSDD
PMNFTEGEAIHSTPIFNIYYSKRGERHMTYRNAIKLLIERETKIFEEAFTFSENGFISPENLGCLEAVVSLIKLLKTNEW
STVIDKCIHICLIKNGMDHMYHSFDVPKCFMGNPITRDINWVMFREFINSLPGTDIPPWNVMTENFKKKCIALINSKFET
QRDFSEFTKLMKKEGGRSNIEFD
;
A
2 'polyribonucleotide' UUGGUAGUACACUACU B
3 'polyribonucleotide' AGUAGUGUAC C
4 'polyribonucleotide' GCUACCAA c
#
loop_
_chem_comp.id
_chem_comp.type
_chem_comp.name
_chem_comp.formula
A RNA linking ADENOSINE-5'-MONOPHOSPHATE 'C10 H14 N5 O7 P'
C RNA linking CYTIDINE-5'-MONOPHOSPHATE 'C9 H14 N3 O8 P'
G RNA linking GUANOSINE-5'-MONOPHOSPHATE 'C10 H14 N5 O8 P'
U RNA linking URIDINE-5'-MONOPHOSPHATE 'C9 H13 N2 O9 P'
#
# COMPACT_ATOMS: atom_id res chain seq x y z
N MET A 1 -3.57 -40.25 -47.09
CA MET A 1 -4.51 -39.46 -47.94
C MET A 1 -4.13 -39.57 -49.40
N ASP A 2 -4.97 -38.99 -50.26
CA ASP A 2 -4.74 -38.94 -51.71
C ASP A 2 -3.46 -38.16 -52.02
N TYR A 3 -2.73 -38.58 -53.05
CA TYR A 3 -1.46 -37.95 -53.40
C TYR A 3 -1.64 -36.62 -54.12
N GLN A 4 -2.44 -36.61 -55.17
CA GLN A 4 -2.65 -35.39 -55.96
C GLN A 4 -3.35 -34.29 -55.12
N GLU A 5 -4.22 -34.71 -54.21
CA GLU A 5 -4.86 -33.79 -53.25
C GLU A 5 -3.82 -33.10 -52.36
N TYR A 6 -2.86 -33.89 -51.86
CA TYR A 6 -1.73 -33.37 -51.05
C TYR A 6 -0.89 -32.35 -51.83
N GLN A 7 -0.65 -32.60 -53.10
CA GLN A 7 0.11 -31.66 -53.94
C GLN A 7 -0.63 -30.32 -54.11
N GLN A 8 -1.97 -30.37 -54.21
CA GLN A 8 -2.80 -29.17 -54.31
C GLN A 8 -2.80 -28.34 -53.02
N PHE A 9 -3.00 -29.01 -51.88
CA PHE A 9 -2.86 -28.37 -50.56
C PHE A 9 -1.48 -27.72 -50.42
N LEU A 10 -0.43 -28.47 -50.76
CA LEU A 10 0.96 -27.96 -50.73
C LEU A 10 1.21 -26.76 -51.67
N ALA A 11 0.44 -26.65 -52.75
CA ALA A 11 0.48 -25.47 -53.63
C ALA A 11 -0.27 -24.29 -53.03
N ARG A 12 -1.50 -24.54 -52.55
CA ARG A 12 -2.33 -23.52 -51.87
C ARG A 12 -1.61 -22.82 -50.73
N ILE A 13 -0.81 -23.59 -50.00
CA ILE A 13 0.02 -23.10 -48.89
C ILE A 13 1.13 -22.16 -49.37
N ASN A 14 1.82 -22.51 -50.46
CA ASN A 14 2.90 -21.65 -50.99
C ASN A 14 2.40 -20.33 -51.58
N THR A 15 1.21 -20.35 -52.19
CA THR A 15 0.64 -19.19 -52.88
C THR A 15 -0.18 -18.26 -51.99
N ALA A 16 -0.59 -18.73 -50.81
CA ALA A 16 -1.40 -17.94 -49.90
C ALA A 16 -0.62 -16.76 -49.33
N ARG A 17 -1.25 -15.59 -49.36
CA ARG A 17 -0.70 -14.36 -48.75
C ARG A 17 -1.57 -13.79 -47.63
N ASP A 18 -2.89 -13.90 -47.75
CA ASP A 18 -3.80 -13.46 -46.68
C ASP A 18 -3.94 -14.51 -45.59
N ALA A 19 -4.34 -14.04 -44.42
CA ALA A 19 -4.78 -14.91 -43.33
C ALA A 19 -6.17 -15.47 -43.62
N CYS A 20 -7.02 -14.68 -44.27
CA CYS A 20 -8.35 -15.15 -44.70
C CYS A 20 -8.26 -16.33 -45.67
N VAL A 21 -7.20 -16.33 -46.49
CA VAL A 21 -6.92 -17.44 -47.42
C VAL A 21 -6.35 -18.63 -46.64
N ALA A 22 -5.44 -18.34 -45.70
CA ALA A 22 -4.84 -19.37 -44.84
C ALA A 22 -5.87 -20.08 -43.96
N LYS A 23 -6.85 -19.33 -43.44
CA LYS A 23 -7.93 -19.91 -42.63
C LYS A 23 -8.73 -20.92 -43.45
N ASP A 24 -9.04 -20.54 -44.68
CA ASP A 24 -9.77 -21.43 -45.61
C ASP A 24 -8.99 -22.72 -45.92
N ILE A 25 -7.66 -22.64 -45.97
CA ILE A 25 -6.82 -23.84 -46.09
C ILE A 25 -7.02 -24.74 -44.86
N ASP A 26 -6.86 -24.16 -43.68
CA ASP A 26 -7.03 -24.89 -42.41
C ASP A 26 -8.40 -25.60 -42.33
N VAL A 27 -9.47 -24.89 -42.69
CA VAL A 27 -10.83 -25.45 -42.70
C VAL A 27 -10.92 -26.70 -43.58
N ASP A 28 -10.30 -26.65 -44.75
CA ASP A 28 -10.36 -27.74 -45.73
C ASP A 28 -9.33 -28.83 -45.47
N LEU A 29 -8.19 -28.47 -44.88
CA LEU A 29 -7.25 -29.45 -44.34
C LEU A 29 -7.93 -30.32 -43.30
N LEU A 30 -8.73 -29.70 -42.43
CA LEU A 30 -9.45 -30.43 -41.39
C LEU A 30 -10.57 -31.30 -41.95
N MET A 31 -11.36 -30.76 -42.89
CA MET A 31 -12.45 -31.52 -43.52
C MET A 31 -11.90 -32.69 -44.34
N ALA A 32 -10.78 -32.49 -45.02
CA ALA A 32 -10.09 -33.55 -45.76
C ALA A 32 -9.67 -34.72 -44.87
N ARG A 33 -9.18 -34.39 -43.67
CA ARG A 33 -8.78 -35.39 -42.67
C ARG A 33 -9.97 -36.12 -42.08
N HIS A 34 -11.05 -35.40 -41.84
CA HIS A 34 -12.32 -36.00 -41.41
C HIS A 34 -12.83 -36.98 -42.47
N ASP A 35 -12.78 -36.57 -43.73
CA ASP A 35 -13.27 -37.40 -44.85
C ASP A 35 -12.38 -38.63 -45.02
N TYR A 36 -11.07 -38.42 -45.00
CA TYR A 36 -10.07 -39.50 -45.07
C TYR A 36 -10.28 -40.59 -44.03
N PHE A 37 -10.64 -40.18 -42.82
CA PHE A 37 -10.91 -41.13 -41.72
C PHE A 37 -12.14 -41.98 -42.01
N GLY A 38 -13.24 -41.33 -42.42
CA GLY A 38 -14.49 -42.02 -42.74
C GLY A 38 -14.38 -43.04 -43.87
N ARG A 39 -13.73 -42.65 -44.96
CA ARG A 39 -13.47 -43.56 -46.08
C ARG A 39 -12.70 -44.80 -45.64
N GLU A 40 -11.74 -44.62 -44.73
CA GLU A 40 -11.00 -45.74 -44.15
C GLU A 40 -11.76 -46.52 -43.08
N LEU A 41 -12.60 -45.81 -42.32
CA LEU A 41 -13.43 -46.44 -41.29
C LEU A 41 -14.46 -47.37 -41.90
N CYS A 42 -15.14 -46.88 -42.93
CA CYS A 42 -16.15 -47.65 -43.65
C CYS A 42 -15.60 -48.94 -44.26
N LYS A 43 -14.33 -48.92 -44.68
CA LYS A 43 -13.65 -50.12 -45.16
C LYS A 43 -13.46 -51.17 -44.07
N SER A 44 -13.10 -50.75 -42.87
CA SER A 44 -13.01 -51.66 -41.73
C SER A 44 -14.38 -52.19 -41.31
N LEU A 45 -15.38 -51.31 -41.28
CA LEU A 45 -16.76 -51.69 -40.94
C LEU A 45 -17.51 -52.43 -42.07
N ASN A 46 -16.97 -52.41 -43.29
CA ASN A 46 -17.59 -53.04 -44.47
C ASN A 46 -19.00 -52.51 -44.74
N ILE A 47 -19.11 -51.19 -44.74
CA ILE A 47 -20.36 -50.50 -45.06
C ILE A 47 -20.13 -49.47 -46.17
N GLU A 48 -21.24 -49.04 -46.76
CA GLU A 48 -21.22 -48.03 -47.82
C GLU A 48 -20.77 -46.69 -47.23
N TYR A 49 -19.69 -46.12 -47.77
CA TYR A 49 -19.28 -44.77 -47.38
C TYR A 49 -20.26 -43.77 -47.96
N ARG A 50 -21.13 -43.23 -47.11
CA ARG A 50 -22.08 -42.19 -47.50
C ARG A 50 -21.49 -40.86 -47.03
N ASN A 51 -21.62 -39.84 -47.87
CA ASN A 51 -20.93 -38.56 -47.63
C ASN A 51 -21.59 -37.77 -46.51
N ASP A 52 -22.86 -37.42 -46.71
CA ASP A 52 -23.64 -36.72 -45.70
C ASP A 52 -25.12 -36.83 -46.07
N VAL A 53 -25.82 -37.74 -45.40
CA VAL A 53 -27.19 -38.10 -45.76
C VAL A 53 -28.18 -37.34 -44.87
N PRO A 54 -29.17 -36.65 -45.47
CA PRO A 54 -30.27 -36.09 -44.67
C PRO A 54 -31.12 -37.17 -43.98
N PHE A 55 -31.72 -36.81 -42.84
CA PHE A 55 -32.43 -37.77 -42.00
C PHE A 55 -33.65 -38.36 -42.68
N ILE A 56 -34.30 -37.58 -43.53
CA ILE A 56 -35.47 -38.04 -44.27
C ILE A 56 -35.12 -39.20 -45.23
N ASP A 57 -33.95 -39.17 -45.85
CA ASP A 57 -33.48 -40.27 -46.73
C ASP A 57 -33.32 -41.59 -45.99
N ILE A 58 -32.88 -41.49 -44.74
CA ILE A 58 -32.68 -42.66 -43.88
C ILE A 58 -34.02 -43.37 -43.66
N ILE A 59 -35.03 -42.62 -43.25
CA ILE A 59 -36.39 -43.16 -43.04
C ILE A 59 -36.98 -43.76 -44.32
N LEU A 60 -36.77 -43.09 -45.45
CA LEU A 60 -37.29 -43.59 -46.74
C LEU A 60 -36.53 -44.83 -47.25
N ASP A 61 -35.27 -45.01 -46.84
CA ASP A 61 -34.53 -46.24 -47.15
C ASP A 61 -35.07 -47.45 -46.38
N ILE A 62 -35.24 -47.30 -45.07
CA ILE A 62 -35.60 -48.43 -44.19
C ILE A 62 -37.12 -48.67 -44.03
N ARG A 63 -37.93 -47.63 -44.19
CA ARG A 63 -39.40 -47.73 -44.08
C ARG A 63 -40.07 -46.96 -45.22
N PRO A 64 -40.10 -47.54 -46.44
CA PRO A 64 -40.81 -46.92 -47.57
C PRO A 64 -42.30 -46.66 -47.28
N GLU A 65 -42.92 -47.53 -46.50
CA GLU A 65 -44.35 -47.41 -46.18
C GLU A 65 -44.61 -46.41 -45.04
N VAL A 66 -44.11 -45.18 -45.20
CA VAL A 66 -44.30 -44.08 -44.24
C VAL A 66 -44.30 -42.76 -45.02
N ASP A 67 -45.16 -41.84 -44.59
CA ASP A 67 -45.40 -40.59 -45.32
C ASP A 67 -44.44 -39.48 -44.88
N PRO A 68 -43.75 -38.83 -45.85
CA PRO A 68 -43.00 -37.61 -45.54
C PRO A 68 -43.87 -36.45 -45.06
N LEU A 69 -45.09 -36.35 -45.58
CA LEU A 69 -45.99 -35.23 -45.27
C LEU A 69 -46.56 -35.25 -43.83
N THR A 70 -46.59 -36.43 -43.18
CA THR A 70 -47.12 -36.58 -41.82
C THR A 70 -46.03 -36.52 -40.74
N ILE A 71 -45.02 -37.39 -40.84
CA ILE A 71 -43.91 -37.44 -39.86
C ILE A 71 -42.97 -36.24 -40.02
N ASP A 72 -42.55 -35.65 -38.89
CA ASP A 72 -41.66 -34.49 -38.89
C ASP A 72 -40.24 -34.94 -38.55
N ALA A 73 -39.51 -35.31 -39.60
CA ALA A 73 -38.14 -35.81 -39.50
C ALA A 73 -37.19 -34.74 -38.97
N PRO A 74 -36.54 -34.99 -37.80
CA PRO A 74 -35.55 -34.05 -37.27
C PRO A 74 -34.57 -33.55 -38.33
N HIS A 75 -34.27 -32.25 -38.32
CA HIS A 75 -33.42 -31.63 -39.32
C HIS A 75 -31.94 -31.71 -38.93
N ILE A 76 -31.36 -32.89 -39.11
CA ILE A 76 -29.92 -33.13 -38.94
C ILE A 76 -29.39 -33.97 -40.09
N THR A 77 -28.08 -33.97 -40.27
CA THR A 77 -27.43 -34.68 -41.36
C THR A 77 -26.23 -35.49 -40.83
N PRO A 78 -26.49 -36.76 -40.41
CA PRO A 78 -25.41 -37.65 -39.94
C PRO A 78 -24.46 -38.08 -41.05
N ASP A 79 -23.20 -38.34 -40.69
CA ASP A 79 -22.17 -38.73 -41.66
C ASP A 79 -22.38 -40.13 -42.24
N ASN A 80 -23.02 -41.01 -41.46
CA ASN A 80 -23.45 -42.32 -41.95
C ASN A 80 -24.55 -42.90 -41.04
N TYR A 81 -25.14 -44.02 -41.44
CA TYR A 81 -26.09 -44.73 -40.59
C TYR A 81 -26.03 -46.23 -40.86
N LEU A 82 -26.78 -47.01 -40.09
CA LEU A 82 -26.78 -48.47 -40.25
C LEU A 82 -28.01 -49.09 -39.61
N TYR A 83 -28.86 -49.73 -40.41
CA TYR A 83 -30.09 -50.38 -39.94
C TYR A 83 -29.96 -51.90 -39.98
N ILE A 84 -29.83 -52.51 -38.79
CA ILE A 84 -29.86 -53.98 -38.64
C ILE A 84 -30.65 -54.38 -37.39
N ASN A 85 -31.48 -55.41 -37.54
CA ASN A 85 -32.21 -56.06 -36.45
C ASN A 85 -33.20 -55.14 -35.72
N ASN A 86 -33.97 -54.36 -36.49
CA ASN A 86 -34.95 -53.40 -35.97
C ASN A 86 -34.33 -52.36 -35.03
N VAL A 87 -33.11 -51.93 -35.38
CA VAL A 87 -32.36 -50.93 -34.62
C VAL A 87 -31.66 -50.01 -35.62
N LEU A 88 -31.80 -48.70 -35.41
CA LEU A 88 -31.18 -47.69 -36.28
C LEU A 88 -29.96 -47.07 -35.59
N TYR A 89 -28.77 -47.33 -36.14
CA TYR A 89 -27.52 -46.81 -35.60
C TYR A 89 -27.15 -45.59 -36.44
N ILE A 90 -27.29 -44.40 -35.85
CA ILE A 90 -26.88 -43.16 -36.50
C ILE A 90 -25.44 -42.90 -36.12
N ILE A 91 -24.59 -42.71 -37.12
CA ILE A 91 -23.14 -42.71 -36.94
C ILE A 91 -22.55 -41.36 -37.33
N ASP A 92 -21.61 -40.86 -36.51
CA ASP A 92 -20.85 -39.63 -36.81
C ASP A 92 -19.37 -39.85 -36.57
N TYR A 93 -18.53 -39.44 -37.51
CA TYR A 93 -17.08 -39.55 -37.39
C TYR A 93 -16.53 -38.30 -36.69
N LYS A 94 -15.40 -38.45 -35.99
CA LYS A 94 -14.66 -37.32 -35.45
C LYS A 94 -13.17 -37.64 -35.49
N VAL A 95 -12.37 -36.58 -35.63
CA VAL A 95 -10.93 -36.66 -35.49
C VAL A 95 -10.50 -35.55 -34.54
N SER A 96 -10.62 -35.85 -33.24
CA SER A 96 -10.19 -34.96 -32.16
C SER A 96 -9.48 -35.76 -31.07
N VAL A 97 -8.57 -35.08 -30.36
CA VAL A 97 -7.95 -35.62 -29.14
C VAL A 97 -8.83 -35.41 -27.90
N SER A 98 -10.03 -34.85 -28.09
CA SER A 98 -11.00 -34.69 -27.02
C SER A 98 -12.38 -35.04 -27.54
N ASN A 99 -13.23 -35.57 -26.65
CA ASN A 99 -14.62 -35.89 -26.99
C ASN A 99 -15.64 -34.84 -26.49
N GLU A 100 -15.23 -33.57 -26.44
CA GLU A 100 -16.17 -32.47 -26.16
C GLU A 100 -17.07 -32.21 -27.37
N SER A 101 -16.49 -32.26 -28.57
CA SER A 101 -17.24 -32.24 -29.83
C SER A 101 -18.27 -33.38 -29.87
N SER A 102 -17.83 -34.55 -29.45
CA SER A 102 -18.65 -35.76 -29.46
C SER A 102 -19.89 -35.68 -28.54
N VAL A 103 -19.76 -35.08 -27.36
CA VAL A 103 -20.89 -35.00 -26.41
C VAL A 103 -21.93 -33.95 -26.82
N ILE A 104 -21.52 -32.87 -27.52
CA ILE A 104 -22.48 -31.89 -28.08
C ILE A 104 -23.29 -32.60 -29.18
N THR A 105 -22.57 -33.27 -30.07
CA THR A 105 -23.16 -34.05 -31.15
C THR A 105 -24.09 -35.12 -30.60
N TYR A 106 -23.66 -35.85 -29.57
CA TYR A 106 -24.50 -36.89 -28.98
C TYR A 106 -25.82 -36.32 -28.47
N ASP A 107 -25.73 -35.23 -27.71
CA ASP A 107 -26.89 -34.62 -27.05
C ASP A 107 -27.90 -34.04 -28.04
N LYS A 108 -27.41 -33.29 -29.02
CA LYS A 108 -28.25 -32.77 -30.11
C LYS A 108 -29.01 -33.92 -30.77
N TYR A 109 -28.26 -34.92 -31.22
CA TYR A 109 -28.83 -36.04 -31.98
C TYR A 109 -29.75 -36.93 -31.12
N TYR A 110 -29.41 -37.15 -29.86
CA TYR A 110 -30.24 -37.98 -28.97
C TYR A 110 -31.58 -37.31 -28.66
N GLU A 111 -31.52 -36.03 -28.32
CA GLU A 111 -32.71 -35.25 -27.89
C GLU A 111 -33.78 -35.16 -28.96
N LEU A 112 -33.36 -34.95 -30.20
CA LEU A 112 -34.29 -34.77 -31.32
C LEU A 112 -34.97 -36.08 -31.71
N THR A 113 -34.24 -37.17 -31.64
CA THR A 113 -34.72 -38.47 -32.09
C THR A 113 -35.78 -39.13 -31.18
N ARG A 114 -35.94 -38.68 -29.93
CA ARG A 114 -36.89 -39.30 -29.00
C ARG A 114 -38.35 -39.20 -29.45
N ASP A 115 -38.73 -38.07 -30.06
CA ASP A 115 -40.11 -37.83 -30.47
C ASP A 115 -40.47 -38.72 -31.67
N ILE A 116 -39.61 -38.71 -32.70
CA ILE A 116 -39.81 -39.57 -33.88
C ILE A 116 -39.73 -41.07 -33.61
N SER A 117 -38.98 -41.45 -32.57
CA SER A 117 -38.86 -42.85 -32.15
C SER A 117 -40.21 -43.45 -31.75
N ASP A 118 -40.93 -42.75 -30.87
CA ASP A 118 -42.25 -43.20 -30.37
C ASP A 118 -43.35 -43.27 -31.45
N ARG A 119 -43.17 -42.52 -32.53
CA ARG A 119 -44.13 -42.52 -33.63
C ARG A 119 -43.83 -43.60 -34.69
N LEU A 120 -42.69 -44.28 -34.60
CA LEU A 120 -42.36 -45.43 -35.47
C LEU A 120 -42.05 -46.75 -34.72
N SER A 121 -41.95 -46.70 -33.39
CA SER A 121 -41.46 -47.80 -32.56
C SER A 121 -40.07 -48.36 -32.94
N ILE A 122 -39.23 -47.51 -33.57
CA ILE A 122 -37.86 -47.86 -33.93
C ILE A 122 -36.95 -47.18 -32.91
N PRO A 123 -36.14 -47.95 -32.16
CA PRO A 123 -35.19 -47.32 -31.25
C PRO A 123 -33.98 -46.79 -32.03
N ILE A 124 -33.47 -45.64 -31.60
CA ILE A 124 -32.35 -44.98 -32.28
C ILE A 124 -31.14 -44.92 -31.33
N GLU A 125 -30.00 -45.42 -31.80
CA GLU A 125 -28.74 -45.38 -31.06
C GLU A 125 -27.83 -44.38 -31.76
N ILE A 126 -27.42 -43.37 -31.02
CA ILE A 126 -26.49 -42.36 -31.53
C ILE A 126 -25.07 -42.83 -31.22
N VAL A 127 -24.31 -43.06 -32.29
CA VAL A 127 -22.96 -43.61 -32.21
C VAL A 127 -21.95 -42.57 -32.73
N ILE A 128 -21.05 -42.13 -31.85
CA ILE A 128 -19.96 -41.24 -32.24
C ILE A 128 -18.70 -42.09 -32.26
N ILE A 129 -18.05 -42.17 -33.42
CA ILE A 129 -16.79 -42.92 -33.58
C ILE A 129 -15.63 -41.92 -33.74
N ARG A 130 -14.90 -41.71 -32.65
CA ARG A 130 -13.78 -40.78 -32.61
C ARG A 130 -12.48 -41.55 -32.75
N ILE A 131 -11.51 -40.93 -33.42
CA ILE A 131 -10.13 -41.40 -33.41
C ILE A 131 -9.26 -40.26 -32.92
N ASP A 132 -8.38 -40.54 -31.97
CA ASP A 132 -7.42 -39.56 -31.49
C ASP A 132 -6.30 -39.56 -32.52
N PRO A 133 -6.13 -38.46 -33.27
CA PRO A 133 -5.17 -38.47 -34.38
C PRO A 133 -3.69 -38.67 -34.01
N VAL A 134 -3.32 -38.40 -32.76
CA VAL A 134 -1.92 -38.56 -32.34
C VAL A 134 -1.64 -40.00 -31.94
N SER A 135 -2.43 -40.50 -30.99
CA SER A 135 -2.30 -41.89 -30.51
C SER A 135 -2.71 -42.88 -31.58
N ARG A 136 -3.87 -42.62 -32.20
CA ARG A 136 -4.55 -43.48 -33.18
C ARG A 136 -5.53 -44.49 -32.54
N ASP A 137 -5.81 -44.32 -31.24
CA ASP A 137 -6.81 -45.13 -30.54
C ASP A 137 -8.23 -44.68 -30.95
N LEU A 138 -9.13 -45.63 -31.16
CA LEU A 138 -10.55 -45.31 -31.38
C LEU A 138 -11.29 -45.19 -30.06
N HIS A 139 -12.39 -44.43 -30.09
CA HIS A 139 -13.25 -44.26 -28.93
C HIS A 139 -14.70 -44.27 -29.40
N ILE A 140 -15.48 -45.24 -28.94
CA ILE A 140 -16.87 -45.43 -29.39
C ILE A 140 -17.77 -45.46 -28.17
N ASN A 141 -18.76 -44.58 -28.14
CA ASN A 141 -19.65 -44.45 -26.98
C ASN A 141 -20.63 -45.62 -26.78
N SER A 142 -21.24 -46.12 -27.88
CA SER A 142 -22.34 -47.09 -27.80
C SER A 142 -21.85 -48.48 -27.38
N ASP A 143 -22.40 -49.00 -26.27
CA ASP A 143 -21.99 -50.30 -25.72
C ASP A 143 -22.37 -51.49 -26.61
N ARG A 144 -24.76 -50.64 -27.68
CA ARG A 144 -24.89 -51.81 -28.55
C ARG A 144 -23.86 -51.95 -29.69
N PHE A 145 -23.40 -50.83 -30.26
CA PHE A 145 -22.57 -50.86 -31.48
C PHE A 145 -21.29 -51.70 -31.39
N LYS A 146 -20.65 -51.71 -30.22
CA LYS A 146 -19.44 -52.53 -30.02
C LYS A 146 -19.71 -54.03 -29.89
N GLU A 147 -20.94 -54.39 -29.56
CA GLU A 147 -21.36 -55.80 -29.62
C GLU A 147 -21.54 -56.30 -31.05
N LEU A 148 -21.69 -55.39 -32.01
CA LEU A 148 -21.74 -55.73 -33.44
C LEU A 148 -20.34 -55.77 -34.05
N TYR A 149 -19.55 -54.74 -33.76
CA TYR A 149 -18.19 -54.64 -34.25
C TYR A 149 -17.21 -54.62 -33.06
N PRO A 150 -16.93 -55.81 -32.47
CA PRO A 150 -16.06 -55.88 -31.29
C PRO A 150 -14.57 -55.71 -31.59
N THR A 151 -14.16 -55.90 -32.85
CA THR A 151 -12.76 -55.77 -33.25
C THR A 151 -12.63 -54.88 -34.49
N ILE A 152 -12.54 -53.58 -34.29
CA ILE A 152 -12.39 -52.63 -35.39
C ILE A 152 -10.90 -52.31 -35.55
N VAL A 153 -10.40 -52.47 -36.78
CA VAL A 153 -8.98 -52.25 -37.09
C VAL A 153 -8.88 -51.27 -38.27
N VAL A 154 -8.90 -49.98 -37.97
CA VAL A 154 -8.60 -48.94 -38.95
C VAL A 154 -7.12 -48.65 -38.85
N ASP A 155 -6.33 -49.27 -39.72
CA ASP A 155 -4.90 -48.99 -39.81
C ASP A 155 -4.73 -47.78 -40.73
N ILE A 156 -4.24 -46.68 -40.17
CA ILE A 156 -4.30 -45.36 -40.79
C ILE A 156 -3.16 -44.49 -40.28
N ASN A 157 -2.75 -43.51 -41.09
CA ASN A 157 -1.70 -42.60 -40.71
C ASN A 157 -2.04 -41.17 -41.11
N PHE A 158 -1.90 -40.24 -40.16
CA PHE A 158 -2.23 -38.83 -40.40
C PHE A 158 -1.01 -37.93 -40.66
N ASN A 159 0.19 -38.49 -40.73
CA ASN A 159 1.42 -37.68 -40.79
C ASN A 159 1.44 -36.64 -41.88
N GLN A 160 0.87 -36.96 -43.03
CA GLN A 160 0.78 -36.00 -44.14
C GLN A 160 -0.13 -34.80 -43.84
N PHE A 161 -1.16 -34.98 -43.01
CA PHE A 161 -1.98 -33.85 -42.53
C PHE A 161 -1.28 -32.98 -41.47
N PHE A 162 -0.44 -33.58 -40.63
CA PHE A 162 0.38 -32.84 -39.65
C PHE A 162 1.50 -32.11 -40.35
N ASP A 163 2.16 -32.77 -41.31
CA ASP A 163 3.20 -32.13 -42.13
C ASP A 163 2.66 -30.86 -42.82
N LEU A 164 1.48 -30.96 -43.43
CA LEU A 164 0.85 -29.86 -44.16
C LEU A 164 0.42 -28.75 -43.22
N LYS A 165 -0.38 -29.13 -42.21
CA LYS A 165 -0.81 -28.19 -41.17
C LYS A 165 0.38 -27.48 -40.53
N GLN A 166 1.52 -28.18 -40.39
CA GLN A 166 2.73 -27.53 -39.89
C GLN A 166 3.13 -26.41 -40.83
N LEU A 167 3.35 -26.73 -42.10
CA LEU A 167 3.84 -25.75 -43.09
C LEU A 167 2.99 -24.48 -43.10
N LEU A 168 1.67 -24.66 -42.99
CA LEU A 168 0.72 -23.54 -42.95
C LEU A 168 1.00 -22.66 -41.74
N TYR A 169 1.17 -23.29 -40.58
CA TYR A 169 1.30 -22.57 -39.31
C TYR A 169 2.69 -21.91 -39.13
N GLU A 170 3.76 -22.56 -39.60
CA GLU A 170 5.10 -21.92 -39.63
C GLU A 170 5.12 -20.68 -40.51
N LYS A 171 4.39 -20.72 -41.61
CA LYS A 171 4.28 -19.60 -42.53
C LYS A 171 3.55 -18.39 -41.92
N PHE A 172 2.39 -18.62 -41.30
CA PHE A 172 1.59 -17.54 -40.69
C PHE A 172 1.75 -17.47 -39.16
N GLY A 173 2.94 -17.80 -38.67
CA GLY A 173 3.19 -17.81 -37.24
C GLY A 173 3.12 -16.47 -36.54
N ASP A 174 3.41 -15.40 -37.28
CA ASP A 174 3.36 -14.02 -36.77
C ASP A 174 2.12 -13.22 -37.19
N ASP A 175 1.35 -13.75 -38.13
CA ASP A 175 0.14 -13.07 -38.62
C ASP A 175 -0.94 -13.19 -37.55
N GLU A 176 -1.21 -12.10 -36.83
CA GLU A 176 -2.11 -12.14 -35.67
C GLU A 176 -3.59 -12.26 -36.03
N GLU A 177 -3.95 -11.89 -37.26
CA GLU A 177 -5.31 -12.14 -37.77
C GLU A 177 -5.53 -13.63 -38.07
N PHE A 178 -4.46 -14.35 -38.38
CA PHE A 178 -4.50 -15.82 -38.53
C PHE A 178 -4.73 -16.50 -37.18
N LEU A 179 -3.92 -16.10 -36.20
CA LEU A 179 -4.01 -16.64 -34.85
C LEU A 179 -5.38 -16.42 -34.27
N LEU A 180 -6.01 -15.28 -34.60
CA LEU A 180 -7.41 -15.04 -34.21
C LEU A 180 -8.39 -16.03 -34.83
N LYS A 181 -8.24 -16.26 -36.14
CA LYS A 181 -9.17 -17.11 -36.90
C LYS A 181 -9.00 -18.58 -36.54
N VAL A 182 -7.76 -19.05 -36.63
CA VAL A 182 -7.40 -20.41 -36.26
C VAL A 182 -7.79 -20.76 -34.82
N ALA A 183 -7.79 -19.78 -33.94
CA ALA A 183 -8.13 -19.99 -32.53
C ALA A 183 -9.45 -20.73 -32.33
N HIS A 184 -9.42 -21.73 -31.45
CA HIS A 184 -10.64 -22.37 -30.93
C HIS A 184 -11.46 -21.34 -30.13
N GLY A 185 -12.69 -21.73 -29.81
CA GLY A 185 -13.56 -20.93 -28.97
C GLY A 185 -12.92 -20.56 -27.63
N ASP A 186 -12.22 -21.52 -27.02
CA ASP A 186 -11.76 -21.39 -25.62
C ASP A 186 -10.33 -20.83 -25.39
N PHE A 187 -9.52 -20.67 -26.45
CA PHE A 187 -8.08 -20.32 -26.32
C PHE A 187 -7.59 -19.52 -27.53
N THR A 188 -6.83 -18.43 -27.29
CA THR A 188 -6.33 -17.54 -28.36
C THR A 188 -4.93 -17.03 -28.03
N LEU A 189 -4.05 -17.04 -29.02
CA LEU A 189 -2.67 -16.57 -28.86
C LEU A 189 -2.36 -15.31 -29.67
N THR A 190 -1.13 -14.84 -29.49
CA THR A 190 -0.57 -13.72 -30.22
C THR A 190 0.83 -14.14 -30.65
N ALA A 191 1.46 -13.33 -31.49
CA ALA A 191 2.76 -13.71 -32.07
C ALA A 191 3.84 -13.87 -31.01
N PRO A 192 4.82 -14.75 -31.27
CA PRO A 192 5.95 -14.89 -30.35
C PRO A 192 6.68 -13.58 -30.03
N TRP A 193 7.21 -13.47 -28.82
CA TRP A 193 8.01 -12.31 -28.41
C TRP A 193 9.46 -12.41 -28.88
N CYS A 194 9.83 -13.55 -29.46
CA CYS A 194 11.15 -13.70 -30.07
C CYS A 194 11.11 -14.86 -31.05
N LYS A 195 12.09 -14.90 -31.95
CA LYS A 195 12.16 -15.95 -32.96
C LYS A 195 12.98 -17.13 -32.44
N THR A 196 14.19 -16.87 -31.95
CA THR A 196 15.06 -17.93 -31.41
C THR A 196 14.79 -18.15 -29.93
N GLY A 197 15.17 -19.34 -29.46
CA GLY A 197 15.07 -19.69 -28.04
C GLY A 197 16.34 -19.31 -27.31
N CYS A 198 16.92 -20.28 -26.61
CA CYS A 198 18.15 -20.07 -25.84
C CYS A 198 18.80 -21.42 -25.51
N PRO A 199 19.73 -21.88 -26.36
CA PRO A 199 20.30 -23.21 -26.09
C PRO A 199 21.20 -23.28 -24.85
N GLU A 200 21.76 -22.15 -24.41
CA GLU A 200 22.71 -22.12 -23.27
C GLU A 200 22.04 -22.44 -21.94
N PHE A 201 20.71 -22.35 -21.91
CA PHE A 201 19.87 -22.87 -20.83
C PHE A 201 20.16 -24.34 -20.50
N TRP A 202 20.13 -25.19 -21.52
CA TRP A 202 20.21 -26.64 -21.32
C TRP A 202 21.58 -27.10 -20.82
N LYS A 203 22.60 -26.26 -21.00
CA LYS A 203 23.95 -26.48 -20.46
C LYS A 203 24.17 -25.87 -19.07
N HIS A 204 23.41 -24.82 -18.74
CA HIS A 204 23.48 -24.11 -17.44
C HIS A 204 23.48 -25.07 -16.23
N PRO A 205 24.48 -24.97 -15.33
CA PRO A 205 24.62 -25.87 -14.17
C PRO A 205 23.42 -26.00 -13.22
N ILE A 206 22.78 -24.88 -12.92
CA ILE A 206 21.53 -24.85 -12.15
C ILE A 206 20.37 -25.66 -12.78
N TYR A 207 20.26 -25.65 -14.11
CA TYR A 207 19.31 -26.54 -14.77
C TYR A 207 19.76 -27.99 -14.60
N LYS A 208 21.06 -28.24 -14.79
CA LYS A 208 21.61 -29.61 -14.64
C LYS A 208 21.47 -30.14 -13.20
N GLU A 209 21.59 -29.24 -12.23
CA GLU A 209 21.28 -29.50 -10.82
C GLU A 209 19.79 -29.82 -10.64
N PHE A 210 18.97 -28.96 -11.25
CA PHE A 210 17.51 -29.12 -11.29
C PHE A 210 17.17 -30.47 -11.91
N LYS A 211 17.63 -30.68 -13.14
CA LYS A 211 17.36 -31.92 -13.89
C LYS A 211 17.83 -33.17 -13.17
N MET A 212 19.11 -33.21 -12.83
CA MET A 212 19.71 -34.40 -12.23
C MET A 212 18.97 -34.81 -10.95
N SER A 213 18.48 -33.84 -10.19
CA SER A 213 17.74 -34.09 -8.94
C SER A 213 16.33 -34.69 -9.09
N MET A 214 15.71 -34.48 -10.26
CA MET A 214 14.38 -35.05 -10.55
C MET A 214 14.53 -36.53 -10.90
N PRO A 215 13.46 -37.35 -10.71
CA PRO A 215 13.50 -38.70 -11.26
C PRO A 215 13.34 -38.66 -12.78
N VAL A 216 13.74 -39.74 -13.46
CA VAL A 216 13.94 -39.72 -14.91
C VAL A 216 12.68 -39.40 -15.74
N PRO A 217 11.53 -40.01 -15.41
CA PRO A 217 10.34 -39.68 -16.20
C PRO A 217 9.96 -38.19 -16.13
N GLU A 218 10.05 -37.61 -14.94
CA GLU A 218 9.79 -36.18 -14.74
C GLU A 218 10.78 -35.31 -15.53
N ARG A 219 12.02 -35.76 -15.69
CA ARG A 219 13.01 -35.05 -16.50
C ARG A 219 12.55 -34.96 -17.95
N ARG A 220 12.15 -36.11 -18.51
CA ARG A 220 11.64 -36.17 -19.87
C ARG A 220 10.41 -35.26 -20.00
N LEU A 221 9.52 -35.33 -19.01
CA LEU A 221 8.30 -34.51 -19.00
C LEU A 221 8.55 -33.01 -18.88
N PHE A 222 9.67 -32.62 -18.25
CA PHE A 222 10.05 -31.20 -18.19
C PHE A 222 10.50 -30.71 -19.55
N GLU A 223 11.52 -31.36 -20.10
CA GLU A 223 12.07 -31.04 -21.44
C GLU A 223 10.97 -31.00 -22.50
N GLU A 224 10.04 -31.95 -22.39
CA GLU A 224 8.89 -32.04 -23.27
C GLU A 224 7.95 -30.86 -23.06
N SER A 225 7.70 -30.51 -21.80
CA SER A 225 6.85 -29.37 -21.43
C SER A 225 7.41 -28.01 -21.85
N VAL A 226 8.73 -27.85 -21.79
CA VAL A 226 9.38 -26.64 -22.30
C VAL A 226 9.09 -26.53 -23.79
N LYS A 227 9.38 -27.60 -24.52
CA LYS A 227 9.30 -27.65 -25.99
C LYS A 227 7.89 -27.59 -26.62
N PHE A 228 6.86 -27.80 -25.79
CA PHE A 228 5.46 -27.70 -26.24
C PHE A 228 5.13 -26.34 -26.88
N ASN A 229 4.18 -26.35 -27.80
CA ASN A 229 3.73 -25.14 -28.47
C ASN A 229 2.21 -25.25 -28.64
N ALA A 230 1.45 -24.54 -27.80
CA ALA A 230 -0.02 -24.65 -27.83
C ALA A 230 -0.65 -24.32 -29.19
N TYR A 231 -0.03 -23.39 -29.91
CA TYR A 231 -0.49 -23.01 -31.26
C TYR A 231 -0.27 -24.12 -32.29
N GLU A 232 0.88 -24.79 -32.24
CA GLU A 232 1.20 -25.87 -33.16
C GLU A 232 0.64 -27.24 -32.76
N SER A 233 0.14 -27.39 -31.54
CA SER A 233 -0.47 -28.65 -31.09
C SER A 233 -1.93 -28.75 -31.52
N GLU A 234 -2.47 -29.96 -31.37
CA GLU A 234 -3.88 -30.27 -31.67
C GLU A 234 -4.82 -29.49 -30.78
N ARG A 235 -4.53 -29.51 -29.48
CA ARG A 235 -5.25 -28.69 -28.50
C ARG A 235 -4.25 -28.06 -27.56
N TRP A 236 -4.64 -26.92 -26.99
CA TRP A 236 -3.77 -26.16 -26.08
C TRP A 236 -3.38 -26.92 -24.80
N ASN A 237 -4.28 -27.79 -24.35
CA ASN A 237 -4.13 -28.45 -23.05
C ASN A 237 -3.47 -29.84 -23.05
N THR A 238 -3.04 -30.35 -24.20
CA THR A 238 -2.54 -31.75 -24.27
C THR A 238 -1.36 -31.97 -23.34
N ASN A 239 -0.38 -31.08 -23.35
CA ASN A 239 0.79 -31.23 -22.47
C ASN A 239 0.41 -31.15 -21.00
N LEU A 240 -0.53 -30.27 -20.67
CA LEU A 240 -1.03 -30.17 -19.30
C LEU A 240 -1.80 -31.41 -18.86
N VAL A 241 -2.64 -31.94 -19.74
CA VAL A 241 -3.43 -33.14 -19.44
C VAL A 241 -2.52 -34.37 -19.35
N LYS A 242 -1.65 -34.54 -20.35
CA LYS A 242 -0.64 -35.60 -20.35
C LYS A 242 0.11 -35.66 -19.00
N ILE A 243 0.56 -34.50 -18.51
CA ILE A 243 1.31 -34.44 -17.26
C ILE A 243 0.40 -34.57 -16.02
N ARG A 244 -0.83 -34.08 -16.10
CA ARG A 244 -1.78 -34.31 -15.02
C ARG A 244 -2.02 -35.81 -14.82
N GLU A 245 -2.29 -36.53 -15.91
CA GLU A 245 -2.59 -37.96 -15.84
C GLU A 245 -1.40 -38.79 -15.34
N TYR A 246 -0.17 -38.44 -15.73
CA TYR A 246 1.02 -39.16 -15.25
C TYR A 246 1.18 -39.07 -13.73
N THR A 247 0.92 -37.91 -13.16
CA THR A 247 1.10 -37.69 -11.72
C THR A 247 -0.11 -38.10 -10.87
N LYS A 248 -1.25 -38.37 -11.51
CA LYS A 248 -2.51 -38.59 -10.80
C LYS A 248 -2.47 -39.69 -9.74
N LYS A 249 -1.79 -40.80 -10.02
CA LYS A 249 -1.76 -41.92 -9.06
C LYS A 249 -1.06 -41.50 -7.78
N ASP A 250 0.17 -41.00 -7.91
CA ASP A 250 0.94 -40.53 -6.75
C ASP A 250 0.23 -39.42 -5.96
N TYR A 251 -0.54 -38.59 -6.66
CA TYR A 251 -1.27 -37.48 -6.06
C TYR A 251 -2.45 -37.94 -5.21
N SER A 252 -3.38 -38.68 -5.81
CA SER A 252 -4.58 -39.14 -5.11
C SER A 252 -4.26 -40.13 -3.99
N GLU A 253 -3.11 -40.79 -4.06
CA GLU A 253 -2.59 -41.55 -2.91
C GLU A 253 -2.27 -40.59 -1.76
N HIS A 254 -1.49 -39.54 -2.04
CA HIS A 254 -1.14 -38.53 -1.03
C HIS A 254 -2.35 -37.83 -0.41
N ILE A 255 -3.39 -37.57 -1.21
CA ILE A 255 -4.64 -37.00 -0.68
C ILE A 255 -5.37 -37.99 0.23
N SER A 256 -5.51 -39.23 -0.24
CA SER A 256 -6.23 -40.28 0.50
C SER A 256 -5.50 -40.68 1.76
N LYS A 257 -4.19 -40.90 1.65
CA LYS A 257 -3.35 -41.16 2.82
C LYS A 257 -3.44 -40.01 3.84
N SER A 258 -3.42 -38.77 3.35
CA SER A 258 -3.51 -37.59 4.22
C SER A 258 -4.90 -37.40 4.86
N ALA A 259 -5.97 -37.75 4.12
CA ALA A 259 -7.33 -37.65 4.64
C ALA A 259 -7.60 -38.66 5.76
N LYS A 260 -7.01 -39.86 5.66
CA LYS A 260 -7.18 -40.90 6.67
C LYS A 260 -6.45 -40.63 8.00
N ASN A 261 -5.60 -39.59 8.02
CA ASN A 261 -5.07 -39.05 9.29
C ASN A 261 -6.15 -38.44 10.19
N ILE A 262 -7.37 -38.29 9.68
CA ILE A 262 -8.49 -37.85 10.50
C ILE A 262 -8.78 -38.86 11.62
N PHE A 263 -8.62 -40.15 11.34
CA PHE A 263 -8.87 -41.18 12.35
C PHE A 263 -7.71 -41.39 13.34
N LEU A 264 -6.50 -40.96 12.99
CA LEU A 264 -5.37 -40.99 13.92
C LEU A 264 -5.33 -39.81 14.90
N ALA A 265 -6.16 -38.80 14.69
CA ALA A 265 -6.01 -37.52 15.41
C ALA A 265 -6.47 -37.60 16.87
N SER A 266 -5.60 -37.21 17.79
CA SER A 266 -5.87 -37.35 19.23
C SER A 266 -6.88 -36.36 19.79
N GLY A 267 -6.82 -35.13 19.29
CA GLY A 267 -7.63 -34.01 19.81
C GLY A 267 -6.91 -33.10 20.79
N PHE A 268 -5.63 -33.37 21.07
CA PHE A 268 -4.79 -32.51 21.91
C PHE A 268 -3.97 -31.58 21.01
N TYR A 269 -4.69 -30.68 20.34
CA TYR A 269 -4.09 -29.63 19.53
C TYR A 269 -3.59 -28.54 20.45
N LYS A 270 -2.63 -27.73 19.99
CA LYS A 270 -2.03 -26.69 20.82
C LYS A 270 -3.04 -25.61 21.21
N GLN A 271 -3.38 -25.56 22.50
CA GLN A 271 -4.33 -24.57 23.05
C GLN A 271 -3.60 -23.57 23.91
N PRO A 272 -4.23 -22.40 24.18
CA PRO A 272 -3.78 -21.53 25.25
C PRO A 272 -4.38 -21.94 26.60
N ASN A 273 -3.57 -21.93 27.65
CA ASN A 273 -4.06 -21.97 29.05
C ASN A 273 -3.03 -21.41 30.02
N LYS A 274 -3.49 -21.08 31.23
CA LYS A 274 -2.65 -20.41 32.26
C LYS A 274 -1.21 -20.93 32.35
N ASN A 275 -1.05 -22.25 32.26
CA ASN A 275 0.28 -22.87 32.35
C ASN A 275 1.21 -22.47 31.22
N GLU A 276 0.69 -22.53 29.99
CA GLU A 276 1.45 -22.16 28.79
C GLU A 276 1.99 -20.72 28.87
N ILE A 277 1.20 -19.80 29.42
CA ILE A 277 1.57 -18.41 29.51
C ILE A 277 2.70 -18.22 30.50
N SER A 278 2.58 -18.83 31.68
CA SER A 278 3.63 -18.75 32.71
C SER A 278 4.93 -19.42 32.27
N GLU A 279 4.82 -20.56 31.61
CA GLU A 279 5.98 -21.25 31.06
C GLU A 279 6.64 -20.45 29.95
N GLY A 280 5.81 -19.79 29.13
CA GLY A 280 6.31 -18.92 28.08
C GLY A 280 7.02 -17.72 28.66
N TRP A 281 6.37 -17.08 29.64
CA TRP A 281 6.93 -15.90 30.30
C TRP A 281 8.25 -16.20 31.02
N THR A 282 8.33 -17.36 31.67
CA THR A 282 9.50 -17.74 32.43
C THR A 282 10.68 -18.13 31.51
N LEU A 283 10.40 -18.83 30.40
CA LEU A 283 11.41 -19.10 29.36
C LEU A 283 11.88 -17.82 28.66
N MET A 284 10.96 -16.87 28.51
CA MET A 284 11.24 -15.57 27.88
C MET A 284 12.23 -14.76 28.70
N VAL A 285 11.99 -14.70 30.00
CA VAL A 285 12.84 -13.94 30.91
C VAL A 285 14.25 -14.57 30.89
N GLU A 286 14.32 -15.90 30.92
CA GLU A 286 15.61 -16.62 30.83
C GLU A 286 16.42 -16.19 29.60
N ARG A 287 15.75 -16.05 28.47
CA ARG A 287 16.37 -15.57 27.23
C ARG A 287 16.78 -14.10 27.35
N VAL A 288 15.84 -13.24 27.74
CA VAL A 288 16.06 -11.77 27.78
C VAL A 288 17.21 -11.38 28.71
N GLN A 289 17.33 -12.09 29.83
CA GLN A 289 18.38 -11.82 30.82
C GLN A 289 19.76 -12.30 30.36
N ASP A 290 19.80 -13.37 29.58
CA ASP A 290 21.03 -13.79 28.90
C ASP A 290 21.41 -12.82 27.78
N GLN A 291 20.42 -12.21 27.14
CA GLN A 291 20.66 -11.32 26.00
C GLN A 291 20.91 -9.87 26.37
N ARG A 292 20.34 -9.38 27.47
CA ARG A 292 20.58 -8.00 27.92
C ARG A 292 21.43 -7.96 29.19
N GLU A 293 21.77 -6.73 29.60
CA GLU A 293 22.34 -6.47 30.92
C GLU A 293 21.23 -5.90 31.77
N ILE A 294 20.74 -6.72 32.70
CA ILE A 294 19.58 -6.38 33.52
C ILE A 294 20.04 -5.41 34.63
N SER A 295 19.11 -4.58 35.09
CA SER A 295 19.41 -3.58 36.13
C SER A 295 18.22 -3.32 37.04
N LYS A 296 18.42 -3.50 38.34
CA LYS A 296 17.39 -3.23 39.36
C LYS A 296 17.51 -1.81 39.94
N SER A 297 18.24 -0.92 39.27
CA SER A 297 18.54 0.41 39.78
C SER A 297 17.77 1.50 39.01
N LEU A 298 16.97 2.30 39.73
CA LEU A 298 16.19 3.39 39.12
C LEU A 298 17.00 4.53 38.50
N HIS A 299 18.25 4.73 38.90
CA HIS A 299 19.11 5.76 38.27
C HIS A 299 19.60 5.34 36.86
N ASP A 300 19.55 4.04 36.57
CA ASP A 300 19.81 3.53 35.21
C ASP A 300 18.65 3.78 34.23
N GLN A 301 17.48 4.17 34.72
CA GLN A 301 16.33 4.47 33.85
C GLN A 301 16.64 5.56 32.84
N LYS A 302 16.11 5.39 31.63
CA LYS A 302 16.15 6.43 30.62
C LYS A 302 14.82 7.18 30.65
N PRO A 303 14.76 8.37 30.03
CA PRO A 303 13.53 9.16 30.04
C PRO A 303 12.34 8.45 29.43
N SER A 304 11.29 8.26 30.22
CA SER A 304 10.03 7.77 29.71
C SER A 304 9.36 8.85 28.85
N ILE A 305 9.52 10.11 29.23
CA ILE A 305 9.20 11.26 28.37
C ILE A 305 10.33 12.29 28.54
N HIS A 306 10.69 12.98 27.46
CA HIS A 306 11.85 13.88 27.43
C HIS A 306 11.42 15.31 27.70
N PHE A 307 10.89 15.51 28.90
CA PHE A 307 10.23 16.75 29.29
C PHE A 307 9.92 16.71 30.78
N ILE A 308 10.03 17.87 31.43
CA ILE A 308 9.49 18.07 32.80
C ILE A 308 8.53 19.24 32.71
N TRP A 309 7.59 19.30 33.65
CA TRP A 309 6.52 20.29 33.53
C TRP A 309 6.06 20.81 34.88
N GLY A 310 5.60 22.05 34.85
CA GLY A 310 4.96 22.69 35.99
C GLY A 310 3.86 23.59 35.47
N ALA A 311 2.87 23.85 36.33
CA ALA A 311 1.77 24.75 35.99
C ALA A 311 2.26 26.19 35.90
N HIS A 312 1.49 27.00 35.18
CA HIS A 312 1.80 28.43 35.03
C HIS A 312 1.59 29.15 36.33
N ASN A 313 2.20 30.34 36.42
CA ASN A 313 1.97 31.27 37.50
C ASN A 313 1.20 32.48 36.97
N PRO A 314 -0.12 32.57 37.26
CA PRO A 314 -0.92 33.71 36.79
C PRO A 314 -0.73 35.01 37.60
N GLY A 315 0.25 35.06 38.50
CA GLY A 315 0.70 36.29 39.13
C GLY A 315 1.86 36.99 38.42
N ASN A 316 2.32 36.42 37.31
CA ASN A 316 3.46 36.94 36.56
C ASN A 316 3.12 37.23 35.12
N SER A 317 3.96 38.06 34.48
CA SER A 317 3.77 38.44 33.10
C SER A 317 4.05 37.24 32.18
N ASN A 318 3.43 37.27 31.00
CA ASN A 318 3.74 36.35 29.91
C ASN A 318 4.40 37.12 28.74
N ASN A 319 5.01 38.26 29.05
CA ASN A 319 5.82 39.02 28.10
C ASN A 319 7.14 38.31 27.86
N ALA A 320 7.61 38.35 26.61
CA ALA A 320 8.86 37.71 26.20
C ALA A 320 10.05 38.13 27.07
N THR A 321 10.25 39.44 27.19
CA THR A 321 11.42 40.01 27.85
C THR A 321 11.35 39.87 29.38
N PHE A 322 10.16 39.96 29.98
CA PHE A 322 10.00 39.66 31.41
C PHE A 322 10.43 38.23 31.69
N LYS A 323 9.86 37.30 30.90
CA LYS A 323 10.19 35.88 30.98
C LYS A 323 11.70 35.62 30.90
N LEU A 324 12.39 36.31 30.00
CA LEU A 324 13.84 36.18 29.85
C LEU A 324 14.59 36.62 31.10
N ILE A 325 14.17 37.75 31.65
CA ILE A 325 14.75 38.29 32.89
C ILE A 325 14.47 37.32 34.04
N LEU A 326 13.18 37.01 34.22
CA LEU A 326 12.73 36.05 35.23
C LEU A 326 13.58 34.76 35.28
N LEU A 327 13.93 34.23 34.10
CA LEU A 327 14.80 33.06 34.01
C LEU A 327 16.26 33.39 34.36
N SER A 328 16.74 34.54 33.91
CA SER A 328 18.13 34.94 34.14
C SER A 328 18.43 35.17 35.61
N LYS A 329 17.51 35.81 36.32
CA LYS A 329 17.65 36.02 37.77
C LYS A 329 17.48 34.70 38.54
N SER A 330 16.56 33.85 38.07
CA SER A 330 16.33 32.53 38.70
C SER A 330 17.54 31.59 38.61
N LEU A 331 18.24 31.62 37.48
CA LEU A 331 19.42 30.77 37.28
C LEU A 331 20.63 31.28 38.07
N GLN A 332 20.84 32.60 38.07
CA GLN A 332 21.94 33.21 38.83
C GLN A 332 21.82 33.02 40.34
N SER A 333 20.57 32.92 40.83
CA SER A 333 20.26 32.85 42.26
C SER A 333 19.94 31.44 42.78
N ILE A 334 20.44 30.41 42.11
CA ILE A 334 20.29 29.02 42.56
C ILE A 334 21.06 28.82 43.87
N LYS A 335 20.33 28.60 44.96
CA LYS A 335 20.93 28.35 46.27
C LYS A 335 21.40 26.90 46.40
N GLY A 336 22.47 26.72 47.16
CA GLY A 336 23.07 25.41 47.41
C GLY A 336 24.35 25.24 46.63
N ILE A 337 24.88 24.02 46.66
CA ILE A 337 26.12 23.68 45.95
C ILE A 337 26.08 22.25 45.36
N SER A 338 25.38 22.12 44.22
CA SER A 338 25.35 20.87 43.44
C SER A 338 26.53 20.79 42.45
N THR A 339 26.63 19.67 41.75
CA THR A 339 27.75 19.38 40.85
C THR A 339 27.83 20.29 39.61
N TYR A 340 26.69 20.82 39.16
CA TYR A 340 26.63 21.70 37.98
C TYR A 340 26.12 23.11 38.27
N THR A 341 25.91 23.43 39.54
CA THR A 341 25.25 24.68 39.92
C THR A 341 26.02 25.94 39.51
N GLU A 342 27.35 25.81 39.39
CA GLU A 342 28.20 26.92 38.96
C GLU A 342 27.97 27.24 37.47
N ALA A 343 27.85 26.19 36.67
CA ALA A 343 27.54 26.32 35.23
C ALA A 343 26.22 27.04 34.97
N PHE A 344 25.15 26.64 35.66
CA PHE A 344 23.83 27.22 35.41
C PHE A 344 23.73 28.68 35.85
N LYS A 345 24.35 29.01 36.99
CA LYS A 345 24.48 30.41 37.45
C LYS A 345 25.20 31.28 36.42
N SER A 346 26.26 30.72 35.85
CA SER A 346 27.02 31.38 34.78
C SER A 346 26.18 31.63 33.54
N LEU A 347 25.43 30.61 33.12
CA LEU A 347 24.53 30.71 31.98
C LEU A 347 23.48 31.79 32.17
N GLY A 348 22.87 31.80 33.36
CA GLY A 348 21.94 32.87 33.78
C GLY A 348 22.57 34.24 33.72
N LYS A 349 23.82 34.34 34.19
CA LYS A 349 24.61 35.56 34.11
C LYS A 349 24.90 35.94 32.65
N MET A 350 25.14 34.95 31.80
CA MET A 350 25.39 35.16 30.34
C MET A 350 24.17 35.65 29.53
N MET A 351 22.97 35.49 30.08
CA MET A 351 21.73 35.98 29.45
C MET A 351 21.09 37.15 30.20
N ASP A 352 21.89 37.85 31.02
CA ASP A 352 21.40 38.89 31.94
C ASP A 352 21.46 40.29 31.31
N ILE A 353 20.30 40.84 30.97
CA ILE A 353 20.20 42.20 30.41
C ILE A 353 19.79 43.28 31.43
N GLY A 354 19.37 42.87 32.63
CA GLY A 354 19.00 43.79 33.70
C GLY A 354 17.85 44.73 33.33
N ASP A 355 18.06 46.02 33.58
CA ASP A 355 17.09 47.06 33.20
C ASP A 355 16.99 47.32 31.69
N LYS A 356 18.01 46.90 30.93
CA LYS A 356 18.18 47.31 29.52
C LYS A 356 17.21 46.56 28.60
N ALA A 357 15.92 46.80 28.78
CA ALA A 357 14.87 46.02 28.14
C ALA A 357 14.61 46.52 26.73
N ILE A 358 14.33 47.81 26.60
CA ILE A 358 13.98 48.39 25.28
C ILE A 358 15.19 48.34 24.32
N GLU A 359 16.40 48.45 24.88
CA GLU A 359 17.63 48.33 24.10
C GLU A 359 17.82 46.92 23.51
N TYR A 360 17.40 45.90 24.25
CA TYR A 360 17.35 44.52 23.72
C TYR A 360 16.32 44.41 22.61
N GLU A 361 15.07 44.78 22.90
CA GLU A 361 13.95 44.63 21.97
C GLU A 361 14.18 45.30 20.62
N GLU A 362 14.68 46.54 20.65
CA GLU A 362 14.93 47.31 19.42
C GLU A 362 16.14 46.79 18.63
N PHE A 363 17.14 46.29 19.35
CA PHE A 363 18.29 45.62 18.72
C PHE A 363 17.85 44.35 17.97
N CYS A 364 17.03 43.54 18.64
CA CYS A 364 16.51 42.30 18.08
C CYS A 364 15.58 42.55 16.89
N MET A 365 14.61 43.45 17.09
CA MET A 365 13.66 43.89 16.04
C MET A 365 14.36 44.38 14.76
N SER A 366 15.51 45.05 14.91
CA SER A 366 16.27 45.56 13.76
C SER A 366 16.93 44.45 12.96
N LEU A 367 17.58 43.52 13.65
CA LEU A 367 18.16 42.32 13.01
C LEU A 367 17.09 41.52 12.25
N LYS A 368 15.95 41.29 12.90
CA LYS A 368 14.82 40.61 12.27
C LYS A 368 14.30 41.36 11.06
N SER A 369 14.13 42.68 11.21
CA SER A 369 13.66 43.53 10.11
C SER A 369 14.61 43.52 8.90
N LYS A 370 15.90 43.27 9.15
CA LYS A 370 16.90 43.09 8.07
C LYS A 370 16.73 41.77 7.30
N ALA A 371 16.61 40.65 8.03
CA ALA A 371 16.42 39.33 7.41
C ALA A 371 15.15 39.24 6.54
N ARG A 372 14.07 39.83 7.03
CA ARG A 372 12.76 39.81 6.36
C ARG A 372 12.65 40.73 5.13
N SER A 373 13.64 41.61 4.92
CA SER A 373 13.71 42.43 3.71
C SER A 373 14.08 41.59 2.48
N SER A 374 14.89 40.55 2.70
CA SER A 374 15.43 39.70 1.65
C SER A 374 14.73 38.35 1.57
N TRP A 375 14.53 37.85 0.35
CA TRP A 375 13.99 36.50 0.08
C TRP A 375 15.02 35.41 0.40
N LYS A 376 16.27 35.66 0.02
CA LYS A 376 17.40 34.80 0.35
C LYS A 376 17.92 35.08 1.76
N GLN A 377 18.97 34.36 2.15
CA GLN A 377 19.72 34.68 3.37
C GLN A 377 20.64 35.88 3.16
N ILE A 378 20.92 36.59 4.25
CA ILE A 378 21.81 37.74 4.24
C ILE A 378 23.26 37.24 4.27
N MET A 379 23.94 37.40 3.14
CA MET A 379 25.30 36.91 2.94
C MET A 379 26.32 38.05 3.04
N ASN A 380 27.54 37.69 3.46
CA ASN A 380 28.70 38.60 3.50
C ASN A 380 28.67 39.73 4.53
N LYS A 381 27.63 39.78 5.38
CA LYS A 381 27.54 40.77 6.44
C LYS A 381 27.61 40.03 7.77
N LYS A 382 28.68 40.28 8.54
CA LYS A 382 28.97 39.52 9.75
C LYS A 382 28.00 39.87 10.88
N LEU A 383 27.57 38.86 11.63
CA LEU A 383 26.77 39.09 12.84
C LEU A 383 27.72 39.40 13.99
N GLU A 384 27.53 40.58 14.61
CA GLU A 384 28.31 41.03 15.75
C GLU A 384 27.43 41.03 17.01
N PRO A 385 27.95 40.50 18.13
CA PRO A 385 27.16 40.52 19.37
C PRO A 385 27.15 41.87 20.09
N LYS A 386 25.95 42.43 20.28
CA LYS A 386 25.76 43.65 21.07
C LYS A 386 25.93 43.36 22.57
N GLN A 387 26.66 44.23 23.26
CA GLN A 387 26.83 44.16 24.72
C GLN A 387 25.64 44.85 25.40
N ILE A 388 24.77 44.07 26.04
CA ILE A 388 23.60 44.60 26.76
C ILE A 388 23.65 44.11 28.21
N ASN A 389 24.22 44.94 29.09
CA ASN A 389 24.55 44.56 30.46
C ASN A 389 25.52 43.35 30.45
N ASN A 390 25.34 42.34 31.31
CA ASN A 390 26.21 41.14 31.30
C ASN A 390 26.07 40.24 30.05
N ALA A 391 24.99 40.40 29.29
CA ALA A 391 24.71 39.55 28.14
C ALA A 391 25.34 40.09 26.86
N LEU A 392 26.03 39.20 26.13
CA LEU A 392 26.41 39.45 24.74
C LEU A 392 25.36 38.78 23.87
N VAL A 393 24.65 39.59 23.08
CA VAL A 393 23.48 39.15 22.31
C VAL A 393 23.75 39.08 20.80
N LEU A 394 23.79 37.87 20.25
CA LEU A 394 23.98 37.66 18.81
C LEU A 394 22.67 37.81 18.01
N TRP A 395 21.56 37.40 18.63
CA TRP A 395 20.20 37.51 18.05
C TRP A 395 19.19 37.44 19.19
N GLU A 396 17.95 37.85 18.94
CA GLU A 396 16.84 37.56 19.86
C GLU A 396 16.98 36.16 20.45
N GLN A 397 17.12 36.08 21.77
CA GLN A 397 17.27 34.80 22.49
C GLN A 397 18.43 33.92 21.99
N GLN A 398 19.53 34.56 21.60
CA GLN A 398 20.79 33.87 21.34
C GLN A 398 21.92 34.67 22.00
N PHE A 399 22.64 34.02 22.92
CA PHE A 399 23.61 34.70 23.79
C PHE A 399 24.97 34.01 23.71
N MET A 400 26.02 34.82 23.57
CA MET A 400 27.37 34.28 23.47
C MET A 400 27.72 33.55 24.78
N ILE A 401 28.39 32.40 24.66
CA ILE A 401 28.97 31.73 25.82
C ILE A 401 30.25 32.49 26.19
N ASN A 402 30.09 33.47 27.08
CA ASN A 402 31.16 34.38 27.46
C ASN A 402 32.16 33.69 28.38
N ASN A 403 33.45 33.76 28.04
CA ASN A 403 34.51 33.09 28.81
C ASN A 403 34.81 33.73 30.17
N ASP A 404 34.46 35.00 30.35
CA ASP A 404 34.69 35.71 31.61
C ASP A 404 33.78 35.21 32.76
N LEU A 405 32.54 34.84 32.43
CA LEU A 405 31.52 34.57 33.46
C LEU A 405 31.36 33.09 33.84
N ILE A 406 32.24 32.22 33.36
CA ILE A 406 32.27 30.81 33.77
C ILE A 406 33.73 30.33 33.87
N ASP A 407 34.11 29.80 35.03
CA ASP A 407 35.44 29.21 35.19
C ASP A 407 35.60 28.11 34.14
N LYS A 408 36.70 28.15 33.40
CA LYS A 408 36.82 27.35 32.16
C LYS A 408 36.99 25.83 32.35
N SER A 409 37.03 25.36 33.60
CA SER A 409 36.86 23.93 33.92
C SER A 409 35.41 23.58 34.32
N GLU A 410 34.63 24.56 34.77
CA GLU A 410 33.16 24.41 34.91
C GLU A 410 32.46 24.40 33.53
N LYS A 411 33.06 25.09 32.55
CA LYS A 411 32.59 25.05 31.17
C LYS A 411 32.83 23.67 30.56
N LEU A 412 34.02 23.12 30.77
CA LEU A 412 34.33 21.73 30.36
C LEU A 412 33.45 20.70 31.07
N LYS A 413 33.07 20.99 32.31
CA LYS A 413 32.18 20.10 33.09
C LYS A 413 30.81 20.01 32.44
N LEU A 414 30.28 21.18 32.08
CA LEU A 414 29.00 21.29 31.38
C LEU A 414 28.98 20.54 30.05
N PHE A 415 29.95 20.81 29.19
CA PHE A 415 29.96 20.21 27.84
C PHE A 415 30.28 18.71 27.88
N LYS A 416 31.37 18.34 28.54
CA LYS A 416 31.84 16.96 28.54
C LYS A 416 30.93 16.03 29.34
N ASN A 417 30.64 16.37 30.60
CA ASN A 417 29.90 15.45 31.47
C ASN A 417 28.38 15.59 31.37
N PHE A 418 27.89 16.84 31.33
CA PHE A 418 26.45 17.11 31.31
C PHE A 418 25.85 16.93 29.91
N CYS A 419 26.46 17.55 28.89
CA CYS A 419 26.00 17.46 27.48
C CYS A 419 26.66 16.34 26.65
N GLY A 420 27.67 15.67 27.19
CA GLY A 420 28.28 14.50 26.54
C GLY A 420 29.27 14.77 25.42
N ILE A 421 29.62 16.03 25.19
CA ILE A 421 30.40 16.45 24.02
C ILE A 421 31.88 16.10 24.23
N GLY A 422 32.37 15.13 23.46
CA GLY A 422 33.72 14.60 23.63
C GLY A 422 33.87 13.69 24.84
N LYS A 423 32.82 12.93 25.15
CA LYS A 423 32.78 12.04 26.32
C LYS A 423 33.10 10.58 25.95
N HIS A 424 33.73 9.87 26.89
CA HIS A 424 34.15 8.47 26.69
C HIS A 424 34.19 7.70 28.02
N ASP A 434 35.71 -5.30 28.33
CA ASP A 434 36.93 -5.26 27.51
C ASP A 434 37.09 -6.60 26.79
N LEU A 435 37.76 -6.56 25.63
CA LEU A 435 37.75 -7.65 24.63
C LEU A 435 36.33 -7.85 24.06
N GLU A 436 35.39 -8.24 24.91
CA GLU A 436 33.95 -8.22 24.59
C GLU A 436 33.43 -6.81 24.42
N VAL A 437 32.27 -6.70 23.76
CA VAL A 437 31.43 -5.50 23.80
C VAL A 437 30.25 -5.85 24.73
N SER A 438 29.90 -4.92 25.62
CA SER A 438 28.89 -5.19 26.63
C SER A 438 27.48 -5.22 26.04
N LYS A 439 26.57 -5.85 26.78
CA LYS A 439 25.19 -5.99 26.34
C LYS A 439 24.43 -4.67 26.55
N PRO A 440 23.31 -4.50 25.82
CA PRO A 440 22.43 -3.36 26.11
C PRO A 440 21.78 -3.41 27.49
N LYS A 441 21.68 -2.25 28.13
CA LYS A 441 21.21 -2.16 29.50
C LYS A 441 19.72 -1.85 29.54
N ILE A 442 18.97 -2.66 30.28
CA ILE A 442 17.54 -2.39 30.51
C ILE A 442 17.19 -2.57 31.98
N LEU A 443 16.00 -2.09 32.34
CA LEU A 443 15.49 -2.23 33.69
C LEU A 443 14.83 -3.61 33.82
N ASP A 444 14.93 -4.24 35.00
CA ASP A 444 14.30 -5.55 35.21
C ASP A 444 12.79 -5.37 35.35
N PHE A 445 12.12 -5.39 34.20
CA PHE A 445 10.66 -5.39 34.14
C PHE A 445 10.01 -6.46 35.01
N ASP A 446 10.68 -7.59 35.22
CA ASP A 446 10.14 -8.72 36.00
C ASP A 446 10.32 -8.60 37.53
N ASP A 447 11.23 -7.73 37.99
CA ASP A 447 11.44 -7.47 39.43
C ASP A 447 10.29 -6.64 40.00
N ALA A 448 9.71 -7.11 41.09
CA ALA A 448 8.51 -6.49 41.66
C ALA A 448 8.72 -5.07 42.21
N ASN A 449 9.91 -4.80 42.75
CA ASN A 449 10.23 -3.46 43.26
C ASN A 449 10.38 -2.44 42.13
N MET A 450 11.00 -2.88 41.04
CA MET A 450 11.10 -2.08 39.81
C MET A 450 9.72 -1.80 39.19
N TYR A 451 8.82 -2.78 39.26
CA TYR A 451 7.44 -2.56 38.79
C TYR A 451 6.74 -1.50 39.63
N LEU A 452 6.84 -1.60 40.96
CA LEU A 452 6.21 -0.61 41.85
C LEU A 452 6.70 0.82 41.59
N ALA A 453 7.96 0.95 41.22
CA ALA A 453 8.52 2.25 40.81
C ALA A 453 7.81 2.79 39.57
N SER A 454 7.50 1.91 38.62
CA SER A 454 6.70 2.29 37.45
C SER A 454 5.28 2.63 37.85
N LEU A 455 4.68 1.79 38.69
CA LEU A 455 3.33 2.01 39.19
C LEU A 455 3.22 3.36 39.93
N THR A 456 4.24 3.68 40.72
CA THR A 456 4.36 4.98 41.40
C THR A 456 4.35 6.12 40.40
N MET A 457 5.29 6.09 39.46
CA MET A 457 5.44 7.15 38.44
C MET A 457 4.12 7.45 37.75
N MET A 458 3.31 6.42 37.51
CA MET A 458 2.01 6.58 36.88
C MET A 458 1.00 7.24 37.82
N GLU A 459 0.99 6.81 39.09
CA GLU A 459 0.12 7.39 40.11
C GLU A 459 0.52 8.82 40.50
N GLN A 460 1.83 9.11 40.43
CA GLN A 460 2.33 10.46 40.64
C GLN A 460 1.97 11.39 39.50
N SER A 461 2.10 10.88 38.28
CA SER A 461 1.71 11.64 37.09
C SER A 461 0.19 11.84 37.02
N LYS A 462 -0.57 10.84 37.45
CA LYS A 462 -2.02 10.95 37.59
C LYS A 462 -2.37 12.18 38.43
N LYS A 463 -1.79 12.25 39.63
CA LYS A 463 -2.13 13.27 40.62
C LYS A 463 -1.99 14.70 40.08
N ILE A 464 -0.87 15.00 39.43
CA ILE A 464 -0.57 16.38 38.96
C ILE A 464 -1.32 16.76 37.69
N LEU A 465 -1.34 15.86 36.71
CA LEU A 465 -1.90 16.16 35.39
C LEU A 465 -3.42 16.07 35.31
N SER A 466 -4.04 15.23 36.15
CA SER A 466 -5.51 15.11 36.17
C SER A 466 -6.19 16.28 36.86
N LYS A 467 -5.42 17.12 37.57
CA LYS A 467 -5.93 18.39 38.12
C LYS A 467 -6.23 19.38 37.02
N SER A 468 -7.19 20.26 37.29
CA SER A 468 -7.61 21.28 36.36
C SER A 468 -6.53 22.34 36.21
N ASN A 469 -6.13 22.62 34.97
CA ASN A 469 -5.38 23.85 34.64
C ASN A 469 -6.26 25.08 34.84
N GLY A 470 -5.66 26.20 35.19
CA GLY A 470 -6.42 27.40 35.51
C GLY A 470 -6.97 28.18 34.33
N LEU A 471 -6.97 27.57 33.14
CA LEU A 471 -7.21 28.31 31.90
C LEU A 471 -8.62 28.06 31.36
N LYS A 472 -9.10 28.99 30.55
CA LYS A 472 -10.28 28.74 29.72
C LYS A 472 -9.91 27.56 28.82
N PRO A 473 -10.84 26.62 28.61
CA PRO A 473 -10.50 25.45 27.81
C PRO A 473 -10.49 25.72 26.30
N ASP A 474 -10.59 26.98 25.88
CA ASP A 474 -10.82 27.34 24.48
C ASP A 474 -9.52 27.47 23.67
N ASN A 475 -9.35 26.53 22.74
CA ASN A 475 -8.26 26.54 21.77
C ASN A 475 -8.82 26.40 20.35
N PHE A 476 -7.94 26.52 19.36
CA PHE A 476 -8.30 26.50 17.94
C PHE A 476 -9.30 25.41 17.58
N ILE A 477 -9.03 24.18 18.02
CA ILE A 477 -9.83 23.02 17.65
C ILE A 477 -11.26 23.21 18.10
N LEU A 478 -11.45 23.56 19.37
CA LEU A 478 -12.78 23.75 19.94
C LEU A 478 -13.50 24.97 19.35
N ASN A 479 -12.76 26.00 18.96
CA ASN A 479 -13.35 27.26 18.49
C ASN A 479 -13.92 27.20 17.08
N GLU A 480 -13.19 26.56 16.17
CA GLU A 480 -13.56 26.50 14.76
C GLU A 480 -14.41 25.27 14.42
N PHE A 481 -14.15 24.15 15.08
CA PHE A 481 -14.81 22.89 14.79
C PHE A 481 -15.72 22.34 15.87
N GLY A 482 -15.65 22.86 17.09
CA GLY A 482 -16.48 22.39 18.20
C GLY A 482 -17.97 22.37 17.91
N SER A 483 -18.43 23.33 17.10
CA SER A 483 -19.80 23.40 16.60
C SER A 483 -20.24 22.11 15.91
N ARG A 484 -19.46 21.67 14.92
CA ARG A 484 -19.79 20.47 14.13
C ARG A 484 -19.45 19.16 14.83
N ILE A 485 -18.46 19.18 15.72
CA ILE A 485 -18.17 18.02 16.57
C ILE A 485 -19.36 17.74 17.50
N LYS A 486 -19.85 18.78 18.16
CA LYS A 486 -21.02 18.72 19.06
C LYS A 486 -22.27 18.17 18.38
N ASP A 487 -22.58 18.72 17.20
CA ASP A 487 -23.77 18.31 16.44
C ASP A 487 -23.76 16.84 16.03
N ALA A 488 -22.59 16.32 15.70
CA ALA A 488 -22.46 14.91 15.35
C ALA A 488 -22.58 14.02 16.58
N ASN A 489 -21.93 14.43 17.67
CA ASN A 489 -22.07 13.73 18.95
C ASN A 489 -21.70 14.65 20.11
N LYS A 490 -22.67 14.92 20.98
CA LYS A 490 -22.45 15.77 22.13
C LYS A 490 -21.44 15.16 23.08
N GLU A 491 -21.42 13.83 23.18
CA GLU A 491 -20.51 13.13 24.11
C GLU A 491 -19.05 13.39 23.81
N THR A 492 -18.68 13.38 22.53
CA THR A 492 -17.28 13.61 22.13
C THR A 492 -16.87 15.08 22.34
N TYR A 493 -17.82 16.02 22.21
CA TYR A 493 -17.61 17.43 22.58
C TYR A 493 -17.39 17.59 24.09
N ASP A 494 -18.20 16.89 24.88
CA ASP A 494 -18.07 16.93 26.34
C ASP A 494 -16.75 16.28 26.77
N ASN A 495 -16.34 15.22 26.07
CA ASN A 495 -15.03 14.59 26.29
C ASN A 495 -13.87 15.51 25.94
N MET A 496 -13.94 16.22 24.81
CA MET A 496 -12.90 17.19 24.44
C MET A 496 -12.70 18.21 25.57
N HIS A 497 -13.81 18.78 26.05
CA HIS A 497 -13.80 19.66 27.22
C HIS A 497 -13.09 19.02 28.42
N LYS A 498 -13.47 17.79 28.74
CA LYS A 498 -12.86 17.06 29.86
C LYS A 498 -11.34 16.92 29.73
N ILE A 499 -10.86 16.83 28.49
CA ILE A 499 -9.42 16.75 28.20
C ILE A 499 -8.78 18.13 28.31
N PHE A 500 -9.36 19.13 27.65
CA PHE A 500 -8.81 20.48 27.62
C PHE A 500 -8.81 21.20 28.99
N GLU A 501 -9.65 20.74 29.93
CA GLU A 501 -9.60 21.20 31.31
C GLU A 501 -8.35 20.74 32.06
N THR A 502 -7.89 19.52 31.78
CA THR A 502 -6.82 18.90 32.57
C THR A 502 -5.42 19.42 32.28
N GLY A 503 -4.53 19.19 33.25
CA GLY A 503 -3.12 19.49 33.12
C GLY A 503 -2.49 18.67 32.02
N TYR A 504 -2.95 17.43 31.84
CA TYR A 504 -2.53 16.57 30.71
C TYR A 504 -2.48 17.37 29.41
N TRP A 505 -3.60 17.98 29.05
CA TRP A 505 -3.72 18.70 27.79
C TRP A 505 -2.82 19.93 27.70
N GLN A 506 -2.62 20.60 28.82
CA GLN A 506 -1.76 21.79 28.84
C GLN A 506 -0.28 21.40 28.79
N CYS A 507 0.08 20.36 29.53
CA CYS A 507 1.44 19.82 29.52
C CYS A 507 1.91 19.51 28.11
N ILE A 508 1.10 18.74 27.38
CA ILE A 508 1.47 18.28 26.05
C ILE A 508 1.41 19.41 25.02
N SER A 509 0.48 20.36 25.19
CA SER A 509 0.47 21.58 24.36
C SER A 509 1.72 22.39 24.60
N ASP A 510 2.10 22.53 25.86
CA ASP A 510 3.32 23.26 26.21
C ASP A 510 4.57 22.56 25.69
N PHE A 511 4.64 21.23 25.80
CA PHE A 511 5.76 20.46 25.24
C PHE A 511 5.81 20.55 23.72
N SER A 512 4.65 20.57 23.07
CA SER A 512 4.57 20.76 21.62
C SER A 512 5.12 22.13 21.20
N THR A 513 4.57 23.18 21.81
CA THR A 513 4.89 24.56 21.44
C THR A 513 6.35 24.92 21.75
N LEU A 514 6.83 24.44 22.89
CA LEU A 514 8.24 24.63 23.27
C LEU A 514 9.19 23.93 22.29
N MET A 515 8.81 22.73 21.83
CA MET A 515 9.61 21.97 20.86
C MET A 515 9.61 22.60 19.48
N LYS A 516 8.44 23.07 19.05
CA LYS A 516 8.34 23.87 17.82
C LYS A 516 9.37 25.01 17.85
N ASN A 517 9.46 25.66 19.00
CA ASN A 517 10.37 26.79 19.20
C ASN A 517 11.84 26.35 19.33
N ILE A 518 12.09 25.28 20.06
CA ILE A 518 13.45 24.73 20.19
C ILE A 518 14.05 24.43 18.81
N LEU A 519 13.27 23.79 17.94
CA LEU A 519 13.70 23.55 16.56
C LEU A 519 13.94 24.85 15.78
N SER A 520 13.03 25.83 15.91
CA SER A 520 13.17 27.15 15.25
C SER A 520 14.47 27.81 15.68
N VAL A 521 14.76 27.70 16.97
CA VAL A 521 15.92 28.29 17.59
C VAL A 521 17.23 27.56 17.22
N SER A 522 17.21 26.23 17.26
CA SER A 522 18.40 25.40 16.99
C SER A 522 18.98 25.52 15.60
N GLN A 523 18.18 25.98 14.63
CA GLN A 523 18.63 26.11 13.24
C GLN A 523 19.90 26.96 13.12
N TYR A 524 19.86 28.16 13.71
CA TYR A 524 20.96 29.12 13.63
C TYR A 524 21.79 29.27 14.93
N ASN A 525 21.66 28.31 15.83
CA ASN A 525 22.55 28.23 16.99
C ASN A 525 23.96 27.90 16.53
N ARG A 526 24.94 28.34 17.30
CA ARG A 526 26.35 28.17 16.95
C ARG A 526 27.13 27.41 18.01
N HIS A 527 28.39 27.12 17.68
CA HIS A 527 29.31 26.41 18.58
C HIS A 527 29.67 27.24 19.83
N ASN A 528 29.61 28.57 19.68
CA ASN A 528 29.97 29.52 20.73
C ASN A 528 28.77 30.24 21.40
N THR A 529 27.55 29.74 21.18
CA THR A 529 26.34 30.33 21.78
C THR A 529 25.37 29.26 22.30
N PHE A 530 24.54 29.66 23.26
CA PHE A 530 23.35 28.91 23.67
C PHE A 530 22.13 29.77 23.40
N ARG A 531 20.97 29.13 23.31
CA ARG A 531 19.73 29.84 23.03
C ARG A 531 18.65 29.43 23.99
N ILE A 532 17.58 30.22 24.03
CA ILE A 532 16.51 30.05 25.00
C ILE A 532 15.18 29.99 24.26
N ALA A 533 14.40 28.94 24.53
CA ALA A 533 13.09 28.74 23.94
C ALA A 533 12.01 28.93 25.01
N MET A 534 10.88 29.47 24.59
CA MET A 534 9.77 29.80 25.49
C MET A 534 8.46 29.16 25.05
N CYS A 535 7.43 29.33 25.87
CA CYS A 535 6.07 28.95 25.52
C CYS A 535 5.08 29.79 26.32
N ALA A 536 3.79 29.61 26.02
CA ALA A 536 2.71 30.35 26.67
C ALA A 536 2.65 30.16 28.21
N ASN A 537 3.09 29.00 28.69
CA ASN A 537 3.33 28.79 30.11
C ASN A 537 4.55 29.62 30.52
N ASN A 538 4.32 30.59 31.40
CA ASN A 538 5.38 31.51 31.84
C ASN A 538 6.39 30.91 32.83
N ASN A 539 6.14 29.68 33.28
CA ASN A 539 7.09 28.93 34.12
C ASN A 539 7.91 27.84 33.41
N VAL A 540 7.64 27.60 32.13
CA VAL A 540 8.35 26.57 31.37
C VAL A 540 9.25 27.18 30.28
N PHE A 541 10.51 26.74 30.29
CA PHE A 541 11.55 27.22 29.36
C PHE A 541 12.40 26.07 28.90
N ALA A 542 13.27 26.35 27.94
CA ALA A 542 14.29 25.39 27.53
C ALA A 542 15.55 26.11 27.11
N ILE A 543 16.71 25.55 27.49
CA ILE A 543 17.99 26.05 27.03
C ILE A 543 18.51 25.10 25.95
N VAL A 544 18.69 25.63 24.75
CA VAL A 544 19.25 24.89 23.61
C VAL A 544 20.77 25.08 23.62
N PHE A 545 21.50 24.03 23.96
CA PHE A 545 22.97 24.08 24.02
C PHE A 545 23.60 24.08 22.62
N PRO A 546 24.93 24.33 22.54
CA PRO A 546 25.61 24.20 21.25
C PRO A 546 25.53 22.79 20.71
N SER A 547 25.17 22.69 19.43
CA SER A 547 25.02 21.41 18.73
C SER A 547 26.30 20.57 18.82
N ALA A 548 27.41 21.16 18.38
CA ALA A 548 28.74 20.52 18.26
C ALA A 548 28.87 19.66 17.00
N ASP A 549 28.57 20.25 15.84
CA ASP A 549 28.61 19.55 14.53
C ASP A 549 29.15 20.47 13.43
N THR A 556 20.81 16.81 14.73
CA THR A 556 20.70 16.59 16.18
C THR A 556 20.48 17.90 16.96
N VAL A 557 19.74 17.81 18.07
CA VAL A 557 19.34 18.98 18.90
C VAL A 557 19.56 18.69 20.39
N VAL A 558 20.42 19.46 21.04
CA VAL A 558 20.72 19.29 22.45
C VAL A 558 19.92 20.31 23.24
N TYR A 559 19.30 19.88 24.33
CA TYR A 559 18.56 20.79 25.19
C TYR A 559 18.34 20.28 26.60
N SER A 560 17.95 21.22 27.46
CA SER A 560 17.55 20.96 28.83
C SER A 560 16.32 21.81 29.18
N ILE A 561 15.27 21.17 29.71
CA ILE A 561 14.01 21.85 30.05
C ILE A 561 14.09 22.42 31.46
N ILE A 562 13.56 23.64 31.62
CA ILE A 562 13.63 24.38 32.89
C ILE A 562 12.24 24.86 33.35
N VAL A 563 11.86 24.41 34.55
CA VAL A 563 10.58 24.71 35.14
C VAL A 563 10.75 25.50 36.42
N LEU A 564 10.09 26.65 36.49
CA LEU A 564 9.97 27.42 37.72
C LEU A 564 8.66 27.01 38.43
N HIS A 565 8.70 26.86 39.75
CA HIS A 565 7.51 26.47 40.52
C HIS A 565 7.60 26.87 42.01
N LYS A 566 6.42 27.06 42.62
CA LYS A 566 6.33 27.61 43.98
C LYS A 566 6.74 26.63 45.07
N GLU A 567 6.22 25.41 45.03
CA GLU A 567 6.60 24.38 46.00
C GLU A 567 7.30 23.22 45.29
N GLU A 568 8.35 22.69 45.92
CA GLU A 568 9.10 21.57 45.36
C GLU A 568 9.05 20.28 44.57
N GLU A 569 8.07 19.45 44.89
CA GLU A 569 7.91 18.09 44.32
C GLU A 569 6.63 18.25 43.46
N ASN A 570 6.12 19.47 43.29
CA ASN A 570 4.94 19.73 42.49
C ASN A 570 5.32 20.08 41.04
N ILE A 571 5.97 19.11 40.39
CA ILE A 571 6.30 19.13 38.97
C ILE A 571 6.14 17.73 38.42
N PHE A 572 5.77 17.66 37.14
CA PHE A 572 5.69 16.39 36.43
C PHE A 572 7.09 15.94 36.05
N ASN A 573 7.52 14.83 36.64
CA ASN A 573 8.80 14.23 36.34
C ASN A 573 8.59 12.79 35.84
N PRO A 574 8.61 12.60 34.50
CA PRO A 574 8.54 11.28 33.88
C PRO A 574 9.93 10.70 33.62
N GLY A 575 10.84 10.85 34.59
CA GLY A 575 12.12 10.22 34.53
C GLY A 575 13.23 10.93 33.77
N CYS A 576 13.13 12.25 33.59
CA CYS A 576 14.22 13.00 32.94
C CYS A 576 14.76 14.20 33.73
N LEU A 577 14.36 14.33 35.00
CA LEU A 577 14.86 15.39 35.88
C LEU A 577 16.31 15.16 36.29
N HIS A 578 17.15 16.18 36.13
CA HIS A 578 18.48 16.16 36.69
C HIS A 578 18.43 16.56 38.16
N GLY A 579 17.68 17.60 38.46
CA GLY A 579 17.48 18.03 39.86
C GLY A 579 16.57 19.23 40.04
N THR A 580 15.88 19.25 41.18
CA THR A 580 15.10 20.40 41.63
C THR A 580 15.94 21.18 42.64
N PHE A 581 16.08 22.48 42.42
CA PHE A 581 16.93 23.34 43.26
C PHE A 581 16.12 24.50 43.83
N LYS A 582 16.55 25.00 44.98
CA LYS A 582 15.94 26.17 45.63
C LYS A 582 16.59 27.43 45.07
N CYS A 583 15.76 28.40 44.65
CA CYS A 583 16.24 29.64 44.01
C CYS A 583 15.57 30.86 44.65
N MET A 584 15.90 32.05 44.14
CA MET A 584 15.46 33.34 44.72
C MET A 584 14.03 33.37 45.28
N ASN A 585 13.08 32.87 44.50
CA ASN A 585 11.67 33.12 44.73
C ASN A 585 10.91 31.86 45.15
N GLY A 586 11.08 30.79 44.38
CA GLY A 586 10.51 29.49 44.72
C GLY A 586 11.52 28.40 44.48
N TYR A 587 11.24 27.53 43.50
CA TYR A 587 12.15 26.46 43.09
C TYR A 587 12.36 26.49 41.58
N ILE A 588 13.51 25.99 41.14
CA ILE A 588 13.85 25.83 39.72
C ILE A 588 14.27 24.37 39.49
N SER A 589 13.58 23.71 38.55
CA SER A 589 13.94 22.35 38.16
C SER A 589 14.47 22.35 36.75
N ILE A 590 15.57 21.65 36.55
CA ILE A 590 16.23 21.54 35.25
C ILE A 590 16.30 20.06 34.91
N SER A 591 15.96 19.75 33.66
CA SER A 591 16.02 18.36 33.16
C SER A 591 17.44 17.95 32.86
N ARG A 592 17.64 16.65 32.63
CA ARG A 592 18.88 16.18 32.05
C ARG A 592 19.11 16.79 30.66
N ALA A 593 20.32 16.65 30.13
CA ALA A 593 20.60 17.09 28.77
C ALA A 593 20.06 16.05 27.81
N ILE A 594 19.11 16.46 26.97
CA ILE A 594 18.47 15.58 25.98
C ILE A 594 19.06 15.86 24.61
N ARG A 595 19.26 14.78 23.83
CA ARG A 595 19.79 14.90 22.45
C ARG A 595 18.95 14.08 21.50
N LEU A 596 18.16 14.77 20.69
CA LEU A 596 17.23 14.16 19.75
C LEU A 596 17.53 14.61 18.33
N ASP A 597 17.44 13.70 17.37
CA ASP A 597 17.42 14.07 15.95
C ASP A 597 16.13 14.80 15.63
N LYS A 598 16.15 15.58 14.54
CA LYS A 598 15.05 16.50 14.24
C LYS A 598 13.75 15.79 13.88
N GLU A 599 13.84 14.53 13.48
CA GLU A 599 12.67 13.74 13.10
C GLU A 599 11.84 13.37 14.34
N ARG A 600 12.50 12.83 15.37
CA ARG A 600 11.87 12.61 16.68
C ARG A 600 11.27 13.88 17.32
N CYS A 601 11.94 15.01 17.14
CA CYS A 601 11.43 16.28 17.66
C CYS A 601 10.11 16.66 17.01
N GLN A 602 10.02 16.48 15.68
CA GLN A 602 8.80 16.79 14.91
C GLN A 602 7.60 16.00 15.44
N ARG A 603 7.82 14.73 15.75
CA ARG A 603 6.79 13.87 16.35
C ARG A 603 6.19 14.48 17.62
N ILE A 604 7.04 15.07 18.46
CA ILE A 604 6.62 15.74 19.69
C ILE A 604 5.78 16.98 19.39
N VAL A 605 6.19 17.76 18.40
CA VAL A 605 5.37 18.91 17.95
C VAL A 605 3.95 18.45 17.61
N SER A 606 3.86 17.30 16.94
CA SER A 606 2.60 16.74 16.49
C SER A 606 1.85 15.98 17.57
N SER A 607 2.41 15.86 18.77
CA SER A 607 1.87 14.96 19.80
C SER A 607 0.48 15.32 20.37
N PRO A 608 0.15 16.62 20.47
CA PRO A 608 -1.22 16.93 20.93
C PRO A 608 -2.31 16.33 20.05
N GLY A 609 -2.11 16.36 18.74
CA GLY A 609 -3.01 15.68 17.80
C GLY A 609 -3.12 14.19 18.07
N LEU A 610 -1.99 13.53 18.33
CA LEU A 610 -1.97 12.09 18.61
C LEU A 610 -2.71 11.75 19.89
N PHE A 611 -2.41 12.50 20.95
CA PHE A 611 -3.03 12.38 22.25
C PHE A 611 -4.53 12.55 22.19
N LEU A 612 -4.99 13.67 21.62
CA LEU A 612 -6.42 13.95 21.53
C LEU A 612 -7.16 12.90 20.72
N THR A 613 -6.55 12.51 19.59
CA THR A 613 -7.06 11.43 18.75
C THR A 613 -7.15 10.11 19.52
N THR A 614 -6.06 9.74 20.19
CA THR A 614 -6.00 8.49 20.96
C THR A 614 -7.00 8.44 22.11
N CYS A 615 -7.11 9.54 22.86
CA CYS A 615 -7.96 9.59 24.05
C CYS A 615 -9.43 9.42 23.69
N LEU A 616 -9.87 10.21 22.71
CA LEU A 616 -11.27 10.20 22.29
C LEU A 616 -11.66 8.87 21.67
N LEU A 617 -10.70 8.21 21.03
CA LEU A 617 -10.91 6.94 20.34
C LEU A 617 -11.02 5.77 21.33
N PHE A 618 -10.15 5.73 22.34
CA PHE A 618 -10.26 4.75 23.43
C PHE A 618 -11.56 4.93 24.23
N LYS A 619 -11.91 6.18 24.52
CA LYS A 619 -13.10 6.52 25.29
C LYS A 619 -14.41 6.37 24.51
N HIS A 620 -14.34 6.24 23.18
CA HIS A 620 -15.52 6.41 22.33
C HIS A 620 -16.72 5.53 22.70
N ASP A 621 -17.87 6.19 22.87
CA ASP A 621 -19.16 5.54 23.08
C ASP A 621 -19.20 4.53 24.24
N ASN A 622 -18.40 4.76 25.29
CA ASN A 622 -18.19 3.81 26.38
C ASN A 622 -18.38 4.47 27.76
N PRO A 623 -19.54 4.27 28.41
CA PRO A 623 -19.74 4.86 29.74
C PRO A 623 -18.93 4.22 30.88
N THR A 624 -18.36 3.02 30.67
CA THR A 624 -17.58 2.35 31.72
C THR A 624 -16.25 3.02 32.05
N LEU A 625 -15.45 3.27 31.02
CA LEU A 625 -14.06 3.73 31.17
C LEU A 625 -13.97 5.13 31.78
N VAL A 626 -12.87 5.42 32.48
CA VAL A 626 -12.66 6.73 33.13
C VAL A 626 -11.62 7.53 32.36
N MET A 627 -12.00 8.75 31.95
CA MET A 627 -11.20 9.55 31.03
C MET A 627 -9.83 9.92 31.61
N SER A 628 -9.77 10.16 32.92
CA SER A 628 -8.52 10.42 33.63
C SER A 628 -7.48 9.32 33.40
N ASP A 629 -7.90 8.05 33.49
CA ASP A 629 -7.02 6.87 33.29
C ASP A 629 -6.55 6.68 31.84
N ILE A 630 -7.42 7.00 30.89
CA ILE A 630 -7.06 7.01 29.48
C ILE A 630 -5.92 8.01 29.21
N MET A 631 -6.12 9.25 29.63
CA MET A 631 -5.14 10.31 29.43
C MET A 631 -3.78 9.95 30.02
N ASN A 632 -3.78 9.32 31.18
CA ASN A 632 -2.54 8.90 31.82
C ASN A 632 -1.76 7.86 30.99
N PHE A 633 -2.47 6.97 30.30
CA PHE A 633 -1.85 6.00 29.39
C PHE A 633 -1.45 6.66 28.08
N SER A 634 -2.38 7.41 27.49
CA SER A 634 -2.20 8.05 26.18
C SER A 634 -1.06 9.07 26.11
N ILE A 635 -0.84 9.81 27.20
CA ILE A 635 0.21 10.86 27.24
C ILE A 635 1.61 10.25 27.07
N TYR A 636 1.86 9.11 27.71
CA TYR A 636 3.14 8.40 27.58
C TYR A 636 3.27 7.68 26.22
N THR A 637 2.16 7.23 25.64
CA THR A 637 2.19 6.63 24.28
C THR A 637 2.38 7.72 23.24
N SER A 638 1.67 8.83 23.38
CA SER A 638 1.77 9.93 22.42
C SER A 638 3.13 10.61 22.39
N LEU A 639 3.95 10.39 23.42
CA LEU A 639 5.26 11.03 23.51
C LEU A 639 6.43 10.06 23.52
N SER A 640 6.18 8.75 23.28
CA SER A 640 7.26 7.77 23.11
C SER A 640 7.92 8.01 21.77
N ILE A 641 9.21 8.32 21.81
CA ILE A 641 9.97 8.56 20.58
C ILE A 641 11.26 7.74 20.68
N THR A 642 11.10 6.52 21.20
CA THR A 642 12.21 5.70 21.66
C THR A 642 11.83 4.24 21.55
N LYS A 643 12.80 3.39 21.24
CA LYS A 643 12.59 1.97 20.90
C LYS A 643 11.92 1.09 21.94
N SER A 644 11.96 1.49 23.21
CA SER A 644 11.42 0.65 24.28
C SER A 644 9.97 0.23 24.04
N VAL A 645 9.14 1.21 23.73
CA VAL A 645 7.72 0.97 23.44
C VAL A 645 7.50 0.20 22.13
N LEU A 646 8.40 0.34 21.14
CA LEU A 646 8.31 -0.48 19.91
C LEU A 646 8.35 -1.98 20.19
N SER A 647 9.07 -2.38 21.24
CA SER A 647 9.22 -3.79 21.60
C SER A 647 7.95 -4.46 22.16
N LEU A 648 6.94 -3.66 22.51
CA LEU A 648 5.72 -4.16 23.17
C LEU A 648 4.43 -4.07 22.34
N THR A 649 4.31 -3.09 21.45
CA THR A 649 3.03 -2.75 20.81
C THR A 649 2.53 -3.76 19.78
N GLU A 650 3.39 -4.22 18.89
CA GLU A 650 2.95 -5.22 17.90
C GLU A 650 2.95 -6.64 18.46
N PRO A 651 3.93 -7.01 19.31
CA PRO A 651 3.82 -8.34 19.93
C PRO A 651 2.56 -8.53 20.80
N ALA A 652 2.14 -7.49 21.52
CA ALA A 652 0.82 -7.47 22.18
C ALA A 652 -0.30 -8.15 21.36
N ARG A 653 -0.34 -7.87 20.05
CA ARG A 653 -1.28 -8.52 19.16
C ARG A 653 -1.20 -10.04 19.23
N TYR A 654 0.00 -10.58 19.05
CA TYR A 654 0.19 -12.02 18.96
C TYR A 654 0.01 -12.70 20.33
N MET A 655 0.58 -12.10 21.37
CA MET A 655 0.46 -12.64 22.72
C MET A 655 -1.00 -12.76 23.16
N ILE A 656 -1.73 -11.64 23.13
CA ILE A 656 -3.11 -11.59 23.58
C ILE A 656 -4.04 -12.41 22.68
N MET A 657 -3.87 -12.33 21.37
CA MET A 657 -4.73 -13.07 20.45
C MET A 657 -4.48 -14.56 20.51
N ASN A 658 -3.22 -14.98 20.58
CA ASN A 658 -2.89 -16.39 20.85
C ASN A 658 -3.49 -16.86 22.18
N SER A 659 -3.51 -15.98 23.18
CA SER A 659 -4.04 -16.31 24.51
C SER A 659 -5.55 -16.54 24.58
N LEU A 660 -6.34 -15.96 23.67
CA LEU A 660 -7.81 -16.20 23.63
C LEU A 660 -8.27 -17.04 22.46
N ALA A 661 -7.34 -17.46 21.61
CA ALA A 661 -7.65 -18.31 20.47
C ALA A 661 -8.23 -19.66 20.88
N ILE A 662 -8.86 -20.34 19.92
CA ILE A 662 -9.23 -21.75 20.06
C ILE A 662 -7.95 -22.59 19.99
N SER A 663 -7.15 -22.38 18.96
CA SER A 663 -5.83 -23.02 18.85
C SER A 663 -4.78 -21.97 18.55
N SER A 664 -3.64 -22.08 19.24
CA SER A 664 -2.56 -21.10 19.16
C SER A 664 -1.25 -21.76 19.62
N ASN A 665 -0.22 -20.94 19.80
CA ASN A 665 0.96 -21.35 20.52
C ASN A 665 1.54 -20.17 21.30
N VAL A 666 0.81 -19.79 22.36
CA VAL A 666 1.19 -18.66 23.23
C VAL A 666 2.53 -18.92 23.89
N LYS A 667 2.78 -20.18 24.25
CA LYS A 667 4.04 -20.55 24.89
C LYS A 667 5.22 -20.20 24.00
N ASP A 668 5.25 -20.80 22.81
CA ASP A 668 6.37 -20.62 21.90
C ASP A 668 6.51 -19.18 21.39
N TYR A 669 5.41 -18.45 21.23
CA TYR A 669 5.54 -17.04 20.83
C TYR A 669 6.28 -16.27 21.90
N ILE A 670 5.80 -16.35 23.14
CA ILE A 670 6.41 -15.59 24.24
C ILE A 670 7.82 -16.11 24.49
N ALA A 671 7.98 -17.43 24.45
CA ALA A 671 9.29 -18.08 24.65
C ALA A 671 10.33 -17.66 23.62
N GLU A 672 9.99 -17.78 22.33
CA GLU A 672 10.96 -17.59 21.25
C GLU A 672 11.09 -16.15 20.77
N LYS A 673 9.96 -15.44 20.63
CA LYS A 673 9.92 -14.17 19.89
C LYS A 673 9.81 -12.91 20.76
N PHE A 674 8.99 -12.94 21.82
CA PHE A 674 8.73 -11.73 22.62
C PHE A 674 9.97 -11.26 23.35
N SER A 675 10.40 -10.04 23.06
CA SER A 675 11.62 -9.50 23.62
C SER A 675 11.40 -8.09 24.15
N PRO A 676 10.84 -7.98 25.38
CA PRO A 676 10.78 -6.71 26.10
C PRO A 676 12.12 -5.98 26.09
N TYR A 677 12.05 -4.67 25.92
CA TYR A 677 13.22 -3.83 25.82
C TYR A 677 12.88 -2.62 26.67
N THR A 678 12.97 -2.80 27.99
CA THR A 678 12.46 -1.82 28.97
C THR A 678 13.56 -0.92 29.53
N LYS A 679 13.88 0.13 28.80
CA LYS A 679 14.81 1.15 29.27
C LYS A 679 14.08 2.30 29.99
N THR A 680 12.77 2.17 30.09
CA THR A 680 11.87 3.28 30.38
C THR A 680 10.86 2.77 31.41
N LEU A 681 10.59 3.55 32.45
CA LEU A 681 9.69 3.08 33.51
C LEU A 681 8.28 2.82 32.97
N PHE A 682 7.84 3.65 32.04
CA PHE A 682 6.56 3.43 31.38
C PHE A 682 6.51 2.09 30.62
N SER A 683 7.65 1.64 30.10
CA SER A 683 7.70 0.38 29.36
C SER A 683 7.71 -0.80 30.32
N VAL A 684 8.25 -0.61 31.53
CA VAL A 684 8.10 -1.58 32.62
C VAL A 684 6.62 -1.70 33.04
N TYR A 685 5.95 -0.55 33.19
CA TYR A 685 4.52 -0.53 33.51
C TYR A 685 3.69 -1.21 32.41
N MET A 686 4.07 -0.98 31.15
CA MET A 686 3.31 -1.50 30.02
C MET A 686 3.53 -3.00 29.82
N THR A 687 4.77 -3.46 29.97
CA THR A 687 5.07 -4.91 29.90
C THR A 687 4.19 -5.72 30.86
N ARG A 688 3.87 -5.13 32.01
CA ARG A 688 2.94 -5.72 32.96
C ARG A 688 1.50 -5.77 32.40
N LEU A 689 0.99 -4.61 31.96
CA LEU A 689 -0.37 -4.54 31.41
C LEU A 689 -0.62 -5.60 30.33
N ILE A 690 0.42 -5.87 29.53
CA ILE A 690 0.42 -6.94 28.52
C ILE A 690 0.32 -8.34 29.12
N LYS A 691 1.19 -8.64 30.08
CA LYS A 691 1.16 -9.92 30.81
C LYS A 691 -0.23 -10.18 31.39
N ASN A 692 -0.73 -9.21 32.16
CA ASN A 692 -2.05 -9.31 32.78
C ASN A 692 -3.11 -9.62 31.73
N ALA A 693 -3.08 -8.86 30.64
CA ALA A 693 -3.99 -9.03 29.52
C ALA A 693 -3.94 -10.43 28.88
N CYS A 694 -2.77 -11.08 28.85
CA CYS A 694 -2.68 -12.46 28.33
C CYS A 694 -3.49 -13.46 29.16
N PHE A 695 -3.35 -13.38 30.48
CA PHE A 695 -4.14 -14.21 31.38
C PHE A 695 -5.63 -13.85 31.30
N ASP A 696 -5.93 -12.55 31.41
CA ASP A 696 -7.31 -12.04 31.28
C ASP A 696 -7.98 -12.46 29.96
N ALA A 697 -7.16 -12.58 28.91
CA ALA A 697 -7.63 -13.04 27.60
C ALA A 697 -8.04 -14.50 27.66
N TYR A 698 -7.21 -15.34 28.27
CA TYR A 698 -7.58 -16.73 28.47
C TYR A 698 -8.85 -16.84 29.32
N ASP A 699 -8.89 -16.12 30.43
CA ASP A 699 -10.05 -16.15 31.35
C ASP A 699 -11.40 -15.81 30.71
N GLN A 700 -11.41 -15.04 29.63
CA GLN A 700 -12.66 -14.74 28.94
C GLN A 700 -12.71 -15.32 27.53
N ARG A 701 -11.92 -16.37 27.30
CA ARG A 701 -11.84 -17.05 26.00
C ARG A 701 -13.19 -17.53 25.54
N GLN A 702 -14.01 -18.08 26.43
CA GLN A 702 -15.36 -18.55 26.09
C GLN A 702 -16.35 -17.40 25.88
N ARG A 703 -16.07 -16.22 26.44
CA ARG A 703 -16.88 -15.03 26.15
C ARG A 703 -16.68 -14.47 24.73
N VAL A 704 -15.56 -14.81 24.08
CA VAL A 704 -15.28 -14.37 22.70
C VAL A 704 -15.79 -15.40 21.70
N GLN A 705 -15.42 -16.66 21.88
CA GLN A 705 -15.79 -17.73 20.95
C GLN A 705 -17.24 -18.13 21.16
N LEU A 706 -17.91 -18.52 20.07
CA LEU A 706 -19.32 -18.98 20.10
C LEU A 706 -19.55 -20.25 20.94
N ARG A 707 -20.83 -20.60 21.11
CA ARG A 707 -21.24 -21.85 21.74
C ARG A 707 -22.52 -22.39 21.08
N GLN A 718 -25.93 -11.64 12.89
CA GLN A 718 -25.54 -12.55 13.97
C GLN A 718 -25.14 -11.78 15.23
N LYS A 719 -24.92 -12.51 16.33
CA LYS A 719 -24.83 -11.92 17.69
C LYS A 719 -23.61 -11.02 17.97
N GLY A 720 -22.61 -11.01 17.09
CA GLY A 720 -21.54 -10.01 17.13
C GLY A 720 -21.97 -8.59 16.76
N ILE A 721 -23.09 -8.47 16.04
CA ILE A 721 -23.67 -7.17 15.66
C ILE A 721 -24.18 -6.46 16.93
N LYS A 722 -25.01 -7.17 17.70
CA LYS A 722 -25.46 -6.71 19.02
C LYS A 722 -24.29 -6.84 20.01
N ASP A 723 -23.53 -5.77 20.17
CA ASP A 723 -22.25 -5.79 20.89
C ASP A 723 -22.47 -5.35 22.34
N ASN A 724 -22.31 -6.28 23.29
CA ASN A 724 -22.43 -5.99 24.73
C ASN A 724 -21.06 -6.01 25.43
N ARG A 725 -20.99 -5.37 26.61
CA ARG A 725 -19.72 -5.02 27.28
C ARG A 725 -19.30 -6.07 28.30
N GLU A 726 -18.95 -7.25 27.81
CA GLU A 726 -18.66 -8.40 28.68
C GLU A 726 -17.17 -8.69 28.91
N LEU A 727 -16.28 -7.97 28.22
CA LEU A 727 -14.84 -8.24 28.31
C LEU A 727 -14.09 -7.25 29.21
N THR A 728 -12.97 -7.71 29.76
CA THR A 728 -12.13 -6.90 30.63
C THR A 728 -11.16 -6.05 29.80
N SER A 729 -11.14 -4.74 30.06
CA SER A 729 -10.28 -3.78 29.34
C SER A 729 -8.79 -4.06 29.60
N ILE A 730 -7.93 -3.68 28.66
CA ILE A 730 -6.49 -4.03 28.70
C ILE A 730 -5.59 -2.97 29.34
N TRP A 731 -5.62 -1.76 28.79
CA TRP A 731 -4.65 -0.68 29.12
C TRP A 731 -5.08 0.22 30.30
N PHE A 732 -6.37 0.18 30.64
CA PHE A 732 -6.92 0.90 31.79
C PHE A 732 -8.13 0.13 32.29
N PRO A 733 -8.49 0.29 33.58
CA PRO A 733 -9.55 -0.55 34.14
C PRO A 733 -10.94 -0.17 33.60
N GLY A 734 -11.77 -1.18 33.39
CA GLY A 734 -13.12 -1.01 32.88
C GLY A 734 -13.61 -2.21 32.10
N SER A 735 -14.65 -1.99 31.30
CA SER A 735 -15.32 -3.04 30.53
C SER A 735 -15.53 -2.53 29.12
N VAL A 736 -15.50 -3.47 28.18
CA VAL A 736 -15.23 -3.19 26.78
C VAL A 736 -15.91 -4.23 25.87
N THR A 737 -16.46 -3.79 24.73
CA THR A 737 -17.02 -4.72 23.73
C THR A 737 -15.91 -5.39 22.93
N LEU A 738 -16.27 -6.41 22.13
CA LEU A 738 -15.28 -7.10 21.28
C LEU A 738 -14.63 -6.12 20.30
N LYS A 739 -15.42 -5.32 19.60
CA LYS A 739 -14.85 -4.30 18.69
C LYS A 739 -13.90 -3.34 19.41
N GLU A 740 -14.31 -2.89 20.60
CA GLU A 740 -13.49 -2.00 21.42
C GLU A 740 -12.26 -2.72 22.02
N TYR A 741 -12.39 -4.03 22.20
CA TYR A 741 -11.31 -4.88 22.69
C TYR A 741 -10.25 -5.12 21.63
N LEU A 742 -10.67 -5.31 20.38
CA LEU A 742 -9.72 -5.44 19.25
C LEU A 742 -9.01 -4.11 18.94
N THR A 743 -9.77 -3.01 19.02
CA THR A 743 -9.19 -1.67 18.88
C THR A 743 -8.13 -1.40 19.93
N GLN A 744 -8.32 -1.88 21.15
CA GLN A 744 -7.29 -1.75 22.16
C GLN A 744 -6.06 -2.60 21.85
N ILE A 745 -6.25 -3.79 21.27
CA ILE A 745 -5.14 -4.71 20.98
C ILE A 745 -4.31 -4.27 19.77
N TYR A 746 -4.98 -3.83 18.72
CA TYR A 746 -4.33 -3.54 17.43
C TYR A 746 -3.92 -2.06 17.23
N LEU A 747 -4.57 -1.12 17.91
CA LEU A 747 -4.18 0.29 17.75
C LEU A 747 -2.74 0.60 18.22
N PRO A 748 -2.31 0.11 19.39
CA PRO A 748 -0.96 0.42 19.92
C PRO A 748 0.20 0.37 18.93
N PHE A 749 0.20 -0.63 18.05
CA PHE A 749 1.19 -0.71 16.95
C PHE A 749 1.35 0.62 16.21
N TYR A 750 0.25 1.33 16.03
CA TYR A 750 0.23 2.59 15.28
C TYR A 750 0.70 3.81 16.08
N PHE A 751 1.00 3.64 17.37
CA PHE A 751 1.75 4.65 18.15
C PHE A 751 3.24 4.63 17.80
N ASN A 752 3.69 3.54 17.18
CA ASN A 752 5.07 3.42 16.76
C ASN A 752 5.40 4.43 15.66
N ALA A 753 6.42 5.25 15.89
CA ALA A 753 6.91 6.17 14.88
C ALA A 753 7.84 5.48 13.88
N LYS A 754 7.82 5.97 12.64
CA LYS A 754 8.84 5.60 11.63
C LYS A 754 10.21 6.18 12.04
N GLY A 755 11.26 5.68 11.39
CA GLY A 755 12.59 6.29 11.45
C GLY A 755 13.32 6.34 12.78
N LEU A 756 12.88 5.55 13.76
CA LEU A 756 13.54 5.50 15.06
C LEU A 756 14.83 4.70 15.02
N HIS A 757 15.01 3.85 14.00
CA HIS A 757 16.20 3.01 13.89
C HIS A 757 17.43 3.80 13.53
N GLU A 758 18.59 3.19 13.75
CA GLU A 758 19.87 3.77 13.36
C GLU A 758 20.46 2.93 12.23
N LYS A 759 20.69 3.56 11.07
CA LYS A 759 21.24 2.89 9.88
C LYS A 759 22.46 2.05 10.21
N HIS A 760 23.41 2.64 10.94
CA HIS A 760 24.60 1.95 11.48
C HIS A 760 24.33 0.53 11.99
N HIS A 761 23.28 0.40 12.81
CA HIS A 761 22.93 -0.88 13.46
C HIS A 761 22.05 -1.77 12.59
N VAL A 762 21.11 -1.18 11.86
CA VAL A 762 20.17 -1.93 11.03
C VAL A 762 20.91 -2.63 9.89
N MET A 763 21.70 -1.86 9.13
CA MET A 763 22.49 -2.40 8.01
C MET A 763 23.23 -3.69 8.37
N VAL A 764 23.77 -3.75 9.59
CA VAL A 764 24.49 -4.92 10.08
C VAL A 764 23.55 -6.08 10.38
N ASP A 765 22.46 -5.81 11.09
CA ASP A 765 21.49 -6.86 11.44
C ASP A 765 20.87 -7.53 10.20
N LEU A 766 20.58 -6.72 9.18
CA LEU A 766 19.99 -7.21 7.93
C LEU A 766 20.99 -8.05 7.15
N ALA A 767 22.19 -7.48 6.98
CA ALA A 767 23.28 -8.16 6.27
C ALA A 767 23.60 -9.51 6.86
N LYS A 768 23.57 -9.62 8.19
CA LYS A 768 23.94 -10.87 8.83
C LYS A 768 22.82 -11.90 8.89
N THR A 769 21.56 -11.49 8.99
CA THR A 769 20.44 -12.47 8.93
C THR A 769 20.28 -13.06 7.52
N ILE A 770 20.56 -12.26 6.48
CA ILE A 770 20.55 -12.73 5.07
C ILE A 770 21.64 -13.77 4.83
N LEU A 771 22.82 -13.47 5.36
CA LEU A 771 23.98 -14.35 5.21
C LEU A 771 23.90 -15.59 6.11
N GLU A 772 23.31 -15.45 7.30
CA GLU A 772 23.02 -16.59 8.18
C GLU A 772 22.05 -17.58 7.53
N ILE A 773 21.00 -17.06 6.91
CA ILE A 773 20.05 -17.89 6.16
C ILE A 773 20.75 -18.57 4.98
N GLU A 774 21.67 -17.85 4.32
CA GLU A 774 22.43 -18.41 3.21
C GLU A 774 23.39 -19.49 3.70
N CYS A 775 24.17 -19.18 4.74
CA CYS A 775 25.16 -20.12 5.28
C CYS A 775 24.52 -21.41 5.81
N GLU A 776 23.38 -21.26 6.47
CA GLU A 776 22.58 -22.39 6.92
C GLU A 776 22.23 -23.30 5.74
N GLN A 777 21.67 -22.71 4.68
CA GLN A 777 21.30 -23.46 3.48
C GLN A 777 22.49 -24.11 2.79
N ARG A 778 23.55 -23.34 2.58
CA ARG A 778 24.83 -23.83 2.03
C ARG A 778 25.35 -25.10 2.72
N GLU A 779 25.28 -25.14 4.06
CA GLU A 779 25.83 -26.26 4.84
C GLU A 779 24.85 -27.42 5.07
N ASN A 780 23.59 -27.12 5.38
CA ASN A 780 22.62 -28.13 5.83
C ASN A 780 21.52 -28.52 4.86
N ILE A 781 21.12 -27.62 3.96
CA ILE A 781 19.97 -27.85 3.10
C ILE A 781 20.42 -28.33 1.72
N LYS A 782 20.31 -29.63 1.48
CA LYS A 782 20.76 -30.25 0.22
C LYS A 782 19.62 -30.69 -0.69
N GLU A 783 18.70 -31.50 -0.16
CA GLU A 783 17.62 -32.03 -0.99
C GLU A 783 16.61 -30.94 -1.40
N ILE A 784 16.16 -31.02 -2.66
CA ILE A 784 15.18 -30.11 -3.25
C ILE A 784 13.78 -30.69 -3.06
N TRP A 785 13.63 -31.97 -3.36
CA TRP A 785 12.33 -32.62 -3.30
C TRP A 785 12.26 -33.57 -2.11
N SER A 786 11.05 -33.84 -1.63
CA SER A 786 10.82 -34.89 -0.63
C SER A 786 9.34 -35.30 -0.56
N THR A 787 9.05 -36.31 0.26
CA THR A 787 7.70 -36.84 0.46
C THR A 787 7.27 -36.92 1.93
N ASN A 788 8.04 -36.29 2.83
CA ASN A 788 7.76 -36.34 4.27
C ASN A 788 7.84 -34.95 4.94
N CYS A 789 7.70 -33.90 4.13
CA CYS A 789 7.82 -32.51 4.57
C CYS A 789 9.14 -32.19 5.26
N THR A 790 10.24 -32.47 4.55
CA THR A 790 11.56 -32.01 4.99
C THR A 790 11.57 -30.48 4.89
N LYS A 791 12.29 -29.84 5.80
CA LYS A 791 12.43 -28.38 5.80
C LYS A 791 12.99 -27.92 4.45
N GLN A 792 12.34 -26.92 3.86
CA GLN A 792 12.75 -26.33 2.59
C GLN A 792 12.80 -27.35 1.46
N THR A 793 11.68 -28.05 1.26
CA THR A 793 11.51 -28.95 0.12
C THR A 793 10.10 -28.84 -0.43
N VAL A 794 9.89 -29.45 -1.60
CA VAL A 794 8.60 -29.53 -2.24
C VAL A 794 8.31 -30.98 -2.60
N ASN A 795 7.04 -31.37 -2.50
CA ASN A 795 6.61 -32.68 -2.99
C ASN A 795 6.41 -32.55 -4.48
N LEU A 796 7.39 -33.06 -5.23
CA LEU A 796 7.52 -32.82 -6.65
C LEU A 796 6.30 -33.20 -7.50
N LYS A 797 5.80 -34.41 -7.28
CA LYS A 797 4.69 -34.92 -8.07
C LYS A 797 3.37 -34.26 -7.67
N ILE A 798 3.27 -33.87 -6.40
CA ILE A 798 2.07 -33.18 -5.92
C ILE A 798 2.09 -31.74 -6.44
N LEU A 799 3.26 -31.11 -6.47
CA LEU A 799 3.44 -29.81 -7.09
C LEU A 799 3.03 -29.84 -8.56
N ILE A 800 3.64 -30.74 -9.33
CA ILE A 800 3.36 -30.86 -10.77
C ILE A 800 1.87 -31.08 -11.05
N HIS A 801 1.25 -32.00 -10.32
CA HIS A 801 -0.16 -32.30 -10.55
C HIS A 801 -1.07 -31.14 -10.19
N SER A 802 -0.80 -30.47 -9.07
CA SER A 802 -1.63 -29.34 -8.64
C SER A 802 -1.53 -28.18 -9.62
N LEU A 803 -0.30 -27.86 -10.02
CA LEU A 803 -0.06 -26.82 -11.01
C LEU A 803 -0.82 -27.11 -12.31
N CYS A 804 -0.77 -28.35 -12.79
CA CYS A 804 -1.50 -28.71 -14.00
C CYS A 804 -2.99 -28.42 -13.83
N LYS A 805 -3.56 -28.86 -12.73
CA LYS A 805 -5.00 -28.69 -12.50
C LYS A 805 -5.39 -27.22 -12.42
N ASN A 806 -4.55 -26.44 -11.74
CA ASN A 806 -4.78 -25.00 -11.57
C ASN A 806 -4.60 -24.20 -12.85
N LEU A 807 -3.52 -24.47 -13.60
CA LEU A 807 -3.28 -23.77 -14.86
C LEU A 807 -4.38 -24.08 -15.86
N LEU A 808 -4.81 -25.34 -15.91
CA LEU A 808 -5.95 -25.73 -16.74
C LEU A 808 -7.21 -24.93 -16.37
N ALA A 809 -7.50 -24.86 -15.07
CA ALA A 809 -8.69 -24.16 -14.56
C ALA A 809 -8.67 -22.66 -14.79
N ASP A 810 -7.54 -22.04 -14.42
CA ASP A 810 -7.38 -20.59 -14.48
C ASP A 810 -7.26 -20.09 -15.91
N THR A 811 -6.48 -20.77 -16.75
CA THR A 811 -6.45 -20.45 -18.19
C THR A 811 -7.83 -20.59 -18.84
N SER A 812 -8.54 -21.65 -18.51
CA SER A 812 -9.88 -21.91 -19.07
C SER A 812 -10.88 -20.79 -18.88
N ARG A 813 -10.81 -20.05 -17.78
CA ARG A 813 -11.81 -19.01 -17.53
C ARG A 813 -11.47 -17.63 -18.11
N HIS A 814 -10.42 -17.55 -18.93
CA HIS A 814 -10.27 -16.44 -19.89
C HIS A 814 -9.50 -16.85 -21.15
N ASN A 815 -10.17 -16.72 -22.29
CA ASN A 815 -9.68 -17.22 -23.57
C ASN A 815 -8.61 -16.36 -24.28
N HIS A 816 -8.56 -15.05 -23.98
CA HIS A 816 -7.53 -14.14 -24.54
C HIS A 816 -6.43 -13.75 -23.53
N LEU A 817 -6.04 -14.67 -22.65
CA LEU A 817 -5.21 -14.32 -21.49
C LEU A 817 -3.91 -13.64 -21.87
N ARG A 818 -3.19 -14.25 -22.81
CA ARG A 818 -1.91 -13.70 -23.30
C ARG A 818 -2.09 -12.31 -23.88
N ASN A 819 -3.24 -12.08 -24.51
CA ASN A 819 -3.60 -10.74 -24.99
C ASN A 819 -3.85 -9.75 -23.84
N ARG A 820 -4.60 -10.19 -22.82
CA ARG A 820 -4.85 -9.40 -21.59
C ARG A 820 -3.54 -8.99 -20.92
N ILE A 821 -2.60 -9.92 -20.84
CA ILE A 821 -1.27 -9.66 -20.28
C ILE A 821 -0.54 -8.57 -21.09
N GLU A 822 -0.62 -8.67 -22.42
CA GLU A 822 0.03 -7.71 -23.30
C GLU A 822 -0.54 -6.29 -23.21
N ASN A 823 -1.85 -6.17 -23.12
CA ASN A 823 -2.53 -4.86 -23.14
C ASN A 823 -2.42 -4.14 -21.83
N ARG A 824 -2.82 -4.83 -20.76
CA ARG A 824 -2.82 -4.24 -19.42
C ARG A 824 -1.43 -3.84 -18.93
N ASN A 825 -0.39 -4.55 -19.38
CA ASN A 825 0.99 -4.28 -18.97
C ASN A 825 1.89 -3.76 -20.12
N ASN A 826 1.27 -3.26 -21.19
CA ASN A 826 1.95 -2.52 -22.26
C ASN A 826 3.20 -3.22 -22.90
N PHE A 827 3.11 -4.54 -23.06
CA PHE A 827 4.18 -5.35 -23.67
C PHE A 827 4.48 -4.89 -25.09
N ARG A 828 3.43 -4.56 -25.83
CA ARG A 828 3.54 -4.15 -27.23
C ARG A 828 4.15 -2.75 -27.38
N ARG A 829 3.83 -1.85 -26.44
CA ARG A 829 4.28 -0.46 -26.51
C ARG A 829 5.76 -0.27 -26.15
N SER A 830 6.27 0.93 -26.40
CA SER A 830 7.66 1.27 -26.10
C SER A 830 7.91 1.30 -24.60
N ILE A 831 9.14 0.94 -24.21
CA ILE A 831 9.58 0.94 -22.80
C ILE A 831 9.38 2.29 -22.10
N THR A 832 9.44 3.37 -22.86
CA THR A 832 9.31 4.73 -22.32
C THR A 832 7.87 5.13 -21.96
N THR A 833 6.88 4.36 -22.42
CA THR A 833 5.48 4.61 -22.05
C THR A 833 5.07 3.89 -20.75
N ILE A 834 5.98 3.14 -20.14
CA ILE A 834 5.66 2.35 -18.95
C ILE A 834 6.02 3.16 -17.72
N SER A 835 5.09 3.25 -16.77
CA SER A 835 5.21 4.15 -15.64
C SER A 835 6.33 3.75 -14.67
N THR A 836 6.51 2.44 -14.50
CA THR A 836 7.51 1.91 -13.56
C THR A 836 8.93 1.90 -14.13
N PHE A 837 9.05 1.87 -15.46
CA PHE A 837 10.38 1.87 -16.13
C PHE A 837 10.98 3.26 -16.33
N THR A 838 10.26 4.30 -15.91
CA THR A 838 10.69 5.70 -16.03
C THR A 838 10.51 6.46 -14.72
N SER A 839 10.55 5.75 -13.60
CA SER A 839 10.22 6.32 -12.27
C SER A 839 11.42 7.03 -11.67
N SER A 840 11.24 7.60 -10.47
CA SER A 840 12.33 8.18 -9.69
C SER A 840 12.91 7.22 -8.62
N LYS A 841 12.65 5.93 -8.74
CA LYS A 841 13.12 4.95 -7.76
C LYS A 841 14.61 4.72 -7.88
N SER A 842 15.23 4.16 -6.85
CA SER A 842 16.64 3.77 -6.93
C SER A 842 16.86 2.62 -7.91
N CYS A 843 18.10 2.47 -8.35
CA CYS A 843 18.44 1.56 -9.42
C CYS A 843 19.94 1.34 -9.41
N LEU A 844 20.36 0.09 -9.29
CA LEU A 844 21.78 -0.25 -9.23
C LEU A 844 22.41 -0.26 -10.64
N LYS A 845 23.67 0.13 -10.75
CA LYS A 845 24.45 -0.08 -11.99
C LYS A 845 25.90 -0.42 -11.69
N ILE A 846 26.39 -1.49 -12.31
CA ILE A 846 27.73 -2.05 -12.05
C ILE A 846 28.70 -1.54 -13.11
N GLY A 847 29.94 -1.28 -12.69
CA GLY A 847 30.96 -0.77 -13.61
C GLY A 847 32.15 -0.19 -12.86
N ASP A 848 33.02 0.50 -13.59
CA ASP A 848 34.21 1.14 -13.01
C ASP A 848 33.89 2.60 -12.66
N PHE A 849 33.91 2.91 -11.36
CA PHE A 849 33.66 4.26 -10.85
C PHE A 849 34.71 4.64 -9.81
N ARG A 850 35.95 4.17 -9.97
CA ARG A 850 36.99 4.43 -8.99
C ARG A 850 37.32 5.93 -8.93
N LYS A 851 37.38 6.59 -10.09
CA LYS A 851 37.72 8.03 -10.16
C LYS A 851 36.64 8.96 -9.60
N GLU A 852 35.37 8.65 -9.89
CA GLU A 852 34.24 9.44 -9.38
C GLU A 852 34.08 9.32 -7.87
N LYS A 853 34.35 8.12 -7.35
CA LYS A 853 34.23 7.83 -5.90
C LYS A 853 35.43 8.31 -5.07
N GLU A 854 36.64 8.23 -5.63
CA GLU A 854 37.83 8.78 -4.97
C GLU A 854 37.78 10.31 -4.87
N LEU A 855 37.34 10.98 -5.94
CA LEU A 855 37.19 12.45 -5.95
C LEU A 855 35.97 12.97 -5.17
N GLN A 856 35.05 12.08 -4.80
CA GLN A 856 34.05 12.37 -3.76
C GLN A 856 34.69 12.35 -2.38
N SER A 857 35.51 11.32 -2.15
CA SER A 857 36.23 11.11 -0.89
C SER A 857 37.09 12.34 -0.54
N VAL A 858 37.89 12.80 -1.50
CA VAL A 858 38.79 13.94 -1.31
C VAL A 858 38.02 15.26 -1.12
N LYS A 859 36.90 15.42 -1.81
CA LYS A 859 36.05 16.61 -1.66
C LYS A 859 35.39 16.72 -0.28
N GLN A 860 34.98 15.58 0.28
CA GLN A 860 34.40 15.56 1.62
C GLN A 860 35.48 15.46 2.71
N LYS A 861 36.70 15.05 2.34
CA LYS A 861 37.86 15.17 3.23
C LYS A 861 38.19 16.64 3.48
N LYS A 862 38.40 17.39 2.39
CA LYS A 862 38.72 18.82 2.46
C LYS A 862 37.66 19.62 3.22
N ILE A 863 36.39 19.38 2.90
CA ILE A 863 35.29 20.16 3.47
C ILE A 863 34.95 19.76 4.92
N LEU A 864 35.31 18.52 5.32
CA LEU A 864 35.28 18.12 6.74
C LEU A 864 36.42 18.76 7.52
N GLU A 865 37.62 18.75 6.94
CA GLU A 865 38.79 19.41 7.52
C GLU A 865 38.66 20.93 7.59
N VAL A 866 37.95 21.52 6.62
CA VAL A 866 37.64 22.97 6.63
C VAL A 866 36.74 23.33 7.83
N GLN A 867 35.61 22.63 7.95
CA GLN A 867 34.67 22.88 9.05
C GLN A 867 35.15 22.36 10.41
N SER A 868 36.08 21.40 10.41
CA SER A 868 36.80 21.02 11.64
C SER A 868 37.73 22.14 12.13
N ARG A 869 38.52 22.70 11.21
CA ARG A 869 39.43 23.81 11.49
C ARG A 869 38.69 25.09 11.87
N LYS A 870 37.57 25.37 11.21
CA LYS A 870 36.70 26.52 11.55
C LYS A 870 35.97 26.34 12.89
N MET A 871 35.48 25.13 13.15
CA MET A 871 34.74 24.83 14.41
C MET A 871 35.55 25.11 15.67
N ARG A 872 36.89 25.02 15.60
CA ARG A 872 37.73 25.27 16.77
C ARG A 872 37.58 26.72 17.23
N LEU A 873 36.48 26.91 17.96
CA LEU A 873 35.90 28.19 18.34
C LEU A 873 35.52 28.10 19.83
N ALA A 874 34.74 27.07 20.18
CA ALA A 874 34.66 26.57 21.55
C ALA A 874 35.53 25.30 21.63
N ASN A 875 36.83 25.50 21.80
CA ASN A 875 37.78 24.39 21.90
C ASN A 875 37.66 23.67 23.25
N ASN A 892 37.32 7.15 4.87
CA ASN A 892 38.09 7.17 3.64
C ASN A 892 37.69 6.03 2.70
N TYR A 893 37.74 6.31 1.40
CA TYR A 893 37.44 5.33 0.34
C TYR A 893 38.69 4.74 -0.31
N GLU A 894 39.70 5.58 -0.57
CA GLU A 894 40.93 5.13 -1.23
C GLU A 894 41.54 3.91 -0.52
N MET A 895 41.46 3.90 0.81
CA MET A 895 41.97 2.80 1.63
C MET A 895 41.15 1.51 1.51
N LEU A 896 39.82 1.65 1.50
CA LEU A 896 38.89 0.50 1.36
C LEU A 896 39.23 -0.43 0.18
N ARG A 897 39.48 0.15 -0.98
CA ARG A 897 39.83 -0.60 -2.20
C ARG A 897 41.11 -1.43 -2.11
N ASN A 898 42.14 -0.86 -1.49
CA ASN A 898 43.40 -1.57 -1.25
C ASN A 898 43.17 -2.82 -0.39
N ALA A 899 42.31 -2.66 0.63
CA ALA A 899 41.95 -3.75 1.54
C ALA A 899 41.07 -4.85 0.92
N MET A 900 40.39 -4.55 -0.19
CA MET A 900 39.53 -5.52 -0.87
C MET A 900 40.02 -5.87 -2.27
N PRO A 901 40.78 -6.97 -2.41
CA PRO A 901 41.17 -7.44 -3.73
C PRO A 901 40.02 -7.82 -4.69
N ASN A 902 38.92 -8.38 -4.18
CA ASN A 902 37.78 -8.85 -5.02
C ASN A 902 36.51 -7.99 -4.89
N TYR A 903 36.71 -6.68 -4.79
CA TYR A 903 35.62 -5.71 -4.73
C TYR A 903 34.91 -5.64 -6.07
N THR A 904 33.61 -5.30 -6.03
CA THR A 904 32.77 -5.20 -7.22
C THR A 904 32.08 -3.85 -7.18
N ASP A 905 32.52 -2.93 -8.03
CA ASP A 905 32.07 -1.55 -7.94
C ASP A 905 30.70 -1.35 -8.59
N TYR A 906 29.98 -0.37 -8.05
CA TYR A 906 28.61 -0.07 -8.43
C TYR A 906 28.28 1.38 -8.08
N ILE A 907 27.11 1.83 -8.50
CA ILE A 907 26.54 3.09 -7.99
C ILE A 907 25.02 3.10 -8.19
N SER A 908 24.28 3.47 -7.15
CA SER A 908 22.83 3.56 -7.26
C SER A 908 22.49 4.88 -7.95
N THR A 909 21.42 4.86 -8.74
CA THR A 909 20.96 6.03 -9.47
C THR A 909 19.46 5.95 -9.66
N LYS A 910 18.86 6.95 -10.29
CA LYS A 910 17.42 6.94 -10.53
C LYS A 910 17.10 6.10 -11.76
N VAL A 911 15.95 5.45 -11.75
CA VAL A 911 15.53 4.52 -12.80
C VAL A 911 15.41 5.20 -14.16
N PHE A 912 14.79 6.37 -14.21
CA PHE A 912 14.62 7.10 -15.49
C PHE A 912 15.96 7.50 -16.08
N ASP A 913 16.92 7.79 -15.20
CA ASP A 913 18.27 8.16 -15.60
C ASP A 913 19.03 6.97 -16.17
N ARG A 914 18.93 5.81 -15.52
CA ARG A 914 19.53 4.58 -16.05
C ARG A 914 18.89 4.17 -17.38
N LEU A 915 17.61 4.50 -17.59
CA LEU A 915 16.98 4.29 -18.90
C LEU A 915 17.58 5.23 -19.93
N TYR A 916 17.65 6.52 -19.61
CA TYR A 916 18.31 7.50 -20.49
C TYR A 916 19.68 6.98 -20.92
N GLU A 917 20.50 6.59 -19.94
CA GLU A 917 21.85 6.11 -20.21
C GLU A 917 21.89 4.95 -21.21
N LEU A 918 21.07 3.93 -20.97
CA LEU A 918 21.04 2.73 -21.84
C LEU A 918 20.54 3.03 -23.25
N LEU A 919 19.61 3.98 -23.37
CA LEU A 919 19.12 4.45 -24.67
C LEU A 919 20.18 5.25 -25.43
N ASP A 920 20.93 6.09 -24.70
CA ASP A 920 22.02 6.88 -25.28
C ASP A 920 23.14 5.99 -25.85
N LYS A 921 23.53 4.97 -25.08
CA LYS A 921 24.56 4.01 -25.49
C LYS A 921 24.00 2.87 -26.35
N LYS A 922 22.70 2.95 -26.65
CA LYS A 922 22.01 2.09 -27.60
C LYS A 922 22.04 0.62 -27.20
N VAL A 923 21.91 0.37 -25.89
CA VAL A 923 21.69 -0.96 -25.35
C VAL A 923 20.21 -1.24 -25.44
N LEU A 924 19.40 -0.23 -25.17
CA LEU A 924 17.96 -0.31 -25.37
C LEU A 924 17.52 0.56 -26.56
N THR A 925 16.28 0.34 -27.00
CA THR A 925 15.69 0.91 -28.24
C THR A 925 14.26 1.34 -27.93
N ASP A 926 13.56 1.91 -28.91
CA ASP A 926 12.10 2.15 -28.81
C ASP A 926 11.24 1.03 -29.41
N LYS A 927 11.83 -0.16 -29.56
CA LYS A 927 11.09 -1.40 -29.86
C LYS A 927 10.17 -1.81 -28.71
N PRO A 928 9.11 -2.61 -28.99
CA PRO A 928 8.19 -3.13 -27.98
C PRO A 928 8.90 -3.69 -26.76
N VAL A 929 8.49 -3.26 -25.57
CA VAL A 929 9.23 -3.57 -24.34
C VAL A 929 9.51 -5.06 -24.18
N ILE A 930 8.50 -5.89 -24.40
CA ILE A 930 8.61 -7.34 -24.19
C ILE A 930 9.71 -7.98 -25.05
N GLU A 931 9.83 -7.55 -26.31
CA GLU A 931 10.88 -8.07 -27.21
C GLU A 931 12.28 -7.80 -26.67
N GLN A 932 12.44 -6.65 -26.02
CA GLN A 932 13.71 -6.26 -25.44
C GLN A 932 13.97 -6.97 -24.11
N ILE A 933 12.89 -7.19 -23.34
CA ILE A 933 12.97 -8.00 -22.13
C ILE A 933 13.44 -9.39 -22.50
N MET A 934 12.88 -9.92 -23.57
CA MET A 934 13.28 -11.21 -24.10
C MET A 934 14.75 -11.27 -24.49
N ASP A 935 15.28 -10.23 -25.12
CA ASP A 935 16.72 -10.20 -25.40
C ASP A 935 17.54 -10.05 -24.10
N MET A 936 17.07 -9.23 -23.17
CA MET A 936 17.80 -8.99 -21.91
C MET A 936 18.01 -10.26 -21.08
N MET A 937 17.01 -11.14 -21.09
CA MET A 937 17.06 -12.42 -20.35
C MET A 937 18.27 -13.27 -20.75
N ILE A 938 18.63 -13.23 -22.03
CA ILE A 938 19.85 -13.87 -22.54
C ILE A 938 21.08 -12.98 -22.34
N ASP A 939 20.94 -11.70 -22.65
CA ASP A 939 22.09 -10.78 -22.69
C ASP A 939 22.67 -10.49 -21.30
N HIS A 940 21.82 -10.36 -20.29
CA HIS A 940 22.27 -10.11 -18.92
C HIS A 940 22.49 -11.42 -18.15
N LYS A 941 23.75 -11.82 -18.03
CA LYS A 941 24.14 -13.09 -17.42
C LYS A 941 24.20 -12.93 -15.92
N LYS A 942 25.01 -11.96 -15.48
CA LYS A 942 25.36 -11.78 -14.08
C LYS A 942 24.40 -10.79 -13.42
N PHE A 943 23.76 -11.20 -12.32
CA PHE A 943 22.82 -10.35 -11.58
C PHE A 943 23.40 -9.92 -10.23
N TYR A 944 23.06 -8.68 -9.84
CA TYR A 944 23.60 -8.02 -8.65
C TYR A 944 22.51 -7.25 -7.95
N PHE A 945 22.47 -7.37 -6.63
CA PHE A 945 21.51 -6.63 -5.80
C PHE A 945 22.19 -6.07 -4.58
N THR A 946 21.61 -5.00 -4.05
CA THR A 946 22.00 -4.46 -2.76
C THR A 946 20.73 -4.04 -2.02
N PHE A 947 20.91 -3.44 -0.85
CA PHE A 947 19.78 -3.11 0.00
C PHE A 947 20.04 -1.86 0.80
N PHE A 948 18.97 -1.22 1.23
CA PHE A 948 19.02 -0.16 2.23
C PHE A 948 17.95 -0.47 3.28
N ASN A 949 17.84 0.39 4.30
CA ASN A 949 16.91 0.17 5.43
C ASN A 949 15.60 0.94 5.29
N LYS A 950 14.48 0.29 5.57
CA LYS A 950 13.17 0.91 5.38
C LYS A 950 12.85 1.98 6.44
N GLY A 951 13.50 1.92 7.60
CA GLY A 951 13.17 2.81 8.72
C GLY A 951 11.73 2.62 9.19
N GLN A 952 11.34 1.36 9.33
CA GLN A 952 9.95 0.95 9.56
C GLN A 952 9.56 1.12 11.03
N LYS A 953 8.26 1.15 11.29
CA LYS A 953 7.73 1.25 12.67
C LYS A 953 7.80 -0.04 13.49
N THR A 954 8.16 -1.16 12.84
CA THR A 954 8.39 -2.44 13.52
C THR A 954 9.60 -2.40 14.46
N SER A 955 9.68 -3.38 15.37
CA SER A 955 10.77 -3.43 16.37
C SER A 955 12.13 -3.76 15.75
N LYS A 956 12.15 -4.72 14.83
CA LYS A 956 13.30 -4.98 13.96
C LYS A 956 12.99 -4.43 12.57
N ASP A 957 13.93 -3.69 11.98
CA ASP A 957 13.69 -2.99 10.71
C ASP A 957 13.75 -3.95 9.54
N ARG A 958 12.96 -3.65 8.52
CA ARG A 958 12.87 -4.44 7.30
C ARG A 958 13.91 -3.94 6.27
N GLU A 959 14.34 -4.86 5.39
CA GLU A 959 15.23 -4.55 4.25
C GLU A 959 14.43 -4.28 2.97
N ILE A 960 14.91 -3.34 2.15
CA ILE A 960 14.39 -3.12 0.81
C ILE A 960 15.52 -3.37 -0.18
N PHE A 961 15.30 -4.26 -1.15
CA PHE A 961 16.33 -4.62 -2.12
C PHE A 961 16.30 -3.73 -3.35
N VAL A 962 17.47 -3.50 -3.94
CA VAL A 962 17.62 -2.64 -5.11
C VAL A 962 18.46 -3.39 -6.12
N GLY A 963 17.88 -3.64 -7.28
CA GLY A 963 18.54 -4.38 -8.35
C GLY A 963 18.91 -3.48 -9.49
N GLU A 964 19.49 -4.08 -10.52
CA GLU A 964 19.85 -3.36 -11.73
C GLU A 964 18.60 -3.05 -12.52
N TYR A 965 18.71 -2.09 -13.45
CA TYR A 965 17.57 -1.76 -14.32
C TYR A 965 17.13 -2.98 -15.12
N GLU A 966 18.12 -3.73 -15.59
CA GLU A 966 17.87 -4.86 -16.48
C GLU A 966 17.30 -6.08 -15.75
N ALA A 967 17.56 -6.19 -14.43
CA ALA A 967 16.87 -7.18 -13.58
C ALA A 967 15.39 -6.85 -13.40
N LYS A 968 15.08 -5.57 -13.28
CA LYS A 968 13.69 -5.12 -13.18
C LYS A 968 12.93 -5.39 -14.49
N MET A 969 13.66 -5.33 -15.60
CA MET A 969 13.12 -5.67 -16.91
C MET A 969 12.75 -7.14 -17.02
N CYS A 970 13.60 -8.02 -16.50
CA CYS A 970 13.31 -9.46 -16.54
C CYS A 970 12.13 -9.86 -15.63
N MET A 971 12.17 -9.41 -14.39
CA MET A 971 11.15 -9.77 -13.41
C MET A 971 9.78 -9.24 -13.83
N TYR A 972 9.75 -8.06 -14.44
CA TYR A 972 8.51 -7.51 -15.04
C TYR A 972 7.69 -8.56 -15.79
N ALA A 973 8.33 -9.24 -16.74
CA ALA A 973 7.64 -10.22 -17.60
C ALA A 973 7.08 -11.35 -16.76
N VAL A 974 7.95 -11.96 -15.97
CA VAL A 974 7.56 -13.09 -15.12
C VAL A 974 6.41 -12.67 -14.19
N GLU A 975 6.59 -11.56 -13.48
CA GLU A 975 5.59 -11.10 -12.52
C GLU A 975 4.28 -10.62 -13.12
N ARG A 976 4.34 -9.91 -14.25
CA ARG A 976 3.12 -9.41 -14.86
C ARG A 976 2.31 -10.53 -15.50
N ILE A 977 2.98 -11.60 -15.94
CA ILE A 977 2.30 -12.81 -16.42
C ILE A 977 1.49 -13.45 -15.30
N ALA A 978 2.18 -13.70 -14.18
CA ALA A 978 1.55 -14.21 -12.98
C ALA A 978 0.39 -13.34 -12.55
N LYS A 979 0.67 -12.05 -12.38
CA LYS A 979 -0.30 -11.09 -11.89
C LYS A 979 -1.66 -11.26 -12.55
N GLU A 980 -1.70 -11.40 -13.87
CA GLU A 980 -2.98 -11.52 -14.59
C GLU A 980 -3.69 -12.82 -14.33
N ARG A 981 -2.90 -13.86 -14.07
CA ARG A 981 -3.43 -15.19 -13.78
C ARG A 981 -3.93 -15.32 -12.35
N CYS A 982 -3.28 -14.61 -11.42
CA CYS A 982 -3.80 -14.46 -10.07
C CYS A 982 -5.19 -13.83 -10.07
N LYS A 983 -5.43 -12.83 -10.94
CA LYS A 983 -6.75 -12.20 -11.05
C LYS A 983 -7.85 -13.19 -11.41
N LEU A 984 -7.50 -14.22 -12.20
CA LEU A 984 -8.45 -15.28 -12.56
C LEU A 984 -8.68 -16.28 -11.44
N ASN A 985 -7.63 -16.54 -10.66
CA ASN A 985 -7.72 -17.42 -9.48
C ASN A 985 -8.62 -16.84 -8.37
N PRO A 986 -9.73 -17.55 -8.00
CA PRO A 986 -10.65 -17.00 -6.98
C PRO A 986 -10.08 -16.88 -5.56
N ASP A 987 -9.12 -17.72 -5.20
CA ASP A 987 -8.43 -17.64 -3.90
C ASP A 987 -7.43 -16.48 -3.78
N GLU A 988 -6.76 -16.13 -4.88
CA GLU A 988 -5.62 -15.20 -4.84
C GLU A 988 -6.08 -13.72 -4.75
N MET A 989 -5.57 -13.00 -3.73
CA MET A 989 -6.00 -11.62 -3.38
C MET A 989 -4.93 -10.51 -3.46
N ILE A 990 -3.66 -10.84 -3.61
CA ILE A 990 -2.62 -9.82 -3.82
C ILE A 990 -2.88 -9.05 -5.12
N SER A 991 -3.50 -9.73 -6.09
CA SER A 991 -3.90 -9.15 -7.35
C SER A 991 -5.27 -8.47 -7.30
N GLU A 992 -5.97 -8.54 -6.18
CA GLU A 992 -7.30 -7.96 -6.07
C GLU A 992 -7.12 -6.44 -6.11
N PRO A 993 -7.75 -5.75 -7.10
CA PRO A 993 -7.58 -4.31 -7.21
C PRO A 993 -8.35 -3.52 -6.13
N GLY A 994 -7.71 -2.47 -5.61
CA GLY A 994 -8.31 -1.57 -4.65
C GLY A 994 -8.54 -2.22 -3.30
N ASP A 995 -9.74 -2.00 -2.75
CA ASP A 995 -10.13 -2.49 -1.42
C ASP A 995 -11.03 -3.73 -1.50
N GLY A 996 -11.05 -4.41 -2.65
CA GLY A 996 -11.92 -5.56 -2.90
C GLY A 996 -11.86 -6.63 -1.85
N LYS A 997 -10.67 -6.85 -1.29
CA LYS A 997 -10.46 -7.77 -0.17
C LYS A 997 -11.52 -7.64 0.92
N LEU A 998 -11.74 -6.43 1.43
CA LEU A 998 -12.71 -6.21 2.51
C LEU A 998 -14.12 -6.70 2.16
N LYS A 999 -14.53 -6.47 0.91
CA LYS A 999 -15.81 -6.97 0.43
C LYS A 999 -15.80 -8.50 0.19
N VAL A 1000 -14.65 -9.05 -0.20
CA VAL A 1000 -14.49 -10.50 -0.36
C VAL A 1000 -14.57 -11.24 0.98
N LEU A 1001 -13.86 -10.78 2.02
CA LEU A 1001 -14.02 -11.34 3.37
C LEU A 1001 -15.48 -11.42 3.80
N GLU A 1002 -16.25 -10.38 3.51
CA GLU A 1002 -17.64 -10.29 3.93
C GLU A 1002 -18.50 -11.30 3.22
N GLN A 1003 -18.27 -11.47 1.92
CA GLN A 1003 -19.07 -12.38 1.09
C GLN A 1003 -18.81 -13.84 1.43
N LYS A 1004 -17.58 -14.17 1.86
CA LYS A 1004 -17.24 -15.51 2.32
C LYS A 1004 -17.95 -15.84 3.64
N SER A 1005 -17.89 -14.95 4.62
CA SER A 1005 -18.52 -15.21 5.92
C SER A 1005 -20.06 -15.19 5.87
N GLU A 1006 -20.67 -14.41 4.97
CA GLU A 1006 -22.10 -14.54 4.71
C GLU A 1006 -22.40 -15.93 4.16
N GLN A 1007 -21.62 -16.34 3.15
CA GLN A 1007 -21.72 -17.66 2.53
C GLN A 1007 -21.51 -18.78 3.54
N GLU A 1008 -20.53 -18.64 4.42
CA GLU A 1008 -20.21 -19.67 5.42
C GLU A 1008 -21.22 -19.75 6.56
N ILE A 1009 -21.78 -18.62 6.95
CA ILE A 1009 -22.81 -18.61 8.00
C ILE A 1009 -24.06 -19.31 7.47
N ARG A 1010 -24.49 -18.95 6.27
CA ARG A 1010 -25.64 -19.60 5.63
C ARG A 1010 -25.45 -21.11 5.47
N PHE A 1011 -24.23 -21.52 5.17
CA PHE A 1011 -23.93 -22.94 5.00
C PHE A 1011 -24.09 -23.69 6.31
N LEU A 1012 -23.48 -23.16 7.36
CA LEU A 1012 -23.57 -23.77 8.70
C LEU A 1012 -25.01 -24.00 9.13
N VAL A 1013 -25.82 -22.96 9.04
CA VAL A 1013 -27.23 -22.99 9.48
C VAL A 1013 -28.05 -24.02 8.71
N GLU A 1014 -28.17 -23.84 7.40
CA GLU A 1014 -28.98 -24.73 6.58
C GLU A 1014 -28.47 -26.17 6.53
N THR A 1015 -27.15 -26.36 6.54
CA THR A 1015 -26.58 -27.72 6.53
C THR A 1015 -26.86 -28.46 7.85
N THR A 1016 -26.83 -27.75 8.97
CA THR A 1016 -27.23 -28.33 10.27
C THR A 1016 -28.74 -28.63 10.32
N ARG A 1017 -29.53 -27.80 9.64
CA ARG A 1017 -30.98 -28.04 9.53
C ARG A 1017 -31.34 -29.26 8.69
N GLN A 1018 -30.62 -29.49 7.58
CA GLN A 1018 -30.83 -30.68 6.74
C GLN A 1018 -30.49 -31.98 7.50
N LYS A 1019 -29.30 -32.01 8.11
CA LYS A 1019 -28.84 -33.19 8.85
C LYS A 1019 -29.63 -33.50 10.14
N ASN A 1020 -30.41 -32.54 10.64
CA ASN A 1020 -31.21 -32.74 11.85
C ASN A 1020 -32.71 -32.97 11.66
N ARG A 1021 -33.34 -32.32 10.68
CA ARG A 1021 -34.82 -32.26 10.55
C ARG A 1021 -35.62 -33.53 10.90
N GLU A 1022 -35.07 -34.71 10.57
CA GLU A 1022 -35.66 -35.99 11.00
C GLU A 1022 -35.64 -36.15 12.54
N ILE A 1023 -34.49 -35.84 13.14
CA ILE A 1023 -34.32 -35.88 14.60
C ILE A 1023 -35.09 -34.73 15.30
N ASP A 1024 -35.07 -33.52 14.73
CA ASP A 1024 -35.81 -32.36 15.30
C ASP A 1024 -37.32 -32.52 15.26
N GLU A 1025 -37.84 -33.21 14.25
CA GLU A 1025 -39.27 -33.50 14.15
C GLU A 1025 -39.66 -34.65 15.07
N ALA A 1026 -38.79 -35.67 15.19
CA ALA A 1026 -38.99 -36.78 16.11
C ALA A 1026 -39.05 -36.32 17.57
N ILE A 1027 -38.13 -35.45 17.98
CA ILE A 1027 -38.12 -34.91 19.37
C ILE A 1027 -39.22 -33.89 19.64
N GLU A 1028 -39.52 -33.01 18.68
CA GLU A 1028 -40.50 -31.93 18.86
C GLU A 1028 -41.96 -32.43 18.78
N ALA A 1029 -42.21 -33.40 17.91
CA ALA A 1029 -43.51 -34.09 17.87
C ALA A 1029 -43.71 -34.98 19.11
N LEU A 1030 -42.64 -35.65 19.57
CA LEU A 1030 -42.65 -36.44 20.82
C LEU A 1030 -42.79 -35.59 22.09
N ALA A 1031 -42.32 -34.34 22.05
CA ALA A 1031 -42.42 -33.39 23.17
C ALA A 1031 -43.60 -32.40 23.09
N THR A 1032 -44.66 -32.78 22.36
CA THR A 1032 -45.96 -32.11 22.47
C THR A 1032 -46.75 -32.81 23.57
N GLU A 1033 -46.89 -34.13 23.47
CA GLU A 1033 -47.54 -34.95 24.50
C GLU A 1033 -46.55 -35.31 25.62
N GLY A 1034 -46.62 -34.55 26.72
CA GLY A 1034 -45.71 -34.74 27.85
C GLY A 1034 -44.28 -34.31 27.53
N TYR A 1035 -44.08 -32.99 27.39
CA TYR A 1035 -42.75 -32.39 27.21
C TYR A 1035 -41.78 -32.76 28.35
N GLU A 1036 -42.32 -32.83 29.56
CA GLU A 1036 -41.57 -33.16 30.76
C GLU A 1036 -41.26 -34.66 30.82
N SER A 1037 -42.32 -35.48 30.75
CA SER A 1037 -42.19 -36.94 30.87
C SER A 1037 -41.50 -37.57 29.65
N ASN A 1038 -40.92 -38.75 29.86
CA ASN A 1038 -40.20 -39.50 28.81
C ASN A 1038 -38.98 -38.74 28.25
N LEU A 1039 -38.25 -38.03 29.13
CA LEU A 1039 -37.06 -37.25 28.76
C LEU A 1039 -35.77 -38.12 28.65
N GLY A 1040 -35.88 -39.42 28.93
CA GLY A 1040 -34.84 -40.39 28.60
C GLY A 1040 -34.83 -40.77 27.12
N LYS A 1041 -35.99 -40.67 26.46
CA LYS A 1041 -36.12 -40.93 25.03
C LYS A 1041 -35.83 -39.71 24.13
N ILE A 1042 -36.08 -38.49 24.63
CA ILE A 1042 -35.78 -37.26 23.87
C ILE A 1042 -34.26 -37.04 23.67
N GLU A 1043 -33.46 -37.43 24.66
CA GLU A 1043 -32.00 -37.31 24.64
C GLU A 1043 -31.28 -38.60 24.17
N LYS A 1044 -32.04 -39.68 23.95
CA LYS A 1044 -31.56 -40.88 23.22
C LYS A 1044 -31.09 -40.55 21.80
N LEU A 1045 -31.86 -39.69 21.11
CA LEU A 1045 -31.59 -39.31 19.73
C LEU A 1045 -30.81 -37.98 19.59
N SER A 1046 -31.01 -37.05 20.52
CA SER A 1046 -30.46 -35.67 20.41
C SER A 1046 -28.97 -35.53 20.74
N LEU A 1047 -28.32 -36.60 21.20
CA LEU A 1047 -26.86 -36.65 21.24
C LEU A 1047 -26.34 -37.06 19.85
N GLY A 1048 -27.01 -38.02 19.23
CA GLY A 1048 -26.63 -38.52 17.89
C GLY A 1048 -26.88 -37.59 16.70
N LYS A 1049 -27.56 -36.46 16.92
CA LYS A 1049 -27.73 -35.44 15.87
C LYS A 1049 -26.43 -34.70 15.52
N ALA A 1050 -26.43 -34.04 14.36
CA ALA A 1050 -25.20 -33.48 13.77
C ALA A 1050 -24.65 -32.27 14.52
N LYS A 1051 -23.33 -32.25 14.73
CA LYS A 1051 -22.62 -31.17 15.41
C LYS A 1051 -22.00 -30.18 14.41
N GLY A 1052 -22.37 -28.91 14.53
CA GLY A 1052 -21.73 -27.83 13.77
C GLY A 1052 -20.32 -27.55 14.27
N LEU A 1053 -19.45 -27.11 13.37
CA LEU A 1053 -18.09 -26.68 13.72
C LEU A 1053 -17.67 -25.62 12.73
N LYS A 1054 -17.38 -24.42 13.22
CA LYS A 1054 -16.74 -23.40 12.42
C LYS A 1054 -15.34 -23.24 12.98
N MET A 1055 -14.36 -23.08 12.09
CA MET A 1055 -13.03 -22.65 12.51
C MET A 1055 -12.39 -21.76 11.44
N GLU A 1056 -11.65 -20.77 11.91
CA GLU A 1056 -11.10 -19.69 11.10
C GLU A 1056 -9.61 -19.62 11.34
N ILE A 1057 -8.83 -20.08 10.37
CA ILE A 1057 -7.37 -20.07 10.46
C ILE A 1057 -6.87 -18.71 9.98
N ASN A 1058 -6.24 -17.96 10.88
CA ASN A 1058 -5.69 -16.65 10.57
C ASN A 1058 -4.21 -16.80 10.60
N ALA A 1059 -3.65 -17.04 9.43
CA ALA A 1059 -2.29 -17.56 9.32
C ALA A 1059 -1.30 -16.58 8.76
N ASP A 1060 -0.12 -16.54 9.37
CA ASP A 1060 1.08 -15.96 8.79
C ASP A 1060 2.03 -17.08 8.40
N MET A 1061 2.80 -16.87 7.32
CA MET A 1061 3.89 -17.76 6.90
C MET A 1061 5.25 -17.20 7.31
N SER A 1062 6.25 -18.07 7.42
CA SER A 1062 7.58 -17.68 7.85
C SER A 1062 8.53 -17.70 6.69
N LYS A 1063 9.52 -16.81 6.75
CA LYS A 1063 10.63 -16.76 5.79
C LYS A 1063 10.17 -16.96 4.34
N TRP A 1064 9.09 -16.25 3.99
CA TRP A 1064 8.40 -16.42 2.71
C TRP A 1064 9.32 -16.39 1.50
N SER A 1065 10.21 -15.40 1.46
CA SER A 1065 11.15 -15.24 0.37
C SER A 1065 12.48 -15.95 0.64
N ALA A 1066 12.99 -15.87 1.86
CA ALA A 1066 14.33 -16.39 2.20
C ALA A 1066 14.51 -17.93 2.19
N GLN A 1067 13.44 -18.67 2.44
CA GLN A 1067 13.50 -20.13 2.55
C GLN A 1067 12.43 -20.81 1.69
N ASP A 1068 12.21 -20.25 0.51
CA ASP A 1068 11.35 -20.88 -0.48
C ASP A 1068 12.20 -21.87 -1.28
N VAL A 1069 11.53 -22.71 -2.05
CA VAL A 1069 12.18 -23.56 -3.02
C VAL A 1069 11.98 -22.98 -4.44
N PHE A 1070 12.87 -22.06 -4.81
CA PHE A 1070 12.76 -21.37 -6.11
C PHE A 1070 12.51 -22.33 -7.26
N TYR A 1071 13.19 -23.48 -7.23
CA TYR A 1071 13.10 -24.48 -8.31
C TYR A 1071 11.68 -24.86 -8.69
N LYS A 1072 10.74 -24.75 -7.76
CA LYS A 1072 9.35 -25.06 -8.06
C LYS A 1072 8.74 -24.17 -9.14
N TYR A 1073 9.20 -22.92 -9.22
CA TYR A 1073 8.68 -21.99 -10.25
C TYR A 1073 9.12 -22.35 -11.68
N PHE A 1074 10.18 -23.14 -11.81
CA PHE A 1074 10.59 -23.68 -13.11
C PHE A 1074 9.44 -24.41 -13.79
N TRP A 1075 8.69 -25.19 -13.01
CA TRP A 1075 7.49 -25.88 -13.52
C TRP A 1075 6.36 -24.92 -13.87
N LEU A 1076 6.14 -23.90 -13.04
CA LEU A 1076 5.13 -22.88 -13.30
C LEU A 1076 5.33 -22.23 -14.67
N ILE A 1077 6.57 -21.95 -15.02
CA ILE A 1077 6.88 -21.39 -16.35
C ILE A 1077 6.75 -22.47 -17.42
N ALA A 1078 7.38 -23.61 -17.18
CA ALA A 1078 7.43 -24.71 -18.17
C ALA A 1078 6.04 -25.27 -18.56
N LEU A 1079 5.16 -25.42 -17.59
CA LEU A 1079 3.81 -25.93 -17.85
C LEU A 1079 2.93 -24.92 -18.58
N ASP A 1080 3.26 -23.64 -18.45
CA ASP A 1080 2.41 -22.55 -18.95
C ASP A 1080 2.07 -22.69 -20.44
N PRO A 1081 0.77 -22.86 -20.77
CA PRO A 1081 0.37 -23.01 -22.17
C PRO A 1081 0.48 -21.74 -23.00
N ILE A 1082 0.41 -20.56 -22.37
CA ILE A 1082 0.46 -19.29 -23.11
C ILE A 1082 1.87 -18.89 -23.54
N LEU A 1083 2.89 -19.57 -23.03
CA LEU A 1083 4.25 -19.32 -23.46
C LEU A 1083 4.65 -20.23 -24.62
N TYR A 1084 5.46 -19.67 -25.54
CA TYR A 1084 6.09 -20.44 -26.61
C TYR A 1084 7.37 -21.06 -26.04
N PRO A 1085 7.88 -22.15 -26.65
CA PRO A 1085 9.11 -22.76 -26.14
C PRO A 1085 10.36 -21.84 -26.18
N GLN A 1086 10.37 -20.89 -27.11
CA GLN A 1086 11.45 -19.89 -27.20
C GLN A 1086 11.48 -19.02 -25.94
N GLU A 1087 10.29 -18.56 -25.55
CA GLU A 1087 10.10 -17.66 -24.41
C GLU A 1087 10.35 -18.36 -23.08
N LYS A 1088 9.80 -19.57 -22.95
CA LYS A 1088 10.08 -20.44 -21.82
C LYS A 1088 11.59 -20.62 -21.64
N GLU A 1089 12.28 -20.98 -22.73
CA GLU A 1089 13.73 -21.17 -22.73
C GLU A 1089 14.53 -19.98 -22.19
N ARG A 1090 14.15 -18.76 -22.60
CA ARG A 1090 14.79 -17.54 -22.10
C ARG A 1090 14.40 -17.21 -20.67
N ILE A 1091 13.11 -17.35 -20.36
CA ILE A 1091 12.61 -17.10 -19.00
C ILE A 1091 13.26 -18.04 -17.98
N LEU A 1092 13.37 -19.33 -18.33
CA LEU A 1092 14.05 -20.29 -17.46
C LEU A 1092 15.57 -20.06 -17.37
N TYR A 1093 16.17 -19.60 -18.46
CA TYR A 1093 17.59 -19.23 -18.46
C TYR A 1093 17.85 -18.08 -17.49
N PHE A 1094 16.95 -17.09 -17.49
CA PHE A 1094 17.00 -15.97 -16.56
C PHE A 1094 16.90 -16.50 -15.14
N MET A 1095 15.87 -17.29 -14.89
CA MET A 1095 15.66 -17.87 -13.57
C MET A 1095 16.83 -18.76 -13.09
N CYS A 1096 17.55 -19.39 -14.01
CA CYS A 1096 18.81 -20.04 -13.67
C CYS A 1096 19.87 -19.01 -13.29
N ASN A 1097 20.01 -17.95 -14.08
CA ASN A 1097 20.97 -16.89 -13.76
C ASN A 1097 20.65 -16.18 -12.44
N TYR A 1098 19.36 -15.99 -12.16
CA TYR A 1098 18.93 -15.31 -10.95
C TYR A 1098 19.31 -16.07 -9.68
N MET A 1099 19.45 -17.40 -9.77
CA MET A 1099 19.94 -18.20 -8.64
C MET A 1099 21.44 -18.13 -8.43
N ASP A 1100 22.17 -17.53 -9.38
CA ASP A 1100 23.59 -17.23 -9.20
C ASP A 1100 23.81 -15.79 -8.72
N LYS A 1101 22.74 -15.01 -8.55
CA LYS A 1101 22.84 -13.58 -8.21
C LYS A 1101 23.73 -13.32 -7.00
N GLU A 1102 24.49 -12.22 -7.04
CA GLU A 1102 25.34 -11.84 -5.92
C GLU A 1102 24.73 -10.66 -5.20
N LEU A 1103 24.85 -10.64 -3.87
CA LEU A 1103 24.43 -9.49 -3.07
C LEU A 1103 25.64 -8.62 -2.77
N ILE A 1104 25.51 -7.32 -3.03
CA ILE A 1104 26.56 -6.35 -2.74
C ILE A 1104 26.29 -5.74 -1.38
N LEU A 1105 27.22 -5.96 -0.45
CA LEU A 1105 27.20 -5.30 0.86
C LEU A 1105 27.59 -3.84 0.62
N PRO A 1106 26.69 -2.88 0.96
CA PRO A 1106 26.96 -1.49 0.57
C PRO A 1106 28.21 -0.88 1.21
N ASP A 1107 28.82 0.09 0.52
CA ASP A 1107 30.05 0.75 0.99
C ASP A 1107 29.92 1.32 2.41
N GLU A 1108 28.76 1.88 2.75
CA GLU A 1108 28.50 2.36 4.12
C GLU A 1108 28.77 1.26 5.15
N LEU A 1109 28.23 0.06 4.89
CA LEU A 1109 28.39 -1.08 5.78
C LEU A 1109 29.85 -1.55 5.84
N LEU A 1110 30.56 -1.49 4.72
CA LEU A 1110 31.96 -1.91 4.66
C LEU A 1110 32.86 -1.00 5.51
N PHE A 1111 32.65 0.32 5.44
CA PHE A 1111 33.37 1.28 6.26
C PHE A 1111 33.19 0.96 7.76
N ASN A 1112 31.93 0.91 8.20
CA ASN A 1112 31.55 0.50 9.56
C ASN A 1112 32.33 -0.75 10.04
N LEU A 1113 32.36 -1.78 9.22
CA LEU A 1113 32.98 -3.06 9.58
C LEU A 1113 34.50 -3.01 9.62
N LEU A 1114 35.10 -2.39 8.61
CA LEU A 1114 36.56 -2.20 8.56
C LEU A 1114 37.10 -1.35 9.73
N ASP A 1115 36.30 -0.40 10.23
CA ASP A 1115 36.71 0.46 11.35
C ASP A 1115 36.67 -0.24 12.72
N GLN A 1116 36.18 -1.47 12.78
CA GLN A 1116 36.14 -2.21 14.04
C GLN A 1116 37.54 -2.55 14.56
N LYS A 1117 37.87 -2.01 15.74
CA LYS A 1117 39.17 -2.28 16.42
C LYS A 1117 39.33 -3.75 16.80
N VAL A 1118 38.38 -4.24 17.61
CA VAL A 1118 38.35 -5.65 18.03
C VAL A 1118 37.73 -6.50 16.92
N ALA A 1119 38.23 -7.71 16.76
CA ALA A 1119 37.63 -8.70 15.87
C ALA A 1119 36.29 -9.19 16.45
N TYR A 1120 35.30 -9.40 15.58
CA TYR A 1120 34.02 -9.95 16.02
C TYR A 1120 34.15 -11.48 16.15
N GLN A 1121 33.52 -12.03 17.17
CA GLN A 1121 33.62 -13.45 17.51
C GLN A 1121 32.58 -14.24 16.72
N ASN A 1122 33.06 -15.18 15.91
CA ASN A 1122 32.24 -15.92 14.95
C ASN A 1122 31.48 -14.94 14.06
N ASP A 1123 32.27 -14.24 13.25
CA ASP A 1123 31.79 -13.16 12.41
C ASP A 1123 31.25 -13.77 11.12
N ILE A 1124 29.93 -13.89 11.04
CA ILE A 1124 29.30 -14.43 9.85
C ILE A 1124 29.59 -13.57 8.62
N ILE A 1125 29.68 -12.25 8.81
CA ILE A 1125 29.98 -11.33 7.69
C ILE A 1125 31.39 -11.56 7.15
N ALA A 1126 32.32 -11.92 8.04
CA ALA A 1126 33.71 -12.20 7.66
C ALA A 1126 33.84 -13.57 6.98
N THR A 1127 33.15 -14.58 7.54
CA THR A 1127 33.07 -15.92 6.97
C THR A 1127 32.63 -15.90 5.50
N MET A 1128 31.57 -15.12 5.20
CA MET A 1128 30.94 -15.09 3.87
C MET A 1128 31.58 -14.11 2.89
N THR A 1129 32.54 -13.32 3.34
CA THR A 1129 33.30 -12.39 2.49
C THR A 1129 34.77 -12.81 2.33
N ASN A 1130 35.14 -13.95 2.91
CA ASN A 1130 36.54 -14.39 3.04
C ASN A 1130 37.44 -13.32 3.65
N GLN A 1131 37.09 -12.99 4.88
CA GLN A 1131 37.80 -12.00 5.70
C GLN A 1131 37.76 -10.62 5.03
N LEU A 1132 36.56 -10.21 4.60
CA LEU A 1132 36.30 -8.97 3.87
C LEU A 1132 37.17 -8.76 2.63
N ASN A 1133 37.53 -9.87 1.97
CA ASN A 1133 38.24 -9.83 0.70
C ASN A 1133 37.33 -9.38 -0.43
N SER A 1134 36.11 -9.92 -0.45
CA SER A 1134 35.07 -9.55 -1.42
C SER A 1134 34.00 -8.71 -0.73
N ASN A 1135 33.34 -7.83 -1.49
CA ASN A 1135 32.15 -7.12 -1.01
C ASN A 1135 30.82 -7.75 -1.47
N THR A 1136 30.91 -8.97 -2.04
CA THR A 1136 29.73 -9.68 -2.52
C THR A 1136 29.60 -11.05 -1.87
N VAL A 1137 28.37 -11.49 -1.70
CA VAL A 1137 28.07 -12.84 -1.27
C VAL A 1137 27.05 -13.40 -2.25
N LEU A 1138 27.23 -14.66 -2.60
CA LEU A 1138 26.35 -15.34 -3.54
C LEU A 1138 25.10 -15.77 -2.78
N ILE A 1139 23.93 -15.27 -3.19
CA ILE A 1139 22.63 -15.65 -2.60
C ILE A 1139 21.87 -16.52 -3.60
N LYS A 1140 21.41 -17.68 -3.16
CA LYS A 1140 20.85 -18.69 -4.06
C LYS A 1140 19.33 -18.91 -3.86
N ARG A 1141 18.95 -19.53 -2.75
CA ARG A 1141 17.55 -19.92 -2.54
C ARG A 1141 16.66 -18.74 -2.21
N ASN A 1142 17.22 -17.77 -1.50
CA ASN A 1142 16.51 -16.54 -1.18
C ASN A 1142 16.31 -15.71 -2.45
N TRP A 1143 15.17 -15.90 -3.11
CA TRP A 1143 14.69 -14.91 -4.08
C TRP A 1143 14.31 -13.72 -3.24
N LEU A 1144 14.72 -12.54 -3.64
CA LEU A 1144 14.84 -11.47 -2.66
C LEU A 1144 13.47 -10.86 -2.38
N GLN A 1145 13.17 -10.60 -1.10
CA GLN A 1145 11.86 -10.10 -0.68
C GLN A 1145 11.32 -8.99 -1.59
N GLY A 1146 10.07 -9.14 -2.00
CA GLY A 1146 9.42 -8.23 -2.94
C GLY A 1146 9.37 -8.70 -4.38
N ASN A 1147 10.44 -9.36 -4.84
CA ASN A 1147 10.66 -9.64 -6.28
C ASN A 1147 9.69 -10.59 -6.98
N PHE A 1148 9.18 -11.58 -6.24
CA PHE A 1148 8.34 -12.63 -6.82
C PHE A 1148 7.00 -12.83 -6.09
N ASN A 1149 6.40 -11.73 -5.62
CA ASN A 1149 5.19 -11.83 -4.79
C ASN A 1149 3.98 -12.38 -5.54
N TYR A 1150 3.81 -12.03 -6.81
CA TYR A 1150 2.72 -12.59 -7.62
C TYR A 1150 2.86 -14.10 -7.88
N THR A 1151 4.06 -14.55 -8.28
CA THR A 1151 4.24 -15.98 -8.63
C THR A 1151 4.23 -16.89 -7.40
N SER A 1152 4.81 -16.39 -6.31
CA SER A 1152 4.81 -17.11 -5.04
C SER A 1152 3.41 -17.24 -4.48
N SER A 1153 2.65 -16.16 -4.55
CA SER A 1153 1.27 -16.16 -4.08
C SER A 1153 0.36 -17.08 -4.90
N TYR A 1154 0.61 -17.18 -6.20
CA TYR A 1154 -0.12 -18.13 -7.05
C TYR A 1154 0.11 -19.57 -6.59
N VAL A 1155 1.36 -19.90 -6.28
CA VAL A 1155 1.72 -21.24 -5.82
C VAL A 1155 1.17 -21.50 -4.43
N HIS A 1156 1.08 -20.46 -3.60
CA HIS A 1156 0.43 -20.57 -2.30
C HIS A 1156 -1.06 -20.84 -2.46
N SER A 1157 -1.67 -20.24 -3.47
CA SER A 1157 -3.06 -20.53 -3.82
C SER A 1157 -3.24 -22.01 -4.17
N CYS A 1158 -2.22 -22.61 -4.81
CA CYS A 1158 -2.20 -24.04 -5.14
C CYS A 1158 -2.14 -24.96 -3.92
N ALA A 1159 -1.27 -24.65 -2.96
CA ALA A 1159 -1.21 -25.40 -1.71
C ALA A 1159 -2.57 -25.51 -1.01
N MET A 1160 -3.36 -24.44 -1.07
CA MET A 1160 -4.70 -24.44 -0.49
C MET A 1160 -5.74 -25.25 -1.26
N SER A 1161 -5.51 -25.50 -2.56
CA SER A 1161 -6.41 -26.35 -3.35
C SER A 1161 -6.28 -27.81 -2.93
N VAL A 1162 -5.05 -28.22 -2.63
CA VAL A 1162 -4.74 -29.55 -2.10
C VAL A 1162 -5.26 -29.72 -0.68
N TYR A 1163 -5.14 -28.68 0.15
CA TYR A 1163 -5.71 -28.68 1.48
C TYR A 1163 -7.23 -28.81 1.46
N LYS A 1164 -7.90 -28.11 0.54
CA LYS A 1164 -9.34 -28.25 0.36
C LYS A 1164 -9.70 -29.66 -0.01
N GLU A 1165 -8.98 -30.21 -0.98
CA GLU A 1165 -9.23 -31.56 -1.48
C GLU A 1165 -9.08 -32.62 -0.39
N ILE A 1166 -8.03 -32.51 0.43
CA ILE A 1166 -7.83 -33.42 1.56
C ILE A 1166 -8.99 -33.33 2.55
N LEU A 1167 -9.34 -32.13 2.98
CA LEU A 1167 -10.44 -31.95 3.92
C LEU A 1167 -11.76 -32.49 3.37
N LYS A 1168 -12.04 -32.26 2.08
CA LYS A 1168 -13.29 -32.78 1.46
C LYS A 1168 -13.38 -34.30 1.52
N GLU A 1169 -12.23 -34.97 1.37
CA GLU A 1169 -12.18 -36.43 1.41
C GLU A 1169 -12.38 -36.93 2.84
N ALA A 1170 -11.55 -36.43 3.76
CA ALA A 1170 -11.64 -36.76 5.19
C ALA A 1170 -13.04 -36.62 5.79
N ILE A 1171 -13.80 -35.63 5.33
CA ILE A 1171 -15.17 -35.41 5.83
C ILE A 1171 -16.18 -36.30 5.11
N THR A 1172 -15.95 -36.69 3.85
CA THR A 1172 -16.81 -37.72 3.21
C THR A 1172 -16.60 -39.13 3.81
N LEU A 1173 -15.44 -39.38 4.41
CA LEU A 1173 -15.26 -40.60 5.20
C LEU A 1173 -16.17 -40.66 6.42
N LEU A 1174 -16.59 -39.48 6.92
CA LEU A 1174 -17.60 -39.37 7.98
C LEU A 1174 -19.01 -39.02 7.43
N ASP A 1175 -19.28 -39.39 6.18
CA ASP A 1175 -20.49 -38.96 5.45
C ASP A 1175 -21.03 -37.57 5.86
N GLY A 1176 -20.09 -36.62 5.97
CA GLY A 1176 -20.38 -35.27 6.46
C GLY A 1176 -20.53 -34.25 5.35
N SER A 1177 -20.74 -33.00 5.75
CA SER A 1177 -20.77 -31.85 4.86
C SER A 1177 -19.66 -30.89 5.27
N ILE A 1178 -18.97 -30.33 4.28
CA ILE A 1178 -17.91 -29.34 4.52
C ILE A 1178 -17.90 -28.26 3.44
N LEU A 1179 -17.61 -27.04 3.88
CA LEU A 1179 -17.29 -25.93 3.00
C LEU A 1179 -15.96 -25.35 3.43
N VAL A 1180 -15.03 -25.25 2.49
CA VAL A 1180 -13.72 -24.67 2.73
C VAL A 1180 -13.52 -23.49 1.80
N ASN A 1181 -13.13 -22.35 2.36
CA ASN A 1181 -12.70 -21.19 1.59
C ASN A 1181 -11.30 -20.84 2.02
N SER A 1182 -10.52 -20.27 1.12
CA SER A 1182 -9.16 -19.87 1.46
C SER A 1182 -8.72 -18.65 0.67
N LEU A 1183 -8.29 -17.61 1.39
CA LEU A 1183 -7.82 -16.36 0.82
C LEU A 1183 -6.31 -16.21 1.07
N VAL A 1184 -5.59 -15.80 0.03
CA VAL A 1184 -4.14 -15.83 -0.02
C VAL A 1184 -3.61 -14.50 -0.55
N HIS A 1185 -2.60 -13.95 0.13
CA HIS A 1185 -2.00 -12.66 -0.18
C HIS A 1185 -0.55 -12.77 0.21
N SER A 1186 0.27 -13.21 -0.72
CA SER A 1186 1.70 -13.41 -0.48
C SER A 1186 1.93 -14.33 0.74
N ASP A 1187 2.37 -13.80 1.88
CA ASP A 1187 2.63 -14.65 3.06
C ASP A 1187 1.55 -14.55 4.15
N ASP A 1188 0.34 -14.15 3.77
CA ASP A 1188 -0.80 -14.07 4.67
C ASP A 1188 -1.89 -15.02 4.17
N ASN A 1189 -2.64 -15.61 5.10
CA ASN A 1189 -3.60 -16.66 4.78
C ASN A 1189 -4.79 -16.57 5.70
N GLN A 1190 -5.98 -16.72 5.11
CA GLN A 1190 -7.23 -16.74 5.84
C GLN A 1190 -8.10 -17.85 5.26
N THR A 1191 -7.85 -19.07 5.74
CA THR A 1191 -8.62 -20.25 5.38
C THR A 1191 -9.78 -20.38 6.38
N SER A 1192 -10.93 -20.84 5.89
CA SER A 1192 -12.15 -20.88 6.67
C SER A 1192 -12.94 -22.17 6.44
N ILE A 1193 -12.86 -23.06 7.44
CA ILE A 1193 -13.53 -24.36 7.45
C ILE A 1193 -14.88 -24.28 8.16
N THR A 1194 -15.90 -24.91 7.56
CA THR A 1194 -17.22 -25.03 8.16
C THR A 1194 -17.69 -26.47 7.94
N ILE A 1195 -17.81 -27.25 9.02
CA ILE A 1195 -18.08 -28.70 8.94
C ILE A 1195 -19.38 -29.09 9.68
N VAL A 1196 -20.11 -30.04 9.11
CA VAL A 1196 -21.25 -30.68 9.80
C VAL A 1196 -21.18 -32.21 9.63
N GLN A 1197 -21.03 -32.91 10.76
CA GLN A 1197 -21.02 -34.37 10.79
C GLN A 1197 -21.38 -34.91 12.18
N ASP A 1198 -21.71 -36.20 12.23
CA ASP A 1198 -22.20 -36.84 13.46
C ASP A 1198 -21.31 -37.97 14.01
N LYS A 1199 -20.23 -38.30 13.30
CA LYS A 1199 -19.43 -39.48 13.59
C LYS A 1199 -18.31 -39.27 14.61
N MET A 1200 -18.09 -38.03 15.08
CA MET A 1200 -16.82 -37.70 15.71
C MET A 1200 -16.86 -36.49 16.65
N GLU A 1201 -15.91 -36.47 17.58
CA GLU A 1201 -15.73 -35.32 18.50
C GLU A 1201 -15.10 -34.18 17.70
N ASN A 1202 -15.54 -32.94 17.93
CA ASN A 1202 -14.99 -31.79 17.19
C ASN A 1202 -13.50 -31.52 17.46
N ASP A 1203 -13.03 -31.78 18.67
CA ASP A 1203 -11.62 -31.54 19.03
C ASP A 1203 -10.65 -32.31 18.14
N LYS A 1204 -11.00 -33.54 17.80
CA LYS A 1204 -10.17 -34.35 16.92
C LYS A 1204 -10.13 -33.80 15.50
N ILE A 1205 -11.28 -33.30 15.00
CA ILE A 1205 -11.34 -32.63 13.69
C ILE A 1205 -10.46 -31.39 13.64
N ILE A 1206 -10.39 -30.63 14.74
CA ILE A 1206 -9.51 -29.48 14.82
C ILE A 1206 -8.06 -29.95 14.74
N ASP A 1207 -7.68 -30.91 15.57
CA ASP A 1207 -6.30 -31.45 15.59
C ASP A 1207 -5.87 -32.01 14.21
N PHE A 1208 -6.84 -32.51 13.45
CA PHE A 1208 -6.62 -32.97 12.08
C PHE A 1208 -6.35 -31.82 11.13
N ALA A 1209 -7.27 -30.86 11.10
CA ALA A 1209 -7.23 -29.71 10.20
C ALA A 1209 -5.98 -28.82 10.34
N MET A 1210 -5.53 -28.58 11.57
CA MET A 1210 -4.29 -27.82 11.78
C MET A 1210 -3.03 -28.58 11.39
N LYS A 1211 -2.98 -29.89 11.62
CA LYS A 1211 -1.83 -30.70 11.19
C LYS A 1211 -1.76 -30.75 9.67
N GLU A 1212 -2.91 -30.90 9.01
CA GLU A 1212 -2.94 -30.94 7.55
C GLU A 1212 -2.75 -29.58 6.90
N PHE A 1213 -3.08 -28.51 7.64
CA PHE A 1213 -2.79 -27.15 7.18
C PHE A 1213 -1.30 -26.96 7.10
N GLU A 1214 -0.59 -27.29 8.19
CA GLU A 1214 0.88 -27.21 8.22
C GLU A 1214 1.51 -28.03 7.13
N ARG A 1215 0.96 -29.21 6.88
CA ARG A 1215 1.55 -30.15 5.94
C ARG A 1215 1.30 -29.68 4.50
N ALA A 1216 0.09 -29.19 4.25
CA ALA A 1216 -0.25 -28.58 2.95
C ALA A 1216 0.74 -27.49 2.56
N CYS A 1217 1.10 -26.65 3.53
CA CYS A 1217 2.10 -25.63 3.32
C CYS A 1217 3.49 -26.22 3.03
N LEU A 1218 3.92 -27.17 3.85
CA LEU A 1218 5.26 -27.76 3.71
C LEU A 1218 5.44 -28.58 2.44
N THR A 1219 4.35 -29.19 1.94
CA THR A 1219 4.42 -29.94 0.69
C THR A 1219 4.66 -29.03 -0.51
N PHE A 1220 4.34 -27.74 -0.42
CA PHE A 1220 4.61 -26.79 -1.49
C PHE A 1220 5.79 -25.85 -1.26
N GLY A 1221 6.52 -26.03 -0.16
CA GLY A 1221 7.71 -25.22 0.13
C GLY A 1221 7.49 -24.01 1.04
N CYS A 1222 6.24 -23.73 1.41
CA CYS A 1222 5.92 -22.73 2.42
C CYS A 1222 6.08 -23.32 3.80
N GLN A 1223 6.16 -22.45 4.79
CA GLN A 1223 6.29 -22.83 6.17
C GLN A 1223 5.30 -21.99 6.93
N ALA A 1224 4.25 -22.61 7.47
CA ALA A 1224 3.23 -21.89 8.24
C ALA A 1224 3.82 -21.61 9.61
N ASN A 1225 3.68 -20.37 10.07
CA ASN A 1225 4.28 -19.90 11.32
C ASN A 1225 3.29 -20.08 12.45
N MET A 1226 3.44 -21.17 13.19
CA MET A 1226 2.43 -21.55 14.19
C MET A 1226 2.51 -20.76 15.51
N LYS A 1227 3.63 -20.07 15.74
CA LYS A 1227 3.74 -19.07 16.81
C LYS A 1227 2.83 -17.85 16.58
N LYS A 1228 2.55 -17.54 15.32
CA LYS A 1228 1.69 -16.40 14.97
C LYS A 1228 0.31 -16.78 14.46
N THR A 1229 0.16 -17.94 13.81
CA THR A 1229 -1.17 -18.31 13.30
C THR A 1229 -2.05 -18.63 14.52
N TYR A 1230 -3.33 -18.31 14.40
CA TYR A 1230 -4.27 -18.55 15.47
C TYR A 1230 -5.65 -18.82 14.91
N VAL A 1231 -6.41 -19.67 15.60
CA VAL A 1231 -7.72 -20.10 15.12
C VAL A 1231 -8.82 -19.55 16.02
N THR A 1232 -9.89 -19.02 15.41
CA THR A 1232 -11.12 -18.64 16.11
C THR A 1232 -12.27 -19.30 15.39
N ASN A 1233 -13.50 -19.08 15.84
CA ASN A 1233 -14.70 -19.51 15.07
C ASN A 1233 -15.62 -18.38 14.64
N CYS A 1234 -15.24 -17.15 14.95
CA CYS A 1234 -16.03 -15.95 14.62
C CYS A 1234 -15.23 -14.79 14.02
N ILE A 1235 -13.89 -14.84 14.10
CA ILE A 1235 -13.03 -13.69 13.81
C ILE A 1235 -12.04 -14.06 12.72
N LYS A 1236 -12.15 -13.38 11.58
CA LYS A 1236 -11.19 -13.49 10.47
C LYS A 1236 -10.33 -12.22 10.42
N GLU A 1237 -9.04 -12.34 10.70
CA GLU A 1237 -8.07 -11.28 10.44
C GLU A 1237 -7.40 -11.59 9.12
N PHE A 1238 -7.28 -10.61 8.24
CA PHE A 1238 -6.63 -10.80 6.93
C PHE A 1238 -6.09 -9.52 6.33
N VAL A 1239 -4.77 -9.39 6.32
CA VAL A 1239 -4.10 -8.16 5.88
C VAL A 1239 -4.66 -6.98 6.66
N SER A 1240 -4.68 -7.13 7.98
CA SER A 1240 -5.22 -6.12 8.91
C SER A 1240 -6.65 -5.62 8.57
N LEU A 1241 -7.49 -6.53 8.06
CA LEU A 1241 -8.92 -6.28 7.89
C LEU A 1241 -9.64 -7.40 8.61
N PHE A 1242 -10.67 -7.04 9.37
CA PHE A 1242 -11.40 -8.02 10.17
C PHE A 1242 -12.78 -8.32 9.61
N ASN A 1243 -13.29 -9.48 10.01
CA ASN A 1243 -14.69 -9.81 9.91
C ASN A 1243 -15.13 -10.50 11.20
N LEU A 1244 -16.10 -9.89 11.87
CA LEU A 1244 -16.59 -10.33 13.16
C LEU A 1244 -18.04 -10.80 12.97
N TYR A 1245 -18.25 -12.11 13.09
CA TYR A 1245 -19.57 -12.73 12.94
C TYR A 1245 -20.33 -12.20 11.71
N GLY A 1246 -19.62 -12.01 10.60
CA GLY A 1246 -20.22 -11.52 9.37
C GLY A 1246 -20.00 -10.05 9.10
N GLU A 1247 -20.06 -9.24 10.15
CA GLU A 1247 -19.95 -7.79 9.99
C GLU A 1247 -18.51 -7.38 9.83
N PRO A 1248 -18.17 -6.57 8.80
CA PRO A 1248 -16.78 -6.20 8.60
C PRO A 1248 -16.34 -5.14 9.59
N PHE A 1249 -15.03 -5.08 9.83
CA PHE A 1249 -14.48 -4.21 10.86
C PHE A 1249 -13.03 -3.87 10.54
N SER A 1250 -12.63 -2.64 10.87
CA SER A 1250 -11.26 -2.16 10.66
C SER A 1250 -10.84 -1.17 11.75
N ILE A 1251 -9.53 -1.10 11.99
CA ILE A 1251 -8.97 -0.16 12.94
C ILE A 1251 -8.81 1.17 12.22
N TYR A 1252 -9.94 1.86 12.00
CA TYR A 1252 -9.94 3.17 11.33
C TYR A 1252 -9.01 4.17 12.05
N GLY A 1253 -8.87 4.03 13.36
CA GLY A 1253 -7.88 4.78 14.13
C GLY A 1253 -6.45 4.86 13.58
N ARG A 1254 -5.99 3.84 12.86
CA ARG A 1254 -4.64 3.90 12.28
C ARG A 1254 -4.52 5.01 11.24
N PHE A 1255 -5.59 5.24 10.49
CA PHE A 1255 -5.61 6.33 9.50
C PHE A 1255 -5.76 7.71 10.16
N LEU A 1256 -6.50 7.79 11.25
CA LEU A 1256 -6.66 9.05 12.00
C LEU A 1256 -5.34 9.52 12.63
N LEU A 1257 -4.51 8.60 13.09
CA LEU A 1257 -3.21 8.95 13.69
C LEU A 1257 -2.23 9.52 12.67
N THR A 1258 -2.33 9.08 11.42
CA THR A 1258 -1.50 9.61 10.31
C THR A 1258 -1.96 11.00 9.84
N SER A 1259 -3.21 11.37 10.11
CA SER A 1259 -3.74 12.73 9.78
C SER A 1259 -2.95 13.90 10.39
N VAL A 1260 -2.09 13.63 11.36
CA VAL A 1260 -1.32 14.67 12.04
C VAL A 1260 -0.02 14.95 11.29
N GLY A 1261 0.85 13.94 11.21
CA GLY A 1261 2.18 14.10 10.59
C GLY A 1261 2.37 13.33 9.30
N ASP A 1262 1.62 13.71 8.26
CA ASP A 1262 1.77 13.12 6.91
C ASP A 1262 1.64 14.21 5.85
N CYS A 1263 2.80 14.70 5.40
CA CYS A 1263 2.87 15.90 4.58
C CYS A 1263 4.22 16.05 3.91
N ALA A 1264 4.24 16.73 2.76
CA ALA A 1264 5.48 17.09 2.06
C ALA A 1264 5.99 18.50 2.41
N TYR A 1265 5.13 19.35 2.95
CA TYR A 1265 5.47 20.72 3.35
C TYR A 1265 5.75 21.61 2.13
N ILE A 1266 4.71 21.82 1.35
CA ILE A 1266 4.75 22.66 0.14
C ILE A 1266 3.99 23.97 0.37
N GLY A 1267 2.74 23.87 0.83
CA GLY A 1267 1.90 25.04 1.08
C GLY A 1267 0.66 24.72 1.89
N PRO A 1268 -0.05 25.75 2.39
CA PRO A 1268 -1.21 25.52 3.27
C PRO A 1268 -2.30 24.65 2.64
N TYR A 1269 -2.72 24.97 1.41
CA TYR A 1269 -3.72 24.16 0.71
C TYR A 1269 -3.22 22.74 0.45
N GLU A 1270 -1.97 22.62 0.04
CA GLU A 1270 -1.40 21.36 -0.40
C GLU A 1270 -1.16 20.43 0.78
N ASP A 1271 -0.73 21.03 1.90
CA ASP A 1271 -0.50 20.31 3.16
C ASP A 1271 -1.80 19.85 3.81
N LEU A 1272 -2.81 20.72 3.80
CA LEU A 1272 -4.12 20.39 4.38
C LEU A 1272 -4.76 19.23 3.62
N ALA A 1273 -4.69 19.29 2.29
CA ALA A 1273 -5.22 18.24 1.43
C ALA A 1273 -4.59 16.87 1.70
N SER A 1274 -3.27 16.85 1.86
CA SER A 1274 -2.56 15.63 2.26
C SER A 1274 -3.13 15.04 3.56
N ARG A 1275 -3.35 15.90 4.56
CA ARG A 1275 -3.87 15.50 5.87
C ARG A 1275 -5.37 15.13 5.89
N ILE A 1276 -6.17 15.72 5.01
CA ILE A 1276 -7.62 15.44 4.96
C ILE A 1276 -7.90 14.03 4.41
N SER A 1277 -7.18 13.63 3.38
CA SER A 1277 -7.38 12.30 2.79
C SER A 1277 -7.26 11.13 3.77
N SER A 1278 -6.47 11.31 4.83
CA SER A 1278 -6.45 10.35 5.94
C SER A 1278 -7.82 10.20 6.61
N ALA A 1279 -8.52 11.32 6.80
CA ALA A 1279 -9.87 11.30 7.37
C ALA A 1279 -10.89 10.67 6.42
N GLN A 1280 -10.70 10.87 5.12
CA GLN A 1280 -11.54 10.23 4.10
C GLN A 1280 -11.36 8.69 4.13
N THR A 1281 -10.10 8.26 4.23
CA THR A 1281 -9.77 6.83 4.32
C THR A 1281 -10.35 6.24 5.62
N ALA A 1282 -10.20 6.96 6.73
CA ALA A 1282 -10.80 6.57 8.00
C ALA A 1282 -12.33 6.49 7.90
N ILE A 1283 -12.96 7.47 7.24
CA ILE A 1283 -14.40 7.44 7.03
C ILE A 1283 -14.84 6.18 6.32
N LYS A 1284 -14.17 5.81 5.23
CA LYS A 1284 -14.62 4.63 4.47
C LYS A 1284 -14.31 3.32 5.19
N HIS A 1285 -13.36 3.33 6.12
CA HIS A 1285 -13.18 2.21 7.08
C HIS A 1285 -14.07 2.29 8.34
N GLY A 1286 -15.05 3.19 8.35
CA GLY A 1286 -16.10 3.21 9.37
C GLY A 1286 -15.90 4.18 10.51
N CYS A 1287 -15.14 5.25 10.28
CA CYS A 1287 -14.92 6.26 11.32
C CYS A 1287 -16.23 7.00 11.59
N PRO A 1288 -16.62 7.15 12.88
CA PRO A 1288 -17.79 7.96 13.23
C PRO A 1288 -17.64 9.43 12.83
N PRO A 1289 -18.76 10.08 12.46
CA PRO A 1289 -18.76 11.49 12.04
C PRO A 1289 -18.03 12.44 12.99
N SER A 1290 -18.24 12.29 14.30
CA SER A 1290 -17.63 13.16 15.30
C SER A 1290 -16.10 13.05 15.35
N LEU A 1291 -15.62 11.82 15.37
CA LEU A 1291 -14.18 11.55 15.37
C LEU A 1291 -13.52 11.96 14.06
N ALA A 1292 -14.29 11.90 12.97
CA ALA A 1292 -13.80 12.40 11.68
C ALA A 1292 -13.68 13.93 11.68
N TRP A 1293 -14.57 14.61 12.39
CA TRP A 1293 -14.49 16.07 12.52
C TRP A 1293 -13.29 16.47 13.38
N VAL A 1294 -13.14 15.80 14.51
CA VAL A 1294 -11.95 15.99 15.36
C VAL A 1294 -10.68 15.85 14.50
N SER A 1295 -10.61 14.79 13.70
CA SER A 1295 -9.45 14.56 12.84
C SER A 1295 -9.19 15.72 11.88
N ILE A 1296 -10.26 16.18 11.23
CA ILE A 1296 -10.22 17.32 10.30
C ILE A 1296 -9.72 18.60 11.01
N ALA A 1297 -10.12 18.79 12.27
CA ALA A 1297 -9.65 19.93 13.06
C ALA A 1297 -8.13 19.86 13.33
N ILE A 1298 -7.66 18.68 13.74
CA ILE A 1298 -6.24 18.46 13.98
C ILE A 1298 -5.40 18.68 12.72
N SER A 1299 -5.96 18.40 11.55
CA SER A 1299 -5.28 18.68 10.28
C SER A 1299 -5.15 20.20 10.04
N HIS A 1300 -6.26 20.92 10.20
CA HIS A 1300 -6.27 22.39 10.12
C HIS A 1300 -5.32 23.02 11.12
N TRP A 1301 -5.28 22.48 12.35
CA TRP A 1301 -4.38 22.98 13.39
C TRP A 1301 -2.91 22.86 12.96
N MET A 1302 -2.48 21.63 12.67
CA MET A 1302 -1.10 21.32 12.26
C MET A 1302 -0.65 22.09 11.02
N THR A 1303 -1.58 22.31 10.10
CA THR A 1303 -1.30 23.02 8.86
C THR A 1303 -1.05 24.51 9.15
N SER A 1304 -1.99 25.15 9.85
CA SER A 1304 -1.86 26.57 10.20
C SER A 1304 -0.66 26.86 11.11
N LEU A 1305 -0.36 25.94 12.00
CA LEU A 1305 0.87 25.96 12.80
C LEU A 1305 2.14 26.05 11.94
N THR A 1306 2.19 25.27 10.86
CA THR A 1306 3.35 25.22 9.94
C THR A 1306 3.73 26.61 9.38
N TYR A 1307 2.74 27.38 8.93
CA TYR A 1307 2.97 28.68 8.29
C TYR A 1307 2.58 29.89 9.15
N ASN A 1308 2.53 29.72 10.48
CA ASN A 1308 2.13 30.78 11.41
C ASN A 1308 0.83 31.50 10.97
N MET A 1309 -0.23 30.71 10.86
CA MET A 1309 -1.54 31.16 10.40
C MET A 1309 -2.68 30.86 11.39
N LEU A 1310 -2.37 30.56 12.65
CA LEU A 1310 -3.41 30.30 13.64
C LEU A 1310 -4.13 31.61 14.01
N PRO A 1311 -5.24 31.53 14.78
CA PRO A 1311 -5.87 32.74 15.32
C PRO A 1311 -4.90 33.71 16.00
N GLY A 1312 -4.94 34.96 15.57
CA GLY A 1312 -4.13 36.04 16.15
C GLY A 1312 -2.67 36.08 15.72
N GLN A 1313 -2.23 35.14 14.89
CA GLN A 1313 -0.83 35.05 14.54
C GLN A 1313 -0.50 35.94 13.34
N SER A 1314 0.80 36.09 13.11
CA SER A 1314 1.35 36.94 12.06
C SER A 1314 0.65 36.87 10.69
N ASN A 1315 0.60 35.69 10.08
CA ASN A 1315 0.02 35.50 8.73
C ASN A 1315 -1.46 35.08 8.71
N ASP A 1316 -2.18 35.36 9.80
CA ASP A 1316 -3.61 35.12 9.90
C ASP A 1316 -4.39 36.01 8.93
N PRO A 1317 -5.09 35.42 7.93
CA PRO A 1317 -5.75 36.25 6.91
C PRO A 1317 -7.09 36.90 7.31
N ILE A 1318 -7.62 36.60 8.50
CA ILE A 1318 -8.98 37.05 8.89
C ILE A 1318 -9.23 38.56 8.72
N ASP A 1319 -8.30 39.39 9.20
CA ASP A 1319 -8.49 40.86 9.16
C ASP A 1319 -8.24 41.46 7.77
N TYR A 1320 -7.63 40.71 6.87
CA TYR A 1320 -7.33 41.21 5.53
C TYR A 1320 -8.44 40.93 4.50
N PHE A 1321 -9.54 40.30 4.90
CA PHE A 1321 -10.58 39.91 3.94
C PHE A 1321 -12.00 40.20 4.46
N PRO A 1322 -12.98 40.35 3.54
CA PRO A 1322 -14.36 40.64 3.93
C PRO A 1322 -15.08 39.37 4.39
N ALA A 1323 -15.08 39.16 5.70
CA ALA A 1323 -15.61 37.92 6.27
C ALA A 1323 -15.65 38.02 7.79
N GLU A 1324 -16.73 37.53 8.40
CA GLU A 1324 -16.85 37.49 9.87
C GLU A 1324 -16.36 36.17 10.50
N ASN A 1325 -16.19 35.12 9.71
CA ASN A 1325 -15.57 33.87 10.15
C ASN A 1325 -14.50 33.40 9.17
N ARG A 1326 -13.75 32.37 9.57
CA ARG A 1326 -12.67 31.84 8.74
C ARG A 1326 -13.23 30.85 7.74
N LYS A 1327 -14.38 30.26 8.07
CA LYS A 1327 -15.20 29.54 7.11
C LYS A 1327 -15.80 30.40 5.98
N ASP A 1328 -15.83 31.72 6.17
CA ASP A 1328 -16.25 32.67 5.13
C ASP A 1328 -15.12 33.06 4.16
N ILE A 1329 -13.86 32.93 4.57
CA ILE A 1329 -12.74 33.16 3.64
C ILE A 1329 -12.46 31.85 2.91
N PRO A 1330 -11.87 31.92 1.70
CA PRO A 1330 -11.75 30.69 0.93
C PRO A 1330 -10.66 29.78 1.47
N ILE A 1331 -10.79 28.51 1.14
CA ILE A 1331 -9.88 27.46 1.61
C ILE A 1331 -8.48 27.58 0.99
N GLU A 1332 -8.39 28.20 -0.19
CA GLU A 1332 -7.13 28.38 -0.90
C GLU A 1332 -6.22 29.42 -0.23
N LEU A 1333 -6.83 30.39 0.45
CA LEU A 1333 -6.13 31.42 1.23
C LEU A 1333 -6.09 31.08 2.72
N ASN A 1334 -5.69 29.84 3.02
CA ASN A 1334 -5.83 29.23 4.35
C ASN A 1334 -7.07 29.67 5.17
N GLY A 1335 -8.24 29.38 4.63
CA GLY A 1335 -9.49 29.48 5.37
C GLY A 1335 -9.72 28.28 6.25
N VAL A 1336 -10.97 28.05 6.59
CA VAL A 1336 -11.38 26.85 7.32
C VAL A 1336 -12.47 26.19 6.49
N LEU A 1337 -12.46 24.86 6.47
CA LEU A 1337 -13.31 24.10 5.57
C LEU A 1337 -14.70 24.04 6.15
N ASP A 1338 -15.68 24.59 5.44
CA ASP A 1338 -17.07 24.42 5.82
C ASP A 1338 -17.79 23.67 4.72
N ALA A 1339 -18.28 22.48 5.07
CA ALA A 1339 -19.10 21.65 4.19
C ALA A 1339 -19.70 20.50 4.99
N PRO A 1340 -20.71 19.83 4.43
CA PRO A 1340 -21.16 18.59 5.05
C PRO A 1340 -20.08 17.52 4.92
N LEU A 1341 -19.90 16.72 5.96
CA LEU A 1341 -18.88 15.67 5.97
C LEU A 1341 -19.11 14.60 4.90
N SER A 1342 -20.36 14.45 4.44
CA SER A 1342 -20.70 13.63 3.26
C SER A 1342 -19.93 14.09 2.02
N MET A 1343 -19.90 15.42 1.83
CA MET A 1343 -19.23 16.08 0.71
C MET A 1343 -17.70 15.95 0.79
N ILE A 1344 -17.14 16.18 1.97
CA ILE A 1344 -15.67 16.11 2.18
C ILE A 1344 -15.15 14.70 1.99
N SER A 1345 -15.91 13.69 2.41
CA SER A 1345 -15.56 12.28 2.18
C SER A 1345 -15.33 12.00 0.71
N THR A 1346 -16.24 12.50 -0.12
CA THR A 1346 -16.22 12.29 -1.57
C THR A 1346 -15.19 13.14 -2.33
N VAL A 1347 -15.21 14.46 -2.13
CA VAL A 1347 -14.43 15.38 -2.98
C VAL A 1347 -13.38 16.24 -2.29
N GLY A 1348 -13.18 16.06 -0.99
CA GLY A 1348 -12.02 16.63 -0.30
C GLY A 1348 -12.09 18.13 -0.06
N LEU A 1349 -10.99 18.85 -0.27
CA LEU A 1349 -10.97 20.30 -0.08
C LEU A 1349 -11.77 21.02 -1.15
N GLU A 1350 -11.83 20.46 -2.35
CA GLU A 1350 -12.63 21.03 -3.42
C GLU A 1350 -14.14 21.14 -3.07
N SER A 1351 -14.57 20.49 -1.98
CA SER A 1351 -15.91 20.69 -1.41
C SER A 1351 -16.14 22.09 -0.82
N GLY A 1352 -15.08 22.76 -0.35
CA GLY A 1352 -15.17 24.11 0.20
C GLY A 1352 -15.82 25.11 -0.73
N ASN A 1353 -15.43 25.07 -2.00
CA ASN A 1353 -16.00 25.93 -3.04
C ASN A 1353 -17.36 25.43 -3.53
N LEU A 1354 -17.48 24.12 -3.67
CA LEU A 1354 -18.73 23.48 -4.15
C LEU A 1354 -19.93 23.83 -3.30
N TYR A 1355 -19.77 23.72 -1.99
CA TYR A 1355 -20.82 24.01 -1.02
C TYR A 1355 -21.17 25.48 -0.98
N PHE A 1356 -20.16 26.34 -1.04
CA PHE A 1356 -20.38 27.79 -1.13
C PHE A 1356 -21.28 28.17 -2.32
N LEU A 1357 -20.99 27.60 -3.48
CA LEU A 1357 -21.84 27.79 -4.66
C LEU A 1357 -23.25 27.18 -4.50
N ILE A 1358 -23.37 26.10 -3.73
CA ILE A 1358 -24.69 25.54 -3.40
C ILE A 1358 -25.45 26.45 -2.43
N LYS A 1359 -24.76 27.10 -1.50
CA LYS A 1359 -25.41 28.08 -0.62
C LYS A 1359 -25.95 29.30 -1.40
N LEU A 1360 -25.20 29.76 -2.41
CA LEU A 1360 -25.65 30.88 -3.26
C LEU A 1360 -26.91 30.54 -4.05
N LEU A 1361 -26.92 29.39 -4.73
CA LEU A 1361 -28.10 28.94 -5.49
C LEU A 1361 -29.36 28.90 -4.61
N SER A 1362 -29.19 28.41 -3.38
CA SER A 1362 -30.28 28.31 -2.41
C SER A 1362 -30.68 29.64 -1.74
N LYS A 1363 -30.08 30.75 -2.19
CA LYS A 1363 -30.46 32.10 -1.74
C LYS A 1363 -30.85 33.04 -2.88
N TYR A 1364 -30.12 33.02 -4.01
CA TYR A 1364 -30.33 33.97 -5.12
C TYR A 1364 -30.96 33.36 -6.37
N THR A 1365 -31.82 32.35 -6.20
CA THR A 1365 -32.71 31.91 -7.27
C THR A 1365 -34.13 31.88 -6.71
N PRO A 1366 -35.14 32.32 -7.50
CA PRO A 1366 -36.52 32.46 -7.00
C PRO A 1366 -37.16 31.13 -6.54
N VAL A 1367 -38.15 31.22 -5.64
CA VAL A 1367 -38.72 30.05 -4.92
C VAL A 1367 -39.43 29.04 -5.87
N MET A 1368 -39.89 29.52 -7.02
CA MET A 1368 -40.41 28.65 -8.09
C MET A 1368 -39.31 27.71 -8.59
N GLN A 1369 -38.18 28.31 -8.98
CA GLN A 1369 -37.02 27.57 -9.50
C GLN A 1369 -36.26 26.78 -8.43
N LYS A 1370 -36.39 27.18 -7.17
CA LYS A 1370 -35.70 26.54 -6.03
C LYS A 1370 -35.91 25.01 -5.95
N ARG A 1371 -37.11 24.56 -6.36
CA ARG A 1371 -37.47 23.13 -6.35
C ARG A 1371 -36.91 22.35 -7.57
N GLU A 1372 -36.29 23.06 -8.53
CA GLU A 1372 -35.68 22.42 -9.69
C GLU A 1372 -34.38 21.72 -9.32
N SER A 1373 -33.83 20.98 -10.29
CA SER A 1373 -32.51 20.36 -10.15
C SER A 1373 -31.42 21.45 -10.27
N VAL A 1374 -30.16 21.03 -10.40
CA VAL A 1374 -29.03 21.98 -10.45
C VAL A 1374 -28.88 22.67 -11.82
N VAL A 1375 -29.07 21.94 -12.91
CA VAL A 1375 -28.84 22.49 -14.26
C VAL A 1375 -29.70 23.73 -14.55
N ASN A 1376 -30.93 23.73 -14.01
CA ASN A 1376 -31.88 24.82 -14.20
C ASN A 1376 -31.65 26.01 -13.26
N GLN A 1377 -31.24 25.73 -12.02
CA GLN A 1377 -30.88 26.79 -11.07
C GLN A 1377 -29.63 27.61 -11.50
N ILE A 1378 -28.71 26.96 -12.21
CA ILE A 1378 -27.54 27.63 -12.81
C ILE A 1378 -27.93 28.43 -14.07
N ALA A 1379 -28.90 27.92 -14.82
CA ALA A 1379 -29.47 28.67 -15.96
C ALA A 1379 -30.17 29.97 -15.53
N GLU A 1380 -30.67 30.02 -14.30
CA GLU A 1380 -31.30 31.24 -13.74
C GLU A 1380 -30.29 32.27 -13.20
N VAL A 1381 -28.98 32.05 -13.41
CA VAL A 1381 -27.95 32.95 -12.87
C VAL A 1381 -27.95 34.35 -13.49
N LYS A 1382 -28.43 34.49 -14.72
CA LYS A 1382 -28.49 35.80 -15.40
C LYS A 1382 -29.42 36.82 -14.73
N ASN A 1383 -30.43 36.36 -14.00
CA ASN A 1383 -31.41 37.25 -13.37
C ASN A 1383 -31.07 37.59 -11.90
N TRP A 1384 -29.78 37.68 -11.60
CA TRP A 1384 -29.30 37.85 -10.22
C TRP A 1384 -28.98 39.32 -9.95
N LYS A 1385 -29.46 39.82 -8.80
CA LYS A 1385 -29.13 41.17 -8.34
C LYS A 1385 -27.69 41.24 -7.84
N VAL A 1386 -26.75 41.49 -8.75
CA VAL A 1386 -25.32 41.59 -8.43
C VAL A 1386 -25.05 42.77 -7.46
N GLU A 1387 -25.99 43.70 -7.40
CA GLU A 1387 -26.04 44.77 -6.41
C GLU A 1387 -26.30 44.20 -5.00
N ASP A 1388 -27.31 43.33 -4.88
CA ASP A 1388 -27.69 42.73 -3.60
C ASP A 1388 -26.64 41.80 -2.96
N LEU A 1389 -25.74 41.23 -3.78
CA LEU A 1389 -24.71 40.29 -3.31
C LEU A 1389 -23.87 40.91 -2.19
N THR A 1390 -23.90 40.31 -1.00
CA THR A 1390 -23.13 40.83 0.11
C THR A 1390 -21.67 40.97 -0.30
N ASP A 1391 -20.93 41.77 0.46
CA ASP A 1391 -19.52 42.01 0.16
C ASP A 1391 -18.72 40.72 0.08
N ASN A 1392 -18.88 39.88 1.10
CA ASN A 1392 -18.17 38.61 1.16
C ASN A 1392 -18.36 37.74 -0.08
N GLU A 1393 -19.61 37.51 -0.43
CA GLU A 1393 -19.95 36.65 -1.58
C GLU A 1393 -19.32 37.14 -2.89
N ILE A 1394 -19.28 38.45 -3.07
CA ILE A 1394 -18.65 39.05 -4.25
C ILE A 1394 -17.14 38.74 -4.20
N PHE A 1395 -16.52 38.98 -3.05
CA PHE A 1395 -15.10 38.68 -2.83
C PHE A 1395 -14.70 37.25 -3.20
N ARG A 1396 -15.46 36.27 -2.71
CA ARG A 1396 -15.19 34.84 -3.00
C ARG A 1396 -15.32 34.50 -4.48
N LEU A 1397 -16.38 35.03 -5.11
CA LEU A 1397 -16.61 34.85 -6.55
C LEU A 1397 -15.52 35.44 -7.44
N LYS A 1398 -14.84 36.50 -6.98
CA LYS A 1398 -13.73 37.09 -7.73
C LYS A 1398 -12.53 36.15 -7.75
N ILE A 1399 -12.25 35.53 -6.60
CA ILE A 1399 -11.18 34.54 -6.47
C ILE A 1399 -11.49 33.29 -7.30
N LEU A 1400 -12.73 32.83 -7.25
CA LEU A 1400 -13.15 31.69 -8.06
C LEU A 1400 -12.97 31.94 -9.56
N ARG A 1401 -13.21 33.18 -10.00
CA ARG A 1401 -13.13 33.54 -11.42
C ARG A 1401 -11.70 33.77 -11.89
N TYR A 1402 -11.03 34.74 -11.28
CA TYR A 1402 -9.74 35.22 -11.77
C TYR A 1402 -8.51 34.44 -11.24
N LEU A 1403 -8.71 33.53 -10.28
CA LEU A 1403 -7.60 32.77 -9.67
C LEU A 1403 -7.73 31.25 -9.63
N VAL A 1404 -8.90 30.73 -9.29
CA VAL A 1404 -9.10 29.28 -9.12
C VAL A 1404 -9.07 28.48 -10.44
N LEU A 1405 -9.57 29.08 -11.52
CA LEU A 1405 -9.84 28.33 -12.76
C LEU A 1405 -8.64 28.09 -13.70
N ASP A 1406 -7.39 28.34 -13.27
CA ASP A 1406 -6.20 27.83 -14.00
C ASP A 1406 -4.90 27.80 -13.15
N ALA A 1407 -4.42 26.57 -12.86
CA ALA A 1407 -3.18 26.34 -12.11
C ALA A 1407 -2.21 25.49 -12.91
N SER A 1425 -4.64 26.66 -3.53
CA SER A 1425 -3.43 26.17 -4.18
C SER A 1425 -2.68 27.32 -4.85
N ILE A 1426 -2.73 28.50 -4.22
CA ILE A 1426 -2.24 29.76 -4.82
C ILE A 1426 -1.21 30.50 -3.96
N LEU A 1427 -1.41 30.51 -2.64
CA LEU A 1427 -0.35 30.89 -1.71
C LEU A 1427 0.57 29.68 -1.57
N THR A 1428 1.79 29.81 -2.09
CA THR A 1428 2.78 28.73 -2.04
C THR A 1428 4.15 29.35 -1.78
N PRO A 1429 4.73 29.11 -0.60
CA PRO A 1429 6.09 29.57 -0.36
C PRO A 1429 7.07 28.95 -1.34
N ARG A 1430 7.85 29.79 -2.02
CA ARG A 1430 8.90 29.35 -2.90
C ARG A 1430 10.23 29.54 -2.16
N LYS A 1431 11.03 28.48 -2.09
CA LYS A 1431 12.31 28.53 -1.39
C LYS A 1431 13.47 28.84 -2.32
N PHE A 1432 14.57 29.26 -1.71
CA PHE A 1432 15.75 29.79 -2.41
C PHE A 1432 16.86 28.74 -2.57
N THR A 1433 16.56 27.50 -2.23
CA THR A 1433 17.58 26.48 -1.95
C THR A 1433 18.24 25.93 -3.21
N THR A 1434 19.38 25.27 -3.02
CA THR A 1434 20.24 24.79 -4.13
C THR A 1434 19.76 23.46 -4.75
N ALA A 1435 20.41 23.07 -5.85
CA ALA A 1435 20.17 21.77 -6.51
C ALA A 1435 21.20 20.75 -6.01
N GLY A 1436 20.95 20.20 -4.83
CA GLY A 1436 21.90 19.33 -4.14
C GLY A 1436 22.05 17.93 -4.69
N SER A 1437 23.29 17.59 -5.07
CA SER A 1437 23.72 16.21 -5.38
C SER A 1437 23.01 15.57 -6.57
N LEU A 1438 23.27 16.11 -7.76
CA LEU A 1438 22.87 15.47 -9.02
C LEU A 1438 24.06 14.96 -9.81
N ARG A 1439 25.25 14.96 -9.20
CA ARG A 1439 26.47 14.34 -9.74
C ARG A 1439 26.25 12.93 -10.31
N LYS A 1440 25.44 12.12 -9.62
CA LYS A 1440 25.25 10.70 -9.98
C LYS A 1440 24.56 10.49 -11.32
N LEU A 1441 23.70 11.43 -11.71
CA LEU A 1441 22.81 11.25 -12.86
C LEU A 1441 23.51 11.54 -14.19
N TYR A 1442 23.69 10.48 -14.98
CA TYR A 1442 24.20 10.55 -16.34
C TYR A 1442 23.49 11.61 -17.16
N SER A 1443 22.15 11.56 -17.16
CA SER A 1443 21.32 12.55 -17.86
C SER A 1443 21.48 14.00 -17.36
N PHE A 1444 21.91 14.19 -16.11
CA PHE A 1444 22.16 15.55 -15.61
C PHE A 1444 23.39 16.20 -16.24
N SER A 1445 24.47 15.45 -16.40
CA SER A 1445 25.69 15.99 -17.05
C SER A 1445 25.48 16.27 -18.54
N LYS A 1446 24.57 15.53 -19.19
CA LYS A 1446 24.17 15.83 -20.57
C LYS A 1446 23.33 17.11 -20.63
N TYR A 1447 22.49 17.33 -19.64
CA TYR A 1447 21.76 18.60 -19.49
C TYR A 1447 22.71 19.76 -19.26
N GLN A 1448 23.73 19.53 -18.43
CA GLN A 1448 24.78 20.52 -18.23
C GLN A 1448 25.54 20.84 -19.52
N ASP A 1449 25.81 19.83 -20.34
CA ASP A 1449 26.48 20.03 -21.63
C ASP A 1449 25.61 20.82 -22.61
N ARG A 1450 24.31 20.61 -22.54
CA ARG A 1450 23.36 21.38 -23.36
C ARG A 1450 23.28 22.84 -22.92
N LEU A 1451 23.53 23.13 -21.63
CA LEU A 1451 23.72 24.52 -21.16
C LEU A 1451 24.99 25.17 -21.73
N SER A 1452 26.11 24.46 -21.67
CA SER A 1452 27.39 24.97 -22.14
C SER A 1452 27.44 25.14 -23.67
N SER A 1453 26.63 24.38 -24.41
CA SER A 1453 26.57 24.51 -25.85
C SER A 1453 26.02 25.88 -26.22
N PRO A 1454 26.59 26.53 -27.26
CA PRO A 1454 26.02 27.81 -27.69
C PRO A 1454 24.62 27.57 -28.24
N GLY A 1455 23.64 28.31 -27.73
CA GLY A 1455 22.23 28.16 -28.09
C GLY A 1455 21.65 26.76 -28.00
N GLY A 1456 22.21 25.93 -27.11
CA GLY A 1456 21.86 24.51 -27.01
C GLY A 1456 20.46 24.30 -26.46
N MET A 1457 20.11 25.07 -25.43
CA MET A 1457 18.76 25.05 -24.86
C MET A 1457 17.70 25.65 -25.78
N VAL A 1458 18.07 26.71 -26.50
CA VAL A 1458 17.13 27.41 -27.37
C VAL A 1458 16.64 26.49 -28.50
N GLU A 1459 17.53 25.61 -28.97
CA GLU A 1459 17.19 24.53 -29.90
C GLU A 1459 16.18 23.56 -29.26
N LEU A 1460 16.42 23.17 -28.02
CA LEU A 1460 15.53 22.24 -27.29
C LEU A 1460 14.17 22.84 -26.99
N PHE A 1461 14.13 24.09 -26.54
CA PHE A 1461 12.85 24.78 -26.29
C PHE A 1461 12.02 24.83 -27.57
N THR A 1462 12.67 25.17 -28.69
CA THR A 1462 12.00 25.25 -29.99
C THR A 1462 11.57 23.89 -30.53
N TYR A 1463 12.29 22.83 -30.16
CA TYR A 1463 11.85 21.46 -30.45
C TYR A 1463 10.53 21.12 -29.73
N LEU A 1464 10.42 21.55 -28.49
CA LEU A 1464 9.26 21.23 -27.65
C LEU A 1464 8.04 22.11 -27.88
N LEU A 1465 8.22 23.25 -28.57
CA LEU A 1465 7.09 24.05 -29.03
C LEU A 1465 6.49 23.47 -30.31
N GLU A 1466 7.34 22.90 -31.16
CA GLU A 1466 6.89 22.17 -32.36
C GLU A 1466 6.29 20.81 -32.04
N LYS A 1467 6.65 20.24 -30.90
CA LYS A 1467 5.99 19.05 -30.35
C LYS A 1467 5.54 19.38 -28.93
N PRO A 1468 4.45 20.15 -28.79
CA PRO A 1468 3.92 20.51 -27.46
C PRO A 1468 3.26 19.34 -26.71
N GLU A 1469 3.05 18.22 -27.39
CA GLU A 1469 2.71 16.93 -26.75
C GLU A 1469 3.68 16.54 -25.60
N LEU A 1470 4.97 16.78 -25.78
CA LEU A 1470 6.01 16.37 -24.82
C LEU A 1470 6.05 17.20 -23.53
N LEU A 1471 5.43 18.37 -23.53
CA LEU A 1471 5.30 19.18 -22.32
C LEU A 1471 4.39 18.57 -21.26
N VAL A 1472 3.53 17.61 -21.65
CA VAL A 1472 2.69 16.88 -20.68
C VAL A 1472 2.57 15.35 -20.91
N THR A 1473 3.44 14.78 -21.75
CA THR A 1473 3.58 13.31 -21.88
C THR A 1473 5.04 12.94 -22.16
N LYS A 1474 5.33 11.63 -22.10
CA LYS A 1474 6.69 11.11 -22.35
C LYS A 1474 6.90 10.66 -23.80
N GLY A 1475 5.83 10.25 -24.48
CA GLY A 1475 5.90 9.94 -25.91
C GLY A 1475 6.56 8.60 -26.22
N GLU A 1476 6.10 7.98 -27.31
CA GLU A 1476 6.48 6.62 -27.66
C GLU A 1476 7.90 6.53 -28.23
N ASP A 1477 8.38 7.62 -28.79
CA ASP A 1477 9.68 7.67 -29.45
C ASP A 1477 10.83 7.64 -28.43
N MET A 1478 12.00 7.18 -28.86
CA MET A 1478 13.22 7.21 -28.05
C MET A 1478 13.74 8.65 -27.86
N LYS A 1479 13.89 9.35 -28.98
CA LYS A 1479 14.32 10.75 -29.04
C LYS A 1479 13.41 11.64 -28.19
N ASP A 1480 12.10 11.47 -28.37
CA ASP A 1480 11.09 12.20 -27.60
C ASP A 1480 11.19 11.99 -26.09
N TYR A 1481 11.58 10.79 -25.66
CA TYR A 1481 11.80 10.54 -24.23
C TYR A 1481 13.03 11.29 -23.75
N MET A 1482 14.13 11.15 -24.48
CA MET A 1482 15.41 11.73 -24.06
C MET A 1482 15.38 13.25 -24.01
N GLU A 1483 14.75 13.89 -25.01
CA GLU A 1483 14.62 15.35 -25.03
C GLU A 1483 13.71 15.87 -23.92
N SER A 1484 12.59 15.19 -23.67
CA SER A 1484 11.66 15.61 -22.61
C SER A 1484 12.27 15.46 -21.20
N VAL A 1485 13.16 14.48 -21.04
CA VAL A 1485 13.95 14.34 -19.81
C VAL A 1485 14.87 15.54 -19.60
N ILE A 1486 15.68 15.87 -20.61
CA ILE A 1486 16.66 16.97 -20.49
C ILE A 1486 15.95 18.30 -20.21
N PHE A 1487 14.79 18.48 -20.83
CA PHE A 1487 13.95 19.65 -20.59
C PHE A 1487 13.44 19.78 -19.16
N ARG A 1488 13.09 18.67 -18.52
CA ARG A 1488 12.61 18.72 -17.13
C ARG A 1488 13.64 19.27 -16.15
N TYR A 1489 14.93 19.02 -16.40
CA TYR A 1489 16.00 19.59 -15.56
C TYR A 1489 16.03 21.14 -15.54
N ASN A 1490 15.41 21.75 -16.54
CA ASN A 1490 15.16 23.19 -16.52
C ASN A 1490 14.28 23.65 -15.35
N SER A 1491 13.44 22.78 -14.82
CA SER A 1491 12.58 23.09 -13.67
C SER A 1491 13.32 22.96 -12.35
N LYS A 1492 13.13 23.94 -11.47
CA LYS A 1492 13.73 23.92 -10.14
C LYS A 1492 13.03 22.90 -9.23
N ARG A 1493 11.69 22.87 -9.26
CA ARG A 1493 10.90 21.94 -8.45
C ARG A 1493 11.18 20.47 -8.75
N PHE A 1494 11.42 20.15 -10.02
CA PHE A 1494 11.83 18.81 -10.44
C PHE A 1494 13.22 18.44 -9.91
N LYS A 1495 14.17 19.38 -9.90
CA LYS A 1495 15.54 19.09 -9.44
C LYS A 1495 15.59 18.81 -7.94
N GLU A 1496 14.82 19.56 -7.16
CA GLU A 1496 14.71 19.33 -5.71
C GLU A 1496 13.97 18.02 -5.36
N SER A 1497 13.15 17.50 -6.26
CA SER A 1497 12.52 16.17 -6.12
C SER A 1497 13.51 15.01 -6.13
N LEU A 1498 14.62 15.16 -6.87
CA LEU A 1498 15.60 14.09 -7.05
C LEU A 1498 16.61 14.00 -5.90
N SER A 1499 16.89 15.15 -5.26
CA SER A 1499 17.62 15.17 -4.00
C SER A 1499 16.73 14.60 -2.89
N ILE A 1500 17.32 13.80 -2.00
CA ILE A 1500 16.54 13.05 -1.00
C ILE A 1500 15.84 14.04 -0.07
N GLN A 1501 14.51 13.93 0.03
CA GLN A 1501 13.72 14.84 0.85
C GLN A 1501 13.92 14.57 2.34
N ASN A 1502 13.74 15.63 3.14
CA ASN A 1502 13.88 15.56 4.59
C ASN A 1502 12.77 16.36 5.29
N PRO A 1503 11.67 15.68 5.70
CA PRO A 1503 10.46 16.39 6.12
C PRO A 1503 10.59 17.28 7.35
N ALA A 1504 11.44 16.92 8.31
CA ALA A 1504 11.66 17.75 9.51
C ALA A 1504 12.35 19.07 9.19
N GLN A 1505 13.31 19.04 8.25
CA GLN A 1505 13.93 20.27 7.73
C GLN A 1505 12.96 21.06 6.88
N LEU A 1506 12.26 20.36 6.00
CA LEU A 1506 11.25 21.00 5.17
C LEU A 1506 10.18 21.65 6.03
N PHE A 1507 9.88 21.03 7.17
CA PHE A 1507 8.95 21.59 8.16
C PHE A 1507 9.50 22.88 8.79
N ILE A 1508 10.72 22.79 9.31
CA ILE A 1508 11.27 23.88 10.11
C ILE A 1508 11.68 25.09 9.26
N GLU A 1509 12.18 24.83 8.06
CA GLU A 1509 12.45 25.88 7.08
C GLU A 1509 11.18 26.64 6.72
N GLN A 1510 10.07 25.93 6.66
CA GLN A 1510 8.81 26.53 6.28
C GLN A 1510 8.26 27.46 7.37
N ILE A 1511 8.52 27.11 8.63
CA ILE A 1511 8.23 27.98 9.77
C ILE A 1511 9.11 29.24 9.72
N LEU A 1512 10.43 29.05 9.67
CA LEU A 1512 11.39 30.17 9.73
C LEU A 1512 11.23 31.25 8.64
N PHE A 1513 10.80 30.86 7.44
CA PHE A 1513 10.67 31.80 6.33
C PHE A 1513 9.22 32.31 6.15
N SER A 1514 8.38 32.18 7.18
CA SER A 1514 6.99 32.66 7.12
C SER A 1514 6.83 34.18 7.23
N HIS A 1515 7.86 34.87 7.71
CA HIS A 1515 7.90 36.34 7.76
C HIS A 1515 8.75 36.96 6.63
N LYS A 1516 9.49 36.12 5.91
CA LYS A 1516 10.26 36.56 4.72
C LYS A 1516 9.34 36.72 3.50
N PRO A 1517 9.81 37.40 2.44
CA PRO A 1517 9.02 37.51 1.22
C PRO A 1517 9.24 36.30 0.29
N VAL A 1518 8.37 35.29 0.43
CA VAL A 1518 8.50 34.00 -0.29
C VAL A 1518 7.43 33.77 -1.40
N ILE A 1519 6.46 34.67 -1.49
CA ILE A 1519 5.41 34.59 -2.51
C ILE A 1519 5.81 35.43 -3.72
N ASP A 1520 5.80 34.82 -4.90
CA ASP A 1520 6.00 35.53 -6.15
C ASP A 1520 4.64 36.04 -6.64
N PHE A 1521 4.36 37.32 -6.41
CA PHE A 1521 3.04 37.91 -6.73
C PHE A 1521 2.85 38.24 -8.21
N SER A 1522 3.92 38.30 -8.99
CA SER A 1522 3.82 38.46 -10.44
C SER A 1522 3.21 37.22 -11.09
N GLY A 1523 3.67 36.03 -10.69
CA GLY A 1523 3.09 34.76 -11.13
C GLY A 1523 1.63 34.56 -10.73
N ILE A 1524 1.24 35.16 -9.61
CA ILE A 1524 -0.16 35.22 -9.19
C ILE A 1524 -0.94 36.26 -9.98
N ARG A 1525 -0.36 37.45 -10.16
CA ARG A 1525 -1.02 38.58 -10.82
C ARG A 1525 -1.11 38.42 -12.34
N ASP A 1526 -0.06 37.90 -12.98
CA ASP A 1526 0.01 37.85 -14.46
C ASP A 1526 -1.09 37.03 -15.16
N LYS A 1527 -1.91 36.34 -14.36
CA LYS A 1527 -3.18 35.77 -14.83
C LYS A 1527 -4.32 36.80 -15.07
N TYR A 1528 -4.04 38.10 -14.91
CA TYR A 1528 -5.00 39.16 -15.27
C TYR A 1528 -4.33 40.53 -15.54
N ILE A 1529 -3.27 40.53 -16.36
CA ILE A 1529 -2.62 41.76 -16.84
C ILE A 1529 -3.09 42.03 -18.28
N ASN A 1530 -3.81 43.15 -18.48
CA ASN A 1530 -4.27 43.55 -19.81
C ASN A 1530 -4.43 45.07 -19.93
N GLY A 1545 9.56 42.45 -7.66
CA GLY A 1545 10.21 41.36 -6.94
C GLY A 1545 9.25 40.51 -6.14
N LYS A 1546 9.77 39.87 -5.09
CA LYS A 1546 8.98 38.98 -4.21
C LYS A 1546 8.19 39.76 -3.15
N VAL A 1547 7.27 39.05 -2.48
CA VAL A 1547 6.31 39.65 -1.53
C VAL A 1547 6.05 38.69 -0.34
N THR A 1548 5.74 39.23 0.83
CA THR A 1548 5.40 38.40 2.02
C THR A 1548 3.95 37.93 1.98
N PHE A 1549 3.65 36.91 2.77
CA PHE A 1549 2.28 36.41 2.95
C PHE A 1549 1.30 37.56 3.18
N THR A 1550 1.50 38.34 4.25
CA THR A 1550 0.56 39.41 4.62
C THR A 1550 0.48 40.50 3.57
N GLU A 1551 1.59 40.81 2.91
CA GLU A 1551 1.58 41.76 1.79
C GLU A 1551 0.78 41.20 0.61
N ALA A 1552 0.90 39.90 0.36
CA ALA A 1552 0.09 39.24 -0.68
C ALA A 1552 -1.41 39.31 -0.38
N TYR A 1553 -1.79 39.45 0.90
CA TYR A 1553 -3.20 39.71 1.25
C TYR A 1553 -3.65 41.13 0.86
N ARG A 1554 -2.78 42.13 1.07
CA ARG A 1554 -3.08 43.51 0.68
C ARG A 1554 -3.15 43.66 -0.84
N LEU A 1555 -2.14 43.14 -1.53
CA LEU A 1555 -2.04 43.27 -2.99
C LEU A 1555 -3.15 42.53 -3.74
N LEU A 1556 -3.64 41.43 -3.17
CA LEU A 1556 -4.71 40.65 -3.78
C LEU A 1556 -6.07 41.35 -3.64
N MET A 1557 -6.31 41.96 -2.50
CA MET A 1557 -7.54 42.75 -2.29
C MET A 1557 -7.65 43.96 -3.23
N ARG A 1558 -6.55 44.70 -3.37
CA ARG A 1558 -6.51 45.86 -4.28
C ARG A 1558 -6.67 45.48 -5.76
N ASP A 1559 -6.18 44.30 -6.17
CA ASP A 1559 -6.45 43.78 -7.51
C ASP A 1559 -7.94 43.54 -7.72
N LEU A 1560 -8.61 43.06 -6.67
CA LEU A 1560 -10.05 42.86 -6.71
C LEU A 1560 -10.86 44.17 -6.73
N SER A 1561 -10.30 45.27 -6.24
CA SER A 1561 -10.91 46.59 -6.43
C SER A 1561 -10.80 47.12 -7.88
N SER A 1562 -9.82 46.63 -8.65
CA SER A 1562 -9.71 46.93 -10.09
C SER A 1562 -10.49 45.96 -11.00
N LEU A 1563 -11.28 45.06 -10.40
CA LEU A 1563 -12.09 44.07 -11.13
C LEU A 1563 -13.55 44.13 -10.67
N GLU A 1564 -14.47 43.76 -11.57
CA GLU A 1564 -15.86 43.52 -11.20
C GLU A 1564 -16.30 42.20 -11.83
N LEU A 1565 -17.42 41.69 -11.34
CA LEU A 1565 -18.02 40.48 -11.89
C LEU A 1565 -19.42 40.81 -12.43
N THR A 1566 -19.61 40.52 -13.72
CA THR A 1566 -20.93 40.61 -14.35
C THR A 1566 -21.62 39.26 -14.15
N ASN A 1567 -22.88 39.18 -14.58
CA ASN A 1567 -23.64 37.93 -14.49
C ASN A 1567 -23.05 36.81 -15.35
N ASP A 1568 -22.28 37.14 -16.39
CA ASP A 1568 -21.55 36.15 -17.19
C ASP A 1568 -20.37 35.51 -16.43
N ASP A 1569 -19.69 36.28 -15.59
CA ASP A 1569 -18.58 35.74 -14.78
C ASP A 1569 -19.06 34.61 -13.86
N ILE A 1570 -20.22 34.82 -13.24
CA ILE A 1570 -20.78 33.83 -12.31
C ILE A 1570 -21.16 32.57 -13.08
N GLN A 1571 -21.86 32.72 -14.21
CA GLN A 1571 -22.17 31.61 -15.13
C GLN A 1571 -20.92 30.79 -15.50
N VAL A 1572 -19.81 31.48 -15.79
CA VAL A 1572 -18.55 30.84 -16.15
C VAL A 1572 -17.96 30.03 -14.98
N ILE A 1573 -18.11 30.51 -13.75
CA ILE A 1573 -17.67 29.79 -12.55
C ILE A 1573 -18.44 28.48 -12.41
N TYR A 1574 -19.77 28.60 -12.37
CA TYR A 1574 -20.64 27.43 -12.28
C TYR A 1574 -20.43 26.41 -13.41
N SER A 1575 -20.13 26.89 -14.61
CA SER A 1575 -19.86 26.01 -15.75
C SER A 1575 -18.62 25.15 -15.56
N TYR A 1576 -17.52 25.77 -15.12
CA TYR A 1576 -16.23 25.07 -14.98
C TYR A 1576 -16.22 24.12 -13.78
N ILE A 1577 -16.74 24.57 -12.63
CA ILE A 1577 -16.69 23.79 -11.38
C ILE A 1577 -17.83 22.77 -11.26
N ILE A 1578 -19.06 23.16 -11.60
CA ILE A 1578 -20.23 22.28 -11.48
C ILE A 1578 -20.53 21.56 -12.79
N LEU A 1579 -20.98 22.30 -13.81
CA LEU A 1579 -21.59 21.70 -15.00
C LEU A 1579 -20.66 20.79 -15.82
N ASN A 1580 -19.35 21.08 -15.84
CA ASN A 1580 -18.36 20.26 -16.57
C ASN A 1580 -17.72 19.19 -15.69
N ASP A 1581 -18.56 18.47 -14.95
CA ASP A 1581 -18.13 17.41 -14.03
C ASP A 1581 -19.38 16.63 -13.61
N PRO A 1582 -19.54 15.39 -14.10
CA PRO A 1582 -20.72 14.60 -13.72
C PRO A 1582 -20.90 14.42 -12.22
N MET A 1583 -19.80 14.15 -11.51
CA MET A 1583 -19.85 13.95 -10.05
C MET A 1583 -20.30 15.19 -9.28
N MET A 1584 -19.90 16.37 -9.73
CA MET A 1584 -20.25 17.61 -9.03
C MET A 1584 -21.73 17.95 -9.19
N ILE A 1585 -22.27 17.74 -10.39
CA ILE A 1585 -23.72 17.88 -10.63
C ILE A 1585 -24.51 16.96 -9.71
N THR A 1586 -24.05 15.71 -9.59
CA THR A 1586 -24.64 14.72 -8.68
C THR A 1586 -24.61 15.18 -7.22
N ILE A 1587 -23.42 15.47 -6.71
CA ILE A 1587 -23.24 15.89 -5.32
C ILE A 1587 -24.09 17.13 -5.00
N ALA A 1588 -24.17 18.05 -5.96
CA ALA A 1588 -25.01 19.25 -5.82
C ALA A 1588 -26.49 18.87 -5.75
N ASN A 1589 -26.94 18.06 -6.71
CA ASN A 1589 -28.33 17.60 -6.76
C ASN A 1589 -28.77 16.91 -5.48
N THR A 1590 -27.89 16.10 -4.90
CA THR A 1590 -28.21 15.35 -3.69
C THR A 1590 -28.47 16.27 -2.53
N HIS A 1591 -27.62 17.28 -2.37
CA HIS A 1591 -27.77 18.22 -1.26
C HIS A 1591 -29.01 19.11 -1.38
N ILE A 1592 -29.35 19.54 -2.60
CA ILE A 1592 -30.49 20.42 -2.83
C ILE A 1592 -31.82 19.67 -2.71
N LEU A 1593 -31.91 18.52 -3.38
CA LEU A 1593 -33.17 17.78 -3.51
C LEU A 1593 -33.47 16.79 -2.36
N SER A 1594 -32.50 16.55 -1.48
CA SER A 1594 -32.66 15.56 -0.41
C SER A 1594 -33.73 15.93 0.63
N ILE A 1595 -34.41 14.90 1.12
CA ILE A 1595 -35.30 15.01 2.28
C ILE A 1595 -35.04 13.75 3.13
N TYR A 1596 -35.04 13.93 4.45
CA TYR A 1596 -34.51 12.92 5.36
C TYR A 1596 -35.63 12.16 6.07
N GLY A 1597 -35.49 10.84 6.16
CA GLY A 1597 -36.40 10.01 6.94
C GLY A 1597 -36.08 10.18 8.40
N SER A 1598 -36.83 9.49 9.27
CA SER A 1598 -36.63 9.62 10.72
C SER A 1598 -35.39 8.82 11.12
N PRO A 1599 -34.75 9.18 12.25
CA PRO A 1599 -33.49 8.52 12.64
C PRO A 1599 -33.66 7.06 13.05
N GLN A 1600 -32.59 6.28 12.96
CA GLN A 1600 -32.59 4.88 13.38
C GLN A 1600 -31.19 4.35 13.65
N ARG A 1601 -31.12 3.32 14.50
CA ARG A 1601 -29.84 2.81 14.98
C ARG A 1601 -29.19 1.91 13.94
N ARG A 1602 -27.86 1.95 13.87
CA ARG A 1602 -27.10 1.14 12.94
C ARG A 1602 -27.08 -0.31 13.44
N MET A 1603 -27.61 -1.22 12.63
CA MET A 1603 -27.67 -2.63 13.00
C MET A 1603 -26.95 -3.43 11.95
N GLY A 1604 -25.64 -3.56 12.11
CA GLY A 1604 -24.81 -4.36 11.21
C GLY A 1604 -24.49 -3.63 9.91
N MET A 1605 -23.20 -3.33 9.72
CA MET A 1605 -22.73 -2.62 8.54
C MET A 1605 -22.41 -3.58 7.38
N SER A 1606 -22.39 -3.03 6.17
CA SER A 1606 -22.12 -3.77 4.93
C SER A 1606 -21.14 -3.03 4.02
N CYS A 1607 -20.16 -3.75 3.49
CA CYS A 1607 -19.27 -3.23 2.44
C CYS A 1607 -20.02 -3.01 1.14
N SER A 1608 -19.90 -1.80 0.58
CA SER A 1608 -20.42 -1.48 -0.76
C SER A 1608 -19.35 -0.72 -1.55
N THR A 1609 -19.27 -0.97 -2.85
CA THR A 1609 -18.28 -0.33 -3.72
C THR A 1609 -18.81 1.00 -4.25
N MET A 1610 -17.97 2.03 -4.22
CA MET A 1610 -18.33 3.34 -4.73
C MET A 1610 -18.35 3.29 -6.26
N PRO A 1611 -19.51 3.60 -6.88
CA PRO A 1611 -19.66 3.47 -8.33
C PRO A 1611 -19.04 4.61 -9.14
N GLU A 1612 -18.87 4.38 -10.44
CA GLU A 1612 -18.29 5.36 -11.36
C GLU A 1612 -19.36 6.44 -11.66
N PHE A 1613 -19.04 7.70 -11.33
CA PHE A 1613 -19.93 8.84 -11.60
C PHE A 1613 -19.72 9.47 -12.99
N ARG A 1614 -18.52 9.28 -13.56
CA ARG A 1614 -18.22 9.71 -14.94
C ARG A 1614 -18.88 8.79 -15.98
N ASN A 1615 -18.93 9.26 -17.23
CA ASN A 1615 -19.60 8.54 -18.32
C ASN A 1615 -18.61 8.00 -19.34
N SER A 1622 -5.90 7.50 -26.11
CA SER A 1622 -4.45 7.64 -26.17
C SER A 1622 -4.05 9.14 -26.20
N PRO A 1623 -3.97 9.78 -25.02
CA PRO A 1623 -3.53 11.19 -24.91
C PRO A 1623 -2.20 11.57 -25.58
N ALA A 1624 -1.19 10.69 -25.51
CA ALA A 1624 0.12 10.96 -26.13
C ALA A 1624 0.04 11.11 -27.65
N LEU A 1625 -0.85 10.36 -28.30
CA LEU A 1625 -1.10 10.48 -29.76
C LEU A 1625 -2.06 11.62 -30.10
N VAL A 1626 -3.16 11.72 -29.36
CA VAL A 1626 -4.23 12.69 -29.63
C VAL A 1626 -3.73 14.14 -29.60
N LEU A 1627 -2.84 14.46 -28.66
CA LEU A 1627 -2.26 15.79 -28.57
C LEU A 1627 -1.23 16.06 -29.67
N ARG A 1628 -0.54 15.01 -30.15
CA ARG A 1628 0.28 15.13 -31.36
C ARG A 1628 -0.62 15.36 -32.58
N ALA A 1629 -1.71 14.60 -32.65
CA ALA A 1629 -2.71 14.76 -33.70
C ALA A 1629 -3.45 16.09 -33.65
N TYR A 1630 -3.59 16.68 -32.46
CA TYR A 1630 -4.15 18.02 -32.33
C TYR A 1630 -3.17 19.10 -32.80
N SER A 1631 -1.91 19.00 -32.35
CA SER A 1631 -0.86 19.98 -32.65
C SER A 1631 -0.56 20.16 -34.15
N LYS A 1632 -0.56 19.04 -34.87
CA LYS A 1632 -0.43 19.01 -36.34
C LYS A 1632 -1.68 18.28 -36.84
N ASN A 1633 -2.57 19.00 -37.52
CA ASN A 1633 -3.98 18.57 -37.72
C ASN A 1633 -4.27 17.17 -38.31
N ASN A 1634 -3.26 16.51 -38.90
CA ASN A 1634 -3.39 15.10 -39.32
C ASN A 1634 -3.62 14.14 -38.14
N PRO A 1635 -4.66 13.26 -38.22
CA PRO A 1635 -4.75 12.10 -37.34
C PRO A 1635 -4.19 10.84 -38.02
N ASP A 1636 -3.01 10.98 -38.62
CA ASP A 1636 -2.44 9.99 -39.51
C ASP A 1636 -0.94 9.87 -39.21
N ILE A 1637 -0.64 9.44 -37.99
CA ILE A 1637 0.73 9.30 -37.55
C ILE A 1637 1.20 7.86 -37.56
N GLN A 1638 2.50 7.68 -37.69
CA GLN A 1638 3.11 6.35 -37.72
C GLN A 1638 2.49 5.41 -36.69
N GLY A 1639 1.83 5.97 -35.69
CA GLY A 1639 1.21 5.17 -34.66
C GLY A 1639 -0.30 5.19 -34.70
N ALA A 1640 -0.90 4.20 -34.04
CA ALA A 1640 -2.36 4.07 -33.97
C ALA A 1640 -3.07 5.42 -34.06
N PRO A 1642 -6.38 5.28 -37.33
CA PRO A 1642 -7.74 4.93 -37.74
C PRO A 1642 -8.68 6.15 -37.76
N THR A 1643 -9.95 5.90 -38.04
CA THR A 1643 -11.00 6.94 -38.02
C THR A 1643 -11.30 7.43 -36.60
N GLU A 1644 -11.17 6.56 -35.61
CA GLU A 1644 -11.56 6.89 -34.21
C GLU A 1644 -10.62 7.90 -33.52
N MET A 1645 -9.36 7.97 -33.95
CA MET A 1645 -8.43 9.03 -33.48
C MET A 1645 -8.46 10.29 -34.37
N ALA A 1646 -9.29 10.28 -35.41
CA ALA A 1646 -9.75 11.50 -36.11
C ALA A 1646 -11.07 12.04 -35.51
N ARG A 1647 -11.87 11.15 -34.93
CA ARG A 1647 -13.10 11.53 -34.18
C ARG A 1647 -12.78 12.29 -32.90
N ASP A 1648 -11.76 11.82 -32.18
CA ASP A 1648 -11.28 12.47 -30.94
C ASP A 1648 -10.90 13.94 -31.15
N LEU A 1649 -10.28 14.26 -32.29
CA LEU A 1649 -9.92 15.65 -32.64
C LEU A 1649 -11.12 16.55 -32.81
N VAL A 1650 -12.21 16.01 -33.36
CA VAL A 1650 -13.46 16.75 -33.52
C VAL A 1650 -14.12 16.96 -32.15
N HIS A 1651 -14.07 15.93 -31.29
CA HIS A 1651 -14.56 16.01 -29.90
C HIS A 1651 -13.71 16.94 -29.04
N LEU A 1652 -12.41 16.99 -29.33
CA LEU A 1652 -11.46 17.86 -28.62
C LEU A 1652 -11.70 19.34 -28.96
N LYS A 1653 -11.79 19.64 -30.25
CA LYS A 1653 -11.97 21.02 -30.75
C LYS A 1653 -13.28 21.69 -30.31
N GLU A 1654 -14.25 20.90 -29.82
CA GLU A 1654 -15.40 21.44 -29.09
C GLU A 1654 -14.95 22.24 -27.88
N PHE A 1655 -14.12 21.60 -27.05
CA PHE A 1655 -13.59 22.19 -25.82
C PHE A 1655 -12.68 23.41 -26.07
N VAL A 1656 -11.99 23.43 -27.21
CA VAL A 1656 -11.12 24.55 -27.60
C VAL A 1656 -11.92 25.80 -28.00
N GLU A 1657 -12.96 25.61 -28.81
CA GLU A 1657 -13.79 26.72 -29.31
C GLU A 1657 -14.73 27.30 -28.25
N ASN A 1658 -15.18 26.48 -27.29
CA ASN A 1658 -16.00 26.95 -26.17
C ASN A 1658 -15.27 27.99 -25.32
N THR A 1659 -14.07 27.61 -24.88
CA THR A 1659 -13.27 28.40 -23.93
C THR A 1659 -12.20 29.31 -24.59
N ASN A 1660 -12.16 29.34 -25.93
CA ASN A 1660 -11.28 30.23 -26.72
C ASN A 1660 -9.77 30.05 -26.54
N LEU A 1661 -9.33 28.94 -25.96
CA LEU A 1661 -7.96 28.79 -25.47
C LEU A 1661 -6.84 28.94 -26.51
N GLU A 1662 -7.02 28.34 -27.69
CA GLU A 1662 -6.04 28.48 -28.79
C GLU A 1662 -5.89 29.97 -29.17
N GLU A 1663 -7.02 30.59 -29.50
CA GLU A 1663 -7.05 32.00 -29.92
C GLU A 1663 -6.99 33.02 -28.76
N LYS A 1664 -7.05 32.55 -27.51
CA LYS A 1664 -6.91 33.41 -26.32
C LYS A 1664 -5.45 33.59 -25.88
N MET A 1665 -4.66 32.51 -25.90
CA MET A 1665 -3.25 32.57 -25.51
C MET A 1665 -2.37 33.28 -26.54
N LYS A 1666 -2.82 33.33 -27.79
CA LYS A 1666 -2.14 34.11 -28.83
C LYS A 1666 -2.13 35.61 -28.49
N VAL A 1667 -3.24 36.11 -27.95
CA VAL A 1667 -3.35 37.49 -27.46
C VAL A 1667 -2.45 37.69 -26.23
N ARG A 1668 -2.39 36.65 -25.39
CA ARG A 1668 -1.58 36.64 -24.16
C ARG A 1668 -0.06 36.68 -24.41
N ILE A 1669 0.40 35.94 -25.42
CA ILE A 1669 1.82 35.90 -25.82
C ILE A 1669 2.22 37.19 -26.53
N ALA A 1670 1.45 37.54 -27.58
CA ALA A 1670 1.72 38.73 -28.38
C ALA A 1670 1.79 40.01 -27.53
N MET A 1671 0.86 40.14 -26.58
CA MET A 1671 0.87 41.25 -25.61
C MET A 1671 2.17 41.27 -24.80
N ASN A 1672 2.62 40.11 -24.35
CA ASN A 1672 3.84 40.00 -23.55
C ASN A 1672 5.08 40.44 -24.32
N GLU A 1673 5.29 39.82 -25.48
CA GLU A 1673 6.47 40.11 -26.31
C GLU A 1673 6.46 41.49 -26.98
N ALA A 1674 5.27 42.08 -27.14
CA ALA A 1674 5.15 43.48 -27.54
C ALA A 1674 5.62 44.42 -26.42
N GLU A 1675 5.25 44.11 -25.18
CA GLU A 1675 5.64 44.90 -24.01
C GLU A 1675 7.13 44.71 -23.70
N LYS A 1676 7.58 43.45 -23.71
CA LYS A 1676 9.00 43.13 -23.51
C LYS A 1676 9.90 43.52 -24.69
N GLY A 1677 9.31 43.72 -25.86
CA GLY A 1677 10.04 44.23 -27.04
C GLY A 1677 10.64 43.17 -27.96
N GLN A 1678 10.96 42.00 -27.40
CA GLN A 1678 11.55 40.87 -28.14
C GLN A 1678 10.81 39.58 -27.85
N ARG A 1679 11.07 38.55 -28.66
CA ARG A 1679 10.41 37.24 -28.51
C ARG A 1679 10.79 36.58 -27.18
N ASP A 1680 9.79 36.30 -26.35
CA ASP A 1680 9.97 35.67 -25.03
C ASP A 1680 9.73 34.15 -25.17
N ILE A 1681 10.82 33.40 -25.31
CA ILE A 1681 10.75 31.94 -25.52
C ILE A 1681 10.22 31.17 -24.30
N VAL A 1682 10.61 31.57 -23.09
CA VAL A 1682 10.20 30.84 -21.87
C VAL A 1682 8.72 31.06 -21.54
N PHE A 1683 8.20 32.25 -21.82
CA PHE A 1683 6.79 32.53 -21.63
C PHE A 1683 5.92 31.70 -22.58
N GLU A 1684 6.38 31.54 -23.81
CA GLU A 1684 5.70 30.69 -24.80
C GLU A 1684 5.62 29.22 -24.34
N LEU A 1685 6.71 28.73 -23.72
CA LEU A 1685 6.71 27.38 -23.13
C LEU A 1685 5.71 27.26 -21.99
N LYS A 1686 5.70 28.24 -21.09
CA LYS A 1686 4.81 28.23 -19.92
C LYS A 1686 3.34 28.32 -20.31
N GLU A 1687 3.01 29.18 -21.28
CA GLU A 1687 1.64 29.31 -21.77
C GLU A 1687 1.17 28.08 -22.57
N MET A 1688 2.06 27.53 -23.39
CA MET A 1688 1.77 26.28 -24.12
C MET A 1688 1.57 25.10 -23.17
N THR A 1689 2.40 25.01 -22.13
CA THR A 1689 2.24 24.01 -21.08
C THR A 1689 0.83 24.07 -20.50
N ARG A 1690 0.46 25.20 -19.86
CA ARG A 1690 -0.87 25.36 -19.28
C ARG A 1690 -2.03 25.29 -20.27
N PHE A 1691 -1.76 25.53 -21.55
CA PHE A 1691 -2.74 25.26 -22.61
C PHE A 1691 -2.89 23.74 -22.83
N TYR A 1692 -1.78 23.06 -23.11
CA TYR A 1692 -1.80 21.61 -23.38
C TYR A 1692 -2.02 20.74 -22.13
N GLN A 1693 -1.79 21.31 -20.95
CA GLN A 1693 -2.08 20.62 -19.67
C GLN A 1693 -3.58 20.62 -19.38
N VAL A 1694 -4.28 21.69 -19.79
CA VAL A 1694 -5.75 21.74 -19.82
C VAL A 1694 -6.32 20.76 -20.84
N CYS A 1695 -5.66 20.61 -21.99
CA CYS A 1695 -6.01 19.58 -22.99
C CYS A 1695 -5.75 18.15 -22.48
N TYR A 1696 -4.66 17.95 -21.74
CA TYR A 1696 -4.32 16.62 -21.16
C TYR A 1696 -5.32 16.15 -20.10
N GLU A 1697 -5.85 17.09 -19.32
CA GLU A 1697 -6.82 16.79 -18.25
C GLU A 1697 -8.30 16.75 -18.75
N TYR A 1698 -8.49 16.79 -20.07
CA TYR A 1698 -9.76 16.45 -20.70
C TYR A 1698 -9.66 15.11 -21.44
N VAL A 1699 -8.59 14.90 -22.21
CA VAL A 1699 -8.36 13.67 -22.99
C VAL A 1699 -7.66 12.60 -22.14
N LYS A 1700 -8.37 12.14 -21.11
CA LYS A 1700 -7.84 11.17 -20.15
C LYS A 1700 -8.99 10.75 -19.24
N SER A 1701 -9.40 9.48 -19.31
CA SER A 1701 -10.49 8.97 -18.48
C SER A 1701 -10.00 8.69 -17.06
N THR A 1702 -10.88 8.95 -16.08
CA THR A 1702 -10.62 8.63 -14.69
C THR A 1702 -10.66 7.11 -14.53
N GLU A 1703 -9.50 6.46 -14.69
CA GLU A 1703 -9.36 5.01 -14.53
C GLU A 1703 -9.93 4.56 -13.18
N HIS A 1704 -11.07 3.88 -13.21
CA HIS A 1704 -11.90 3.64 -12.01
C HIS A 1704 -11.21 2.75 -10.97
N LYS A 1705 -10.84 3.35 -9.84
CA LYS A 1705 -10.32 2.60 -8.69
C LYS A 1705 -11.46 2.06 -7.82
N ILE A 1706 -11.21 0.91 -7.21
CA ILE A 1706 -12.18 0.24 -6.36
C ILE A 1706 -12.04 0.77 -4.94
N LYS A 1707 -13.03 1.51 -4.47
CA LYS A 1707 -13.05 2.04 -3.10
C LYS A 1707 -14.25 1.43 -2.40
N VAL A 1708 -14.00 0.74 -1.29
CA VAL A 1708 -15.04 0.05 -0.55
C VAL A 1708 -15.35 0.82 0.72
N PHE A 1709 -16.64 1.06 0.95
CA PHE A 1709 -17.14 1.82 2.08
C PHE A 1709 -18.00 0.95 3.00
N ILE A 1710 -17.70 0.97 4.29
CA ILE A 1710 -18.54 0.32 5.30
C ILE A 1710 -19.74 1.24 5.57
N LEU A 1711 -20.94 0.77 5.24
CA LEU A 1711 -22.18 1.58 5.29
C LEU A 1711 -23.27 0.82 6.07
N PRO A 1712 -24.34 1.52 6.54
CA PRO A 1712 -25.39 0.87 7.36
C PRO A 1712 -26.47 0.10 6.60
N ALA A 1713 -26.41 0.10 5.27
CA ALA A 1713 -27.19 -0.80 4.42
C ALA A 1713 -26.42 -1.03 3.13
N LYS A 1714 -26.97 -1.86 2.24
CA LYS A 1714 -26.23 -2.31 1.06
C LYS A 1714 -26.60 -1.42 -0.12
N SER A 1715 -25.60 -0.92 -0.84
CA SER A 1715 -25.81 -0.09 -2.02
C SER A 1715 -25.89 -0.98 -3.26
N TYR A 1716 -26.86 -0.70 -4.13
CA TYR A 1716 -26.95 -1.31 -5.46
C TYR A 1716 -26.69 -0.25 -6.51
N THR A 1717 -27.58 0.74 -6.60
CA THR A 1717 -27.49 1.81 -7.60
C THR A 1717 -26.49 2.89 -7.21
N THR A 1718 -26.29 3.85 -8.12
CA THR A 1718 -25.46 5.03 -7.85
C THR A 1718 -26.14 5.98 -6.86
N THR A 1719 -27.47 6.10 -6.97
CA THR A 1719 -28.27 6.91 -6.05
C THR A 1719 -28.25 6.37 -4.62
N ASP A 1720 -28.22 5.04 -4.49
CA ASP A 1720 -28.08 4.36 -3.18
C ASP A 1720 -26.83 4.79 -2.40
N PHE A 1721 -25.68 4.81 -3.09
CA PHE A 1721 -24.41 5.19 -2.47
C PHE A 1721 -24.46 6.63 -1.94
N CYS A 1722 -25.01 7.54 -2.73
CA CYS A 1722 -25.12 8.95 -2.34
C CYS A 1722 -26.04 9.14 -1.13
N SER A 1723 -27.23 8.56 -1.22
CA SER A 1723 -28.19 8.63 -0.12
C SER A 1723 -27.66 7.99 1.18
N LEU A 1724 -27.00 6.84 1.05
CA LEU A 1724 -26.37 6.18 2.20
C LEU A 1724 -25.30 7.04 2.84
N MET A 1725 -24.38 7.54 2.01
CA MET A 1725 -23.32 8.43 2.47
C MET A 1725 -23.87 9.68 3.15
N GLN A 1726 -24.86 10.30 2.51
CA GLN A 1726 -25.45 11.53 3.02
C GLN A 1726 -26.09 11.32 4.38
N GLY A 1727 -26.86 10.24 4.50
CA GLY A 1727 -27.48 9.84 5.76
C GLY A 1727 -26.57 9.23 6.82
N ASN A 1728 -25.48 8.60 6.43
CA ASN A 1728 -24.58 7.97 7.39
C ASN A 1728 -23.75 8.96 8.20
N LEU A 1729 -23.23 10.02 7.56
CA LEU A 1729 -22.14 10.82 8.12
C LEU A 1729 -22.57 12.13 8.80
N ILE A 1730 -23.69 12.10 9.53
CA ILE A 1730 -24.19 13.31 10.23
C ILE A 1730 -24.35 13.17 11.73
N LYS A 1731 -24.63 11.97 12.23
CA LYS A 1731 -24.56 11.71 13.68
C LYS A 1731 -23.98 10.34 14.01
N ASP A 1732 -23.23 10.26 15.11
CA ASP A 1732 -22.73 9.01 15.64
C ASP A 1732 -23.89 8.20 16.23
N LYS A 1733 -24.81 8.90 16.87
CA LYS A 1733 -25.97 8.29 17.54
C LYS A 1733 -26.78 7.37 16.61
N GLU A 1734 -26.96 7.77 15.35
CA GLU A 1734 -27.96 7.18 14.46
C GLU A 1734 -27.74 7.58 12.99
N TRP A 1735 -28.39 6.83 12.08
CA TRP A 1735 -28.35 7.16 10.65
C TRP A 1735 -29.75 7.40 10.10
N TYR A 1736 -29.82 8.15 9.00
CA TYR A 1736 -31.07 8.59 8.41
C TYR A 1736 -31.16 8.05 7.00
N THR A 1737 -32.30 7.50 6.63
CA THR A 1737 -32.57 7.20 5.22
C THR A 1737 -32.77 8.52 4.46
N VAL A 1738 -32.34 8.58 3.19
CA VAL A 1738 -32.38 9.82 2.40
C VAL A 1738 -33.03 9.58 1.02
N HIS A 1739 -33.94 10.47 0.65
CA HIS A 1739 -34.72 10.36 -0.58
C HIS A 1739 -34.61 11.65 -1.37
N TYR A 1740 -35.02 11.61 -2.63
CA TYR A 1740 -34.89 12.76 -3.53
C TYR A 1740 -36.18 13.03 -4.29
N LEU A 1741 -36.50 14.31 -4.46
CA LEU A 1741 -37.76 14.75 -5.07
C LEU A 1741 -37.72 14.81 -6.61
N LYS A 1742 -36.52 14.85 -7.19
CA LYS A 1742 -36.34 14.74 -8.64
C LYS A 1742 -35.14 13.82 -8.92
N GLN A 1743 -34.73 13.68 -10.19
CA GLN A 1743 -33.64 12.77 -10.57
C GLN A 1743 -32.26 13.24 -10.09
N ILE A 1744 -31.38 12.27 -9.83
CA ILE A 1744 -30.00 12.50 -9.39
C ILE A 1744 -29.06 11.85 -10.41
N LEU A 1745 -28.64 12.62 -11.43
CA LEU A 1745 -27.72 12.13 -12.47
C LEU A 1745 -26.31 12.65 -12.26
#